data_2Q9Q
#
_entry.id   2Q9Q
#
_cell.length_a   58.269
_cell.length_b   89.096
_cell.length_c   103.800
_cell.angle_alpha   105.02
_cell.angle_beta   103.58
_cell.angle_gamma   95.07
#
_symmetry.space_group_name_H-M   'P 1'
#
loop_
_entity.id
_entity.type
_entity.pdbx_description
1 polymer 'DNA replication complex GINS protein PSF2'
2 polymer 'GINS complex subunit 4'
3 polymer 'DNA replication complex GINS protein PSF1'
4 polymer 'GINS complex subunit 3'
5 water water
#
loop_
_entity_poly.entity_id
_entity_poly.type
_entity_poly.pdbx_seq_one_letter_code
_entity_poly.pdbx_strand_id
1 'polypeptide(L)'
;GPLGSNMDAAEVEFLAEKELVTIIPNFSLDKIYLIGGDLGPFNPGLPVEVPLWLAINLKQRQKCRLLPPEWMDVEKLEKM
RDHERKEETFTPMPSPYYMELTKLLLNHASDNIPKADEIRTLVKDMWDTRIAKLRVSADSFVRQQEAHAKLDNLTLMEIN
TSGTFLTQALNHMYKLRTNLQPLESTQSQDF
;
A,E
2 'polypeptide(L)'
;MTEEVDFLGQDSDGGSEEVVLTPAELIERLEQAWMNEKFAPELLESKPEIVECVMEQLEHMEENLRRAKREDLKVSIHQM
EMERIRYVLSSYLRCRLMKIEKFFPHVLEKEKTRPEGEPSSLSPEELAFAREFMANTESYLKNVALKHMPPNLQKVDLFR
AVPKPDLDSYVFLRVRERQENILVEPDTDEQRDYVIDLEKGSQHLIRYKTIAPLVASGAVQLI
;
B,F
3 'polypeptide(L)'
;MFCEKAMELIRELHRAPEGQLPAFNEDGLRQVLEEMKALYEQNQSDVNEAKSGGRSDLIPTIKFRHCSLLRNRRCTVAYL
YDRLLRIRALRWEYGSILPNALRFHMAAEEMEWFNNYKRSLATYMRSLGGDEGLDITQDMKPPKSLYIEVRCLKDYGEFE
VDDGTSVLLKKNSQHFLPRWKCEQLIRQGVLEHILS
;
C,G
4 'polypeptide(L)'
;GPGGGSEAYFRVESGALGPEENFLSLDDILMSHEKLPVRTETAMPRLGAFFLERSAGAETDNAVPQGSKLELPLWLAKGL
FDNKRRILSVELPKIYQEGWRTVFSADPNVVDLHKMGPHFYGFGSQLLHFDSPENADISQSLLQTFIGRFRRIMDSSQNA
YNEDTSALVARLDEMERGLFQTGQKGLNDFQCWEKGQASQITASNLVQNYKKRKFTDMED
;
D,H
#
# COMPACT_ATOMS: atom_id res chain seq x y z
N MET A 7 -20.45 0.84 -16.53
CA MET A 7 -21.82 1.20 -16.03
C MET A 7 -22.10 2.69 -16.09
N ASP A 8 -23.26 3.06 -16.63
CA ASP A 8 -23.62 4.47 -16.71
C ASP A 8 -24.73 4.77 -15.70
N ALA A 9 -25.02 6.06 -15.50
CA ALA A 9 -26.04 6.45 -14.54
C ALA A 9 -27.42 5.85 -14.81
N ALA A 10 -27.72 5.55 -16.08
CA ALA A 10 -29.02 4.98 -16.42
C ALA A 10 -29.17 3.57 -15.85
N GLU A 11 -28.06 2.87 -15.74
CA GLU A 11 -28.06 1.50 -15.21
C GLU A 11 -28.13 1.50 -13.71
N VAL A 12 -27.64 2.57 -13.10
CA VAL A 12 -27.67 2.68 -11.64
C VAL A 12 -29.14 2.85 -11.28
N GLU A 13 -29.83 3.70 -12.02
CA GLU A 13 -31.24 3.96 -11.82
C GLU A 13 -32.04 2.67 -12.07
N PHE A 14 -31.57 1.86 -13.02
CA PHE A 14 -32.22 0.60 -13.36
C PHE A 14 -32.29 -0.29 -12.11
N LEU A 15 -31.21 -0.32 -11.33
CA LEU A 15 -31.19 -1.11 -10.12
C LEU A 15 -32.03 -0.45 -9.02
N ALA A 16 -32.06 0.89 -9.02
CA ALA A 16 -32.84 1.63 -8.04
C ALA A 16 -34.33 1.32 -8.20
N GLU A 17 -34.75 1.19 -9.46
CA GLU A 17 -36.14 0.90 -9.81
C GLU A 17 -36.67 -0.40 -9.22
N LYS A 18 -35.77 -1.21 -8.66
CA LYS A 18 -36.18 -2.48 -8.05
C LYS A 18 -36.70 -2.20 -6.65
N GLU A 19 -36.20 -1.14 -6.04
CA GLU A 19 -36.60 -0.75 -4.68
C GLU A 19 -38.11 -0.68 -4.54
N LEU A 20 -38.61 -1.16 -3.40
CA LEU A 20 -40.04 -1.13 -3.14
C LEU A 20 -40.52 0.21 -2.65
N VAL A 21 -41.71 0.59 -3.10
CA VAL A 21 -42.35 1.83 -2.69
C VAL A 21 -43.82 1.50 -2.44
N THR A 22 -44.54 2.40 -1.79
CA THR A 22 -45.94 2.15 -1.51
C THR A 22 -46.88 2.99 -2.35
N ILE A 23 -47.81 2.31 -3.03
CA ILE A 23 -48.78 3.01 -3.86
C ILE A 23 -50.20 2.80 -3.35
N ILE A 24 -51.11 3.64 -3.81
CA ILE A 24 -52.53 3.56 -3.46
C ILE A 24 -53.29 3.35 -4.79
N PRO A 25 -53.58 2.10 -5.14
CA PRO A 25 -54.30 1.77 -6.38
C PRO A 25 -55.69 2.37 -6.41
N ASN A 26 -56.16 2.70 -7.61
CA ASN A 26 -57.49 3.26 -7.78
C ASN A 26 -58.26 2.25 -8.64
N PHE A 27 -57.76 1.02 -8.65
CA PHE A 27 -58.35 -0.05 -9.44
C PHE A 27 -58.19 -1.37 -8.68
N SER A 28 -58.85 -2.40 -9.17
CA SER A 28 -58.75 -3.72 -8.54
C SER A 28 -58.04 -4.67 -9.48
N LEU A 29 -57.32 -5.64 -8.92
CA LEU A 29 -56.61 -6.61 -9.72
C LEU A 29 -55.98 -7.69 -8.85
N ASP A 30 -56.09 -8.95 -9.30
CA ASP A 30 -55.55 -10.10 -8.58
C ASP A 30 -54.03 -10.02 -8.58
N LYS A 31 -53.40 -10.58 -7.56
CA LYS A 31 -51.95 -10.53 -7.49
C LYS A 31 -51.35 -11.09 -8.77
N ILE A 32 -50.32 -10.42 -9.26
CA ILE A 32 -49.62 -10.82 -10.48
C ILE A 32 -48.43 -11.69 -10.09
N TYR A 33 -48.05 -12.61 -10.96
CA TYR A 33 -46.92 -13.48 -10.67
C TYR A 33 -45.72 -13.22 -11.58
N LEU A 34 -44.95 -12.19 -11.27
CA LEU A 34 -43.77 -11.83 -12.04
C LEU A 34 -42.60 -12.76 -11.71
N ILE A 35 -41.71 -12.96 -12.67
CA ILE A 35 -40.55 -13.82 -12.49
C ILE A 35 -39.71 -13.46 -11.26
N GLY A 36 -39.79 -12.20 -10.81
CA GLY A 36 -39.02 -11.78 -9.66
C GLY A 36 -39.73 -11.94 -8.34
N GLY A 37 -41.04 -12.12 -8.37
CA GLY A 37 -41.80 -12.27 -7.15
C GLY A 37 -43.26 -11.87 -7.29
N ASP A 38 -44.10 -12.34 -6.38
CA ASP A 38 -45.52 -12.02 -6.42
C ASP A 38 -45.76 -10.58 -6.02
N LEU A 39 -46.78 -9.97 -6.60
CA LEU A 39 -47.15 -8.60 -6.28
C LEU A 39 -48.66 -8.50 -6.18
N GLY A 40 -49.12 -7.78 -5.17
CA GLY A 40 -50.55 -7.63 -4.99
C GLY A 40 -51.10 -8.60 -3.96
N PRO A 41 -52.42 -8.80 -3.94
CA PRO A 41 -53.44 -8.18 -4.79
C PRO A 41 -53.49 -6.65 -4.70
N PHE A 42 -54.24 -6.05 -5.62
CA PHE A 42 -54.41 -4.61 -5.65
C PHE A 42 -55.85 -4.30 -5.27
N ASN A 43 -56.03 -3.30 -4.41
CA ASN A 43 -57.36 -2.92 -3.96
C ASN A 43 -57.47 -1.41 -3.85
N PRO A 44 -58.52 -0.83 -4.46
CA PRO A 44 -58.73 0.63 -4.41
C PRO A 44 -58.61 1.15 -2.98
N GLY A 45 -57.80 2.19 -2.80
CA GLY A 45 -57.61 2.80 -1.50
C GLY A 45 -56.78 2.03 -0.48
N LEU A 46 -56.19 0.90 -0.88
CA LEU A 46 -55.39 0.10 0.04
C LEU A 46 -53.91 0.06 -0.34
N PRO A 47 -53.02 0.43 0.60
CA PRO A 47 -51.57 0.44 0.35
C PRO A 47 -51.04 -0.88 -0.18
N VAL A 48 -50.16 -0.79 -1.18
CA VAL A 48 -49.55 -1.97 -1.79
C VAL A 48 -48.05 -1.73 -1.95
N GLU A 49 -47.28 -2.80 -1.89
CA GLU A 49 -45.83 -2.73 -2.03
C GLU A 49 -45.45 -3.16 -3.45
N VAL A 50 -44.91 -2.24 -4.24
CA VAL A 50 -44.50 -2.60 -5.60
C VAL A 50 -43.16 -1.98 -5.98
N PRO A 51 -42.47 -2.59 -6.97
CA PRO A 51 -41.18 -2.07 -7.40
C PRO A 51 -41.36 -0.68 -7.98
N LEU A 52 -40.36 0.18 -7.78
CA LEU A 52 -40.40 1.55 -8.25
C LEU A 52 -40.75 1.69 -9.73
N TRP A 53 -40.17 0.84 -10.59
CA TRP A 53 -40.49 0.94 -12.01
C TRP A 53 -41.98 0.68 -12.29
N LEU A 54 -42.60 -0.21 -11.52
CA LEU A 54 -44.03 -0.50 -11.70
C LEU A 54 -44.85 0.68 -11.17
N ALA A 55 -44.45 1.22 -10.01
CA ALA A 55 -45.14 2.36 -9.44
C ALA A 55 -45.12 3.55 -10.40
N ILE A 56 -43.94 3.82 -10.96
CA ILE A 56 -43.81 4.94 -11.90
C ILE A 56 -44.77 4.76 -13.06
N ASN A 57 -44.77 3.58 -13.65
CA ASN A 57 -45.63 3.29 -14.79
C ASN A 57 -47.11 3.46 -14.45
N LEU A 58 -47.54 2.91 -13.33
CA LEU A 58 -48.94 3.02 -12.92
C LEU A 58 -49.32 4.47 -12.64
N LYS A 59 -48.40 5.26 -12.09
CA LYS A 59 -48.69 6.66 -11.81
C LYS A 59 -48.93 7.35 -13.14
N GLN A 60 -48.02 7.14 -14.08
CA GLN A 60 -48.15 7.73 -15.41
C GLN A 60 -49.49 7.33 -16.02
N ARG A 61 -49.83 6.06 -15.84
CA ARG A 61 -51.08 5.52 -16.35
C ARG A 61 -52.23 6.04 -15.50
N GLN A 62 -51.90 6.82 -14.48
CA GLN A 62 -52.89 7.39 -13.58
C GLN A 62 -53.77 6.33 -12.92
N LYS A 63 -53.19 5.18 -12.63
CA LYS A 63 -53.94 4.09 -12.01
C LYS A 63 -53.57 3.95 -10.54
N CYS A 64 -52.93 4.97 -9.98
CA CYS A 64 -52.54 4.90 -8.58
C CYS A 64 -52.01 6.23 -8.05
N ARG A 65 -51.77 6.26 -6.75
CA ARG A 65 -51.22 7.43 -6.08
C ARG A 65 -49.88 7.02 -5.48
N LEU A 66 -48.86 7.84 -5.70
CA LEU A 66 -47.54 7.56 -5.18
C LEU A 66 -47.38 8.13 -3.77
N LEU A 67 -46.87 7.32 -2.87
CA LEU A 67 -46.63 7.77 -1.51
C LEU A 67 -45.15 8.05 -1.34
N PRO A 68 -44.81 9.18 -0.71
CA PRO A 68 -43.41 9.53 -0.51
C PRO A 68 -42.77 8.79 0.65
N PRO A 69 -41.49 8.39 0.51
CA PRO A 69 -40.77 7.68 1.56
C PRO A 69 -40.80 8.50 2.84
N GLU A 70 -40.79 7.83 3.99
CA GLU A 70 -40.84 8.53 5.27
C GLU A 70 -39.75 9.57 5.41
N TRP A 71 -38.60 9.32 4.80
CA TRP A 71 -37.47 10.24 4.89
C TRP A 71 -37.60 11.44 3.95
N MET A 72 -38.37 11.28 2.88
CA MET A 72 -38.55 12.36 1.92
C MET A 72 -39.42 13.44 2.55
N ASP A 73 -38.87 14.07 3.58
CA ASP A 73 -39.55 15.11 4.34
C ASP A 73 -38.61 16.31 4.55
N VAL A 74 -39.11 17.51 4.26
CA VAL A 74 -38.30 18.72 4.39
C VAL A 74 -37.59 18.88 5.73
N GLU A 75 -38.25 18.51 6.82
CA GLU A 75 -37.68 18.64 8.15
C GLU A 75 -36.54 17.65 8.38
N LYS A 76 -36.77 16.40 8.01
CA LYS A 76 -35.76 15.36 8.17
C LYS A 76 -34.57 15.59 7.25
N LEU A 77 -34.85 15.85 5.98
CA LEU A 77 -33.79 16.08 4.99
C LEU A 77 -32.98 17.30 5.39
N GLU A 78 -33.64 18.29 5.98
CA GLU A 78 -32.97 19.50 6.41
C GLU A 78 -31.96 19.16 7.52
N LYS A 79 -32.29 18.17 8.35
CA LYS A 79 -31.40 17.76 9.43
C LYS A 79 -30.27 16.89 8.87
N MET A 80 -30.60 16.09 7.86
CA MET A 80 -29.59 15.24 7.25
C MET A 80 -28.54 16.09 6.54
N ARG A 81 -28.99 17.11 5.82
CA ARG A 81 -28.07 17.98 5.11
C ARG A 81 -27.08 18.67 6.04
N ASP A 82 -27.57 19.14 7.18
CA ASP A 82 -26.73 19.81 8.15
C ASP A 82 -25.78 18.80 8.80
N HIS A 83 -26.25 17.58 8.98
CA HIS A 83 -25.43 16.53 9.59
C HIS A 83 -24.24 16.18 8.68
N GLU A 84 -24.54 16.02 7.39
CA GLU A 84 -23.54 15.69 6.39
C GLU A 84 -22.47 16.78 6.28
N ARG A 85 -22.87 18.03 6.46
CA ARG A 85 -21.92 19.14 6.39
C ARG A 85 -21.03 19.21 7.61
N LYS A 86 -21.57 18.88 8.78
CA LYS A 86 -20.82 18.92 10.03
C LYS A 86 -19.81 17.78 10.12
N GLU A 87 -20.11 16.67 9.47
CA GLU A 87 -19.23 15.51 9.51
C GLU A 87 -18.14 15.53 8.45
N GLU A 88 -16.93 15.11 8.84
CA GLU A 88 -15.81 15.04 7.91
C GLU A 88 -15.97 13.77 7.06
N THR A 89 -16.62 12.75 7.60
CA THR A 89 -16.83 11.51 6.87
C THR A 89 -18.25 11.45 6.31
N PHE A 90 -18.55 10.43 5.51
CA PHE A 90 -19.87 10.28 4.92
C PHE A 90 -20.88 9.73 5.90
N THR A 91 -22.04 10.39 6.00
CA THR A 91 -23.07 9.93 6.92
C THR A 91 -24.01 8.94 6.23
N PRO A 92 -24.71 8.11 7.02
CA PRO A 92 -25.66 7.12 6.49
C PRO A 92 -26.78 7.82 5.75
N MET A 93 -26.99 7.42 4.50
CA MET A 93 -28.03 8.04 3.68
C MET A 93 -29.37 7.33 3.93
N PRO A 94 -30.49 8.07 3.85
CA PRO A 94 -31.87 7.59 4.06
C PRO A 94 -32.17 6.28 3.31
N SER A 95 -31.70 6.23 2.07
CA SER A 95 -31.90 5.09 1.20
C SER A 95 -30.62 4.92 0.40
N PRO A 96 -30.34 3.70 -0.09
CA PRO A 96 -29.13 3.48 -0.89
C PRO A 96 -29.31 4.03 -2.30
N TYR A 97 -30.51 4.55 -2.57
CA TYR A 97 -30.83 5.14 -3.87
C TYR A 97 -31.62 6.43 -3.66
N TYR A 98 -31.14 7.25 -2.73
CA TYR A 98 -31.83 8.50 -2.41
C TYR A 98 -31.91 9.46 -3.60
N MET A 99 -30.84 9.52 -4.40
CA MET A 99 -30.81 10.41 -5.54
C MET A 99 -31.76 9.95 -6.65
N GLU A 100 -31.80 8.64 -6.88
CA GLU A 100 -32.66 8.10 -7.91
C GLU A 100 -34.14 8.21 -7.52
N LEU A 101 -34.43 7.92 -6.25
CA LEU A 101 -35.81 8.00 -5.77
C LEU A 101 -36.34 9.42 -5.76
N THR A 102 -35.46 10.40 -5.52
CA THR A 102 -35.91 11.79 -5.50
C THR A 102 -36.17 12.21 -6.95
N LYS A 103 -35.22 11.90 -7.82
CA LYS A 103 -35.32 12.24 -9.22
C LYS A 103 -36.60 11.67 -9.84
N LEU A 104 -36.79 10.36 -9.73
CA LEU A 104 -37.97 9.71 -10.29
C LEU A 104 -39.30 10.13 -9.66
N LEU A 105 -39.35 10.22 -8.33
CA LEU A 105 -40.59 10.60 -7.66
C LEU A 105 -40.99 12.04 -7.90
N LEU A 106 -40.02 12.96 -7.86
CA LEU A 106 -40.33 14.37 -8.08
C LEU A 106 -40.68 14.63 -9.55
N ASN A 107 -40.16 13.81 -10.44
CA ASN A 107 -40.42 13.97 -11.87
C ASN A 107 -41.76 13.37 -12.29
N HIS A 108 -42.23 12.35 -11.57
CA HIS A 108 -43.47 11.70 -11.94
C HIS A 108 -44.58 11.73 -10.90
N ALA A 109 -44.33 12.34 -9.76
CA ALA A 109 -45.35 12.40 -8.72
C ALA A 109 -45.15 13.58 -7.78
N SER A 110 -44.71 14.71 -8.31
CA SER A 110 -44.51 15.86 -7.46
C SER A 110 -45.87 16.28 -6.90
N ASP A 111 -46.93 15.92 -7.62
CA ASP A 111 -48.30 16.24 -7.20
C ASP A 111 -48.70 15.42 -5.98
N ASN A 112 -47.91 14.38 -5.70
CA ASN A 112 -48.17 13.51 -4.54
C ASN A 112 -47.14 13.75 -3.45
N ILE A 113 -46.17 14.61 -3.72
CA ILE A 113 -45.14 14.91 -2.74
C ILE A 113 -45.17 16.38 -2.34
N PRO A 114 -45.48 16.64 -1.06
CA PRO A 114 -45.54 18.01 -0.55
C PRO A 114 -44.17 18.69 -0.47
N LYS A 115 -44.15 19.98 -0.78
CA LYS A 115 -42.92 20.76 -0.76
C LYS A 115 -41.88 20.11 -1.64
N ALA A 116 -42.32 19.65 -2.80
CA ALA A 116 -41.45 19.00 -3.78
C ALA A 116 -40.30 19.91 -4.18
N ASP A 117 -40.60 21.20 -4.28
CA ASP A 117 -39.60 22.20 -4.63
C ASP A 117 -38.45 22.21 -3.63
N GLU A 118 -38.80 22.21 -2.35
CA GLU A 118 -37.80 22.24 -1.30
C GLU A 118 -37.05 20.93 -1.20
N ILE A 119 -37.78 19.83 -1.32
CA ILE A 119 -37.18 18.51 -1.23
C ILE A 119 -36.10 18.38 -2.30
N ARG A 120 -36.34 18.97 -3.46
CA ARG A 120 -35.39 18.91 -4.56
C ARG A 120 -34.11 19.66 -4.23
N THR A 121 -34.24 20.78 -3.52
CA THR A 121 -33.09 21.59 -3.15
C THR A 121 -32.26 20.93 -2.06
N LEU A 122 -32.93 20.35 -1.07
CA LEU A 122 -32.24 19.71 0.03
C LEU A 122 -31.44 18.49 -0.44
N VAL A 123 -32.03 17.69 -1.31
CA VAL A 123 -31.34 16.51 -1.83
C VAL A 123 -30.20 16.90 -2.77
N LYS A 124 -30.39 17.98 -3.52
CA LYS A 124 -29.37 18.46 -4.44
C LYS A 124 -28.17 18.97 -3.64
N ASP A 125 -28.44 19.52 -2.46
CA ASP A 125 -27.40 20.03 -1.59
C ASP A 125 -26.61 18.87 -1.03
N MET A 126 -27.30 17.85 -0.54
CA MET A 126 -26.64 16.67 0.02
C MET A 126 -25.72 16.07 -1.02
N TRP A 127 -26.18 15.98 -2.26
CA TRP A 127 -25.36 15.41 -3.32
C TRP A 127 -24.12 16.29 -3.55
N ASP A 128 -24.30 17.61 -3.60
CA ASP A 128 -23.18 18.52 -3.82
C ASP A 128 -22.15 18.39 -2.69
N THR A 129 -22.61 18.43 -1.45
CA THR A 129 -21.71 18.33 -0.33
C THR A 129 -21.00 16.97 -0.27
N ARG A 130 -21.67 15.89 -0.66
CA ARG A 130 -21.02 14.58 -0.62
C ARG A 130 -20.01 14.35 -1.76
N ILE A 131 -20.25 14.89 -2.94
CA ILE A 131 -19.31 14.72 -4.05
C ILE A 131 -18.05 15.54 -3.76
N ALA A 132 -18.25 16.73 -3.20
CA ALA A 132 -17.13 17.60 -2.87
C ALA A 132 -16.30 16.92 -1.79
N LYS A 133 -16.98 16.32 -0.83
CA LYS A 133 -16.31 15.64 0.27
C LYS A 133 -15.53 14.46 -0.27
N LEU A 134 -16.06 13.83 -1.32
CA LEU A 134 -15.41 12.68 -1.93
C LEU A 134 -14.07 13.09 -2.56
N ARG A 135 -14.03 14.33 -3.02
CA ARG A 135 -12.85 14.93 -3.66
C ARG A 135 -11.78 15.12 -2.60
N VAL A 136 -12.17 15.70 -1.47
CA VAL A 136 -11.27 15.95 -0.36
C VAL A 136 -10.80 14.65 0.28
N SER A 137 -11.69 13.67 0.29
CA SER A 137 -11.39 12.37 0.88
C SER A 137 -10.38 11.64 0.00
N ALA A 138 -10.56 11.71 -1.32
CA ALA A 138 -9.67 11.05 -2.27
C ALA A 138 -8.26 11.63 -2.25
N ASP A 139 -8.17 12.94 -2.04
CA ASP A 139 -6.90 13.66 -1.99
C ASP A 139 -6.09 13.16 -0.79
N SER A 140 -6.79 12.94 0.32
CA SER A 140 -6.19 12.44 1.55
C SER A 140 -5.72 11.00 1.35
N PHE A 141 -6.54 10.20 0.66
CA PHE A 141 -6.24 8.81 0.38
C PHE A 141 -5.00 8.70 -0.50
N VAL A 142 -4.96 9.52 -1.55
CA VAL A 142 -3.84 9.53 -2.49
C VAL A 142 -2.56 10.06 -1.84
N ARG A 143 -2.68 11.18 -1.13
CA ARG A 143 -1.53 11.80 -0.49
C ARG A 143 -0.86 10.91 0.57
N GLN A 144 -1.65 10.06 1.22
CA GLN A 144 -1.11 9.16 2.23
C GLN A 144 -0.78 7.84 1.54
N GLN A 145 -0.94 7.82 0.23
CA GLN A 145 -0.66 6.64 -0.57
C GLN A 145 -1.25 5.35 -0.01
N GLU A 146 -2.55 5.39 0.29
CA GLU A 146 -3.25 4.23 0.84
C GLU A 146 -3.57 3.23 -0.26
N ALA A 147 -3.75 1.97 0.12
CA ALA A 147 -4.03 0.92 -0.85
C ALA A 147 -5.37 0.25 -0.62
N HIS A 148 -6.06 0.62 0.46
CA HIS A 148 -7.35 0.04 0.77
C HIS A 148 -8.26 1.03 1.49
N ALA A 149 -9.56 0.89 1.28
CA ALA A 149 -10.51 1.77 1.94
C ALA A 149 -11.89 1.16 2.09
N LYS A 150 -12.50 1.42 3.25
CA LYS A 150 -13.85 0.95 3.55
C LYS A 150 -14.72 2.18 3.27
N LEU A 151 -15.93 1.97 2.78
CA LEU A 151 -16.81 3.09 2.45
C LEU A 151 -18.27 2.67 2.47
N ASP A 152 -18.70 2.13 3.59
CA ASP A 152 -20.07 1.64 3.76
C ASP A 152 -21.15 2.67 3.48
N ASN A 153 -20.86 3.94 3.75
CA ASN A 153 -21.88 4.97 3.56
C ASN A 153 -22.06 5.55 2.19
N LEU A 154 -21.14 5.28 1.28
CA LEU A 154 -21.27 5.82 -0.08
C LEU A 154 -22.36 5.10 -0.86
N THR A 155 -23.04 5.83 -1.72
CA THR A 155 -24.11 5.27 -2.53
C THR A 155 -23.53 4.81 -3.88
N LEU A 156 -24.23 3.92 -4.56
CA LEU A 156 -23.77 3.41 -5.84
C LEU A 156 -23.69 4.52 -6.91
N MET A 157 -24.66 5.44 -6.88
CA MET A 157 -24.67 6.52 -7.86
C MET A 157 -23.43 7.40 -7.70
N GLU A 158 -23.03 7.62 -6.45
CA GLU A 158 -21.86 8.45 -6.13
C GLU A 158 -20.57 7.72 -6.52
N ILE A 159 -20.47 6.47 -6.11
CA ILE A 159 -19.30 5.66 -6.43
C ILE A 159 -19.10 5.57 -7.93
N ASN A 160 -20.18 5.33 -8.67
CA ASN A 160 -20.09 5.18 -10.12
C ASN A 160 -19.78 6.47 -10.87
N THR A 161 -20.25 7.60 -10.34
CA THR A 161 -20.05 8.90 -10.98
C THR A 161 -18.60 9.41 -10.96
N SER A 162 -17.87 9.20 -9.88
CA SER A 162 -16.47 9.65 -9.84
C SER A 162 -15.46 8.55 -9.46
N GLY A 163 -15.94 7.31 -9.41
CA GLY A 163 -15.09 6.19 -9.04
C GLY A 163 -14.14 5.71 -10.12
N THR A 164 -14.49 5.93 -11.38
CA THR A 164 -13.61 5.50 -12.46
C THR A 164 -12.40 6.43 -12.48
N PHE A 165 -12.60 7.66 -12.01
CA PHE A 165 -11.50 8.62 -11.97
C PHE A 165 -10.51 8.21 -10.88
N LEU A 166 -11.04 7.92 -9.70
CA LEU A 166 -10.20 7.54 -8.59
C LEU A 166 -9.45 6.24 -8.84
N THR A 167 -10.13 5.24 -9.41
CA THR A 167 -9.47 3.97 -9.67
C THR A 167 -8.43 4.04 -10.79
N GLN A 168 -8.68 4.89 -11.78
CA GLN A 168 -7.73 5.05 -12.87
C GLN A 168 -6.49 5.73 -12.32
N ALA A 169 -6.70 6.67 -11.41
CA ALA A 169 -5.58 7.39 -10.80
C ALA A 169 -4.78 6.43 -9.93
N LEU A 170 -5.48 5.59 -9.17
CA LEU A 170 -4.79 4.64 -8.30
C LEU A 170 -4.00 3.62 -9.12
N ASN A 171 -4.55 3.21 -10.25
CA ASN A 171 -3.85 2.25 -11.10
C ASN A 171 -2.50 2.84 -11.55
N HIS A 172 -2.53 4.10 -11.99
CA HIS A 172 -1.31 4.76 -12.45
C HIS A 172 -0.30 4.93 -11.32
N MET A 173 -0.79 5.28 -10.14
CA MET A 173 0.09 5.46 -9.00
C MET A 173 0.73 4.14 -8.61
N TYR A 174 0.00 3.04 -8.80
CA TYR A 174 0.51 1.72 -8.47
C TYR A 174 1.68 1.42 -9.39
N LYS A 175 1.55 1.78 -10.66
CA LYS A 175 2.63 1.56 -11.61
C LYS A 175 3.83 2.42 -11.23
N LEU A 176 3.59 3.69 -10.94
CA LEU A 176 4.65 4.61 -10.57
C LEU A 176 5.31 4.23 -9.26
N ARG A 177 4.53 3.69 -8.35
CA ARG A 177 5.05 3.29 -7.05
C ARG A 177 5.94 2.05 -7.18
N THR A 178 5.73 1.28 -8.25
CA THR A 178 6.48 0.04 -8.46
C THR A 178 7.32 -0.04 -9.73
N ASN A 179 7.68 1.08 -10.36
CA ASN A 179 8.46 1.03 -11.59
C ASN A 179 9.94 0.67 -11.44
N LEU A 180 10.45 0.67 -10.21
CA LEU A 180 11.85 0.30 -9.98
C LEU A 180 11.92 -1.09 -9.36
N GLN A 181 10.91 -1.91 -9.60
CA GLN A 181 10.85 -3.27 -9.06
C GLN A 181 11.07 -4.30 -10.15
N LEU B 21 -32.64 -21.54 -6.83
CA LEU B 21 -33.39 -22.51 -7.68
C LEU B 21 -34.68 -21.89 -8.16
N THR B 22 -35.12 -20.84 -7.48
CA THR B 22 -36.36 -20.15 -7.84
C THR B 22 -36.07 -19.08 -8.90
N PRO B 23 -37.11 -18.66 -9.65
CA PRO B 23 -36.93 -17.63 -10.68
C PRO B 23 -36.35 -16.34 -10.12
N ALA B 24 -36.87 -15.92 -8.97
CA ALA B 24 -36.40 -14.69 -8.33
C ALA B 24 -34.90 -14.78 -8.10
N GLU B 25 -34.46 -15.93 -7.62
CA GLU B 25 -33.04 -16.17 -7.35
C GLU B 25 -32.26 -16.23 -8.66
N LEU B 26 -32.91 -16.75 -9.69
CA LEU B 26 -32.30 -16.86 -11.00
C LEU B 26 -31.91 -15.47 -11.48
N ILE B 27 -32.84 -14.53 -11.33
CA ILE B 27 -32.64 -13.16 -11.75
C ILE B 27 -31.53 -12.48 -10.93
N GLU B 28 -31.50 -12.75 -9.63
CA GLU B 28 -30.48 -12.17 -8.76
C GLU B 28 -29.10 -12.62 -9.20
N ARG B 29 -28.98 -13.90 -9.53
CA ARG B 29 -27.71 -14.47 -9.99
C ARG B 29 -27.24 -13.77 -11.26
N LEU B 30 -28.17 -13.55 -12.18
CA LEU B 30 -27.84 -12.89 -13.44
C LEU B 30 -27.29 -11.49 -13.19
N GLU B 31 -28.03 -10.68 -12.43
CA GLU B 31 -27.60 -9.32 -12.14
C GLU B 31 -26.23 -9.32 -11.48
N GLN B 32 -25.97 -10.33 -10.66
CA GLN B 32 -24.68 -10.45 -9.99
C GLN B 32 -23.56 -10.62 -11.02
N ALA B 33 -23.77 -11.51 -11.99
CA ALA B 33 -22.78 -11.76 -13.04
C ALA B 33 -22.60 -10.51 -13.92
N TRP B 34 -23.72 -9.86 -14.21
CA TRP B 34 -23.76 -8.65 -15.02
C TRP B 34 -22.87 -7.59 -14.39
N MET B 35 -23.07 -7.34 -13.11
CA MET B 35 -22.29 -6.34 -12.38
C MET B 35 -20.81 -6.75 -12.25
N ASN B 36 -20.56 -8.02 -11.90
CA ASN B 36 -19.20 -8.48 -11.72
C ASN B 36 -18.40 -8.42 -13.02
N GLU B 37 -19.06 -8.76 -14.12
CA GLU B 37 -18.42 -8.79 -15.43
C GLU B 37 -18.08 -7.36 -15.86
N LYS B 38 -18.98 -6.44 -15.56
CA LYS B 38 -18.80 -5.04 -15.91
C LYS B 38 -17.52 -4.46 -15.31
N PHE B 39 -17.22 -4.85 -14.07
CA PHE B 39 -16.08 -4.28 -13.37
C PHE B 39 -14.81 -5.11 -13.28
N ALA B 40 -14.89 -6.42 -13.51
CA ALA B 40 -13.69 -7.24 -13.43
C ALA B 40 -12.82 -6.91 -14.64
N PRO B 41 -11.50 -6.80 -14.43
CA PRO B 41 -10.58 -6.48 -15.52
C PRO B 41 -10.28 -7.67 -16.43
N GLU B 42 -10.75 -8.84 -16.04
CA GLU B 42 -10.52 -10.05 -16.83
C GLU B 42 -11.86 -10.71 -17.15
N LEU B 43 -11.83 -11.67 -18.06
CA LEU B 43 -13.03 -12.40 -18.44
C LEU B 43 -13.33 -13.36 -17.30
N LEU B 44 -14.56 -13.32 -16.78
CA LEU B 44 -14.91 -14.21 -15.69
C LEU B 44 -15.49 -15.51 -16.23
N GLU B 45 -15.77 -16.43 -15.31
CA GLU B 45 -16.31 -17.73 -15.66
C GLU B 45 -17.62 -17.70 -16.45
N SER B 46 -17.79 -18.68 -17.33
CA SER B 46 -19.00 -18.79 -18.12
C SER B 46 -20.12 -19.24 -17.18
N LYS B 47 -21.32 -18.68 -17.36
CA LYS B 47 -22.47 -19.05 -16.53
C LYS B 47 -23.57 -19.53 -17.45
N PRO B 48 -23.32 -20.65 -18.14
CA PRO B 48 -24.30 -21.23 -19.09
C PRO B 48 -25.64 -21.60 -18.45
N GLU B 49 -25.58 -22.21 -17.27
CA GLU B 49 -26.78 -22.62 -16.56
C GLU B 49 -27.69 -21.44 -16.26
N ILE B 50 -27.11 -20.27 -16.04
CA ILE B 50 -27.90 -19.09 -15.74
C ILE B 50 -28.50 -18.52 -17.03
N VAL B 51 -27.67 -18.35 -18.05
CA VAL B 51 -28.15 -17.81 -19.31
C VAL B 51 -29.32 -18.63 -19.83
N GLU B 52 -29.15 -19.95 -19.87
CA GLU B 52 -30.19 -20.85 -20.36
C GLU B 52 -31.52 -20.72 -19.61
N CYS B 53 -31.45 -20.82 -18.28
CA CYS B 53 -32.66 -20.71 -17.47
C CYS B 53 -33.37 -19.39 -17.68
N VAL B 54 -32.61 -18.35 -17.96
CA VAL B 54 -33.19 -17.03 -18.19
C VAL B 54 -33.86 -17.01 -19.55
N MET B 55 -33.23 -17.66 -20.53
CA MET B 55 -33.79 -17.72 -21.87
C MET B 55 -35.09 -18.52 -21.83
N GLU B 56 -35.10 -19.59 -21.03
CA GLU B 56 -36.30 -20.42 -20.91
C GLU B 56 -37.46 -19.62 -20.31
N GLN B 57 -37.19 -18.98 -19.18
CA GLN B 57 -38.19 -18.17 -18.49
C GLN B 57 -38.79 -17.15 -19.44
N LEU B 58 -37.96 -16.51 -20.25
CA LEU B 58 -38.44 -15.53 -21.19
C LEU B 58 -39.33 -16.20 -22.24
N GLU B 59 -38.86 -17.33 -22.78
CA GLU B 59 -39.63 -18.06 -23.78
C GLU B 59 -41.00 -18.45 -23.24
N HIS B 60 -41.01 -19.10 -22.08
CA HIS B 60 -42.27 -19.53 -21.45
C HIS B 60 -43.20 -18.35 -21.27
N MET B 61 -42.73 -17.31 -20.58
CA MET B 61 -43.55 -16.14 -20.33
C MET B 61 -44.03 -15.51 -21.63
N GLU B 62 -43.15 -15.47 -22.64
CA GLU B 62 -43.49 -14.90 -23.92
C GLU B 62 -44.68 -15.62 -24.55
N GLU B 63 -44.72 -16.93 -24.39
CA GLU B 63 -45.80 -17.74 -24.94
C GLU B 63 -47.09 -17.52 -24.15
N ASN B 64 -47.00 -17.56 -22.83
CA ASN B 64 -48.16 -17.36 -21.97
C ASN B 64 -48.96 -16.14 -22.40
N LEU B 65 -48.30 -15.22 -23.10
CA LEU B 65 -48.94 -14.01 -23.58
C LEU B 65 -50.03 -14.33 -24.61
N ASP B 72 -55.20 -8.27 -18.86
CA ASP B 72 -54.60 -7.52 -19.95
C ASP B 72 -53.54 -6.53 -19.42
N LEU B 73 -53.87 -5.85 -18.33
CA LEU B 73 -52.93 -4.91 -17.73
C LEU B 73 -51.80 -5.77 -17.19
N LYS B 74 -52.16 -6.97 -16.74
CA LYS B 74 -51.21 -7.93 -16.21
C LYS B 74 -50.23 -8.26 -17.33
N VAL B 75 -50.73 -8.21 -18.57
CA VAL B 75 -49.91 -8.50 -19.74
C VAL B 75 -48.84 -7.43 -19.89
N SER B 76 -49.25 -6.18 -19.84
CA SER B 76 -48.32 -5.06 -19.97
C SER B 76 -47.31 -5.03 -18.84
N ILE B 77 -47.69 -5.53 -17.67
CA ILE B 77 -46.78 -5.55 -16.53
C ILE B 77 -45.74 -6.64 -16.73
N HIS B 78 -46.17 -7.78 -17.26
CA HIS B 78 -45.27 -8.89 -17.50
C HIS B 78 -44.26 -8.55 -18.59
N GLN B 79 -44.75 -7.91 -19.65
CA GLN B 79 -43.88 -7.55 -20.77
C GLN B 79 -42.87 -6.50 -20.35
N MET B 80 -43.22 -5.70 -19.34
CA MET B 80 -42.32 -4.67 -18.85
C MET B 80 -41.19 -5.38 -18.12
N GLU B 81 -41.55 -6.34 -17.27
CA GLU B 81 -40.53 -7.06 -16.53
C GLU B 81 -39.64 -7.86 -17.49
N MET B 82 -40.24 -8.43 -18.52
CA MET B 82 -39.47 -9.21 -19.49
C MET B 82 -38.39 -8.33 -20.12
N GLU B 83 -38.74 -7.07 -20.40
CA GLU B 83 -37.80 -6.14 -20.99
C GLU B 83 -36.64 -5.85 -20.04
N ARG B 84 -36.93 -5.72 -18.75
CA ARG B 84 -35.89 -5.44 -17.76
C ARG B 84 -34.90 -6.59 -17.73
N ILE B 85 -35.41 -7.81 -17.75
CA ILE B 85 -34.57 -9.00 -17.70
C ILE B 85 -33.80 -9.21 -19.01
N ARG B 86 -34.45 -8.92 -20.14
CA ARG B 86 -33.82 -9.09 -21.44
C ARG B 86 -32.63 -8.15 -21.56
N TYR B 87 -32.85 -7.00 -20.99
CA TYR B 87 -31.83 -6.00 -21.03
C TYR B 87 -30.55 -6.44 -20.28
N VAL B 88 -30.68 -6.94 -19.07
CA VAL B 88 -29.54 -7.40 -18.27
C VAL B 88 -28.77 -8.52 -18.97
N LEU B 89 -29.50 -9.47 -19.55
CA LEU B 89 -28.90 -10.58 -20.24
C LEU B 89 -28.05 -10.06 -21.40
N SER B 90 -28.69 -9.28 -22.28
CA SER B 90 -28.02 -8.70 -23.44
C SER B 90 -26.78 -7.91 -23.06
N SER B 91 -26.91 -7.08 -22.03
CA SER B 91 -25.79 -6.26 -21.57
C SER B 91 -24.63 -7.13 -21.09
N TYR B 92 -24.99 -8.16 -20.32
CA TYR B 92 -24.01 -9.10 -19.79
C TYR B 92 -23.29 -9.83 -20.91
N LEU B 93 -24.05 -10.30 -21.90
CA LEU B 93 -23.47 -11.02 -23.02
C LEU B 93 -22.65 -10.08 -23.90
N ARG B 94 -23.09 -8.85 -24.03
CA ARG B 94 -22.36 -7.85 -24.82
C ARG B 94 -21.01 -7.58 -24.17
N CYS B 95 -21.03 -7.44 -22.84
CA CYS B 95 -19.81 -7.18 -22.07
C CYS B 95 -18.81 -8.33 -22.26
N ARG B 96 -19.29 -9.56 -22.25
CA ARG B 96 -18.40 -10.69 -22.42
C ARG B 96 -17.74 -10.73 -23.80
N LEU B 97 -18.48 -10.36 -24.85
CA LEU B 97 -17.91 -10.37 -26.20
C LEU B 97 -16.81 -9.33 -26.37
N MET B 98 -16.97 -8.16 -25.77
CA MET B 98 -15.95 -7.14 -25.90
C MET B 98 -14.66 -7.61 -25.22
N LYS B 99 -14.79 -8.30 -24.08
CA LYS B 99 -13.61 -8.82 -23.39
C LYS B 99 -12.93 -9.93 -24.20
N ILE B 100 -13.76 -10.79 -24.80
CA ILE B 100 -13.26 -11.87 -25.61
C ILE B 100 -12.50 -11.28 -26.80
N GLU B 101 -13.05 -10.21 -27.37
CA GLU B 101 -12.41 -9.55 -28.50
C GLU B 101 -11.13 -8.84 -28.08
N LYS B 102 -11.16 -8.22 -26.92
CA LYS B 102 -10.01 -7.48 -26.42
C LYS B 102 -8.79 -8.35 -26.13
N PHE B 103 -9.03 -9.53 -25.54
CA PHE B 103 -7.93 -10.41 -25.18
C PHE B 103 -7.96 -11.73 -25.94
N PHE B 104 -8.61 -11.76 -27.10
CA PHE B 104 -8.77 -12.99 -27.87
C PHE B 104 -7.63 -14.01 -27.91
N PRO B 105 -6.36 -13.57 -28.03
CA PRO B 105 -5.32 -14.60 -28.06
C PRO B 105 -5.16 -15.27 -26.70
N HIS B 106 -5.31 -14.48 -25.64
CA HIS B 106 -5.19 -14.95 -24.26
C HIS B 106 -6.38 -15.77 -23.83
N VAL B 107 -7.53 -15.48 -24.43
CA VAL B 107 -8.76 -16.22 -24.14
C VAL B 107 -8.62 -17.63 -24.72
N LEU B 108 -8.08 -17.72 -25.94
CA LEU B 108 -7.89 -19.00 -26.62
C LEU B 108 -6.76 -19.84 -26.00
N GLU B 109 -5.66 -19.20 -25.63
CA GLU B 109 -4.54 -19.91 -25.04
C GLU B 109 -4.90 -20.44 -23.64
N LYS B 110 -5.72 -19.69 -22.90
CA LYS B 110 -6.10 -20.10 -21.56
C LYS B 110 -7.03 -21.30 -21.61
N GLU B 111 -7.94 -21.29 -22.57
CA GLU B 111 -8.89 -22.38 -22.74
C GLU B 111 -8.12 -23.63 -23.17
N LYS B 112 -7.13 -23.44 -24.05
CA LYS B 112 -6.33 -24.53 -24.56
C LYS B 112 -5.57 -25.31 -23.47
N THR B 113 -5.02 -24.59 -22.49
CA THR B 113 -4.26 -25.21 -21.40
C THR B 113 -5.06 -25.33 -20.10
N ARG B 114 -6.38 -25.21 -20.20
CA ARG B 114 -7.26 -25.29 -19.04
C ARG B 114 -7.35 -26.73 -18.54
N PRO B 115 -6.92 -26.97 -17.29
CA PRO B 115 -6.97 -28.31 -16.72
C PRO B 115 -8.40 -28.83 -16.63
N GLU B 116 -8.59 -30.11 -16.95
CA GLU B 116 -9.91 -30.71 -16.88
C GLU B 116 -10.47 -30.54 -15.48
N GLY B 117 -11.69 -30.01 -15.38
CA GLY B 117 -12.29 -29.82 -14.07
C GLY B 117 -12.51 -28.36 -13.72
N GLU B 118 -11.53 -27.52 -14.05
CA GLU B 118 -11.64 -26.09 -13.77
C GLU B 118 -12.71 -25.48 -14.66
N PRO B 119 -13.45 -24.49 -14.14
CA PRO B 119 -14.52 -23.81 -14.89
C PRO B 119 -13.96 -23.03 -16.10
N SER B 120 -14.63 -23.16 -17.24
CA SER B 120 -14.20 -22.45 -18.43
C SER B 120 -14.68 -20.99 -18.42
N SER B 121 -13.94 -20.12 -19.08
CA SER B 121 -14.31 -18.72 -19.18
C SER B 121 -15.10 -18.55 -20.47
N LEU B 122 -15.40 -19.66 -21.13
CA LEU B 122 -16.11 -19.62 -22.40
C LEU B 122 -17.20 -20.66 -22.58
N SER B 123 -18.34 -20.25 -23.11
CA SER B 123 -19.41 -21.18 -23.40
C SER B 123 -18.99 -21.76 -24.75
N PRO B 124 -19.58 -22.89 -25.16
CA PRO B 124 -19.19 -23.45 -26.45
C PRO B 124 -19.33 -22.41 -27.58
N GLU B 125 -20.38 -21.60 -27.51
CA GLU B 125 -20.63 -20.58 -28.53
C GLU B 125 -19.62 -19.44 -28.51
N GLU B 126 -19.27 -18.95 -27.32
CA GLU B 126 -18.30 -17.86 -27.21
C GLU B 126 -16.94 -18.32 -27.70
N LEU B 127 -16.64 -19.59 -27.46
CA LEU B 127 -15.37 -20.16 -27.90
C LEU B 127 -15.31 -20.07 -29.42
N ALA B 128 -16.39 -20.48 -30.09
CA ALA B 128 -16.45 -20.43 -31.55
C ALA B 128 -16.23 -18.99 -32.01
N PHE B 129 -16.95 -18.05 -31.40
CA PHE B 129 -16.82 -16.64 -31.73
C PHE B 129 -15.35 -16.19 -31.61
N ALA B 130 -14.68 -16.57 -30.52
CA ALA B 130 -13.28 -16.21 -30.29
C ALA B 130 -12.34 -16.81 -31.34
N ARG B 131 -12.57 -18.07 -31.69
CA ARG B 131 -11.75 -18.75 -32.71
C ARG B 131 -11.84 -17.98 -34.02
N GLU B 132 -13.08 -17.70 -34.42
CA GLU B 132 -13.33 -16.98 -35.66
C GLU B 132 -12.70 -15.59 -35.67
N PHE B 133 -12.75 -14.91 -34.53
CA PHE B 133 -12.16 -13.59 -34.43
C PHE B 133 -10.67 -13.66 -34.72
N MET B 134 -10.03 -14.66 -34.13
CA MET B 134 -8.60 -14.89 -34.30
C MET B 134 -8.24 -15.16 -35.78
N ALA B 135 -8.89 -16.16 -36.37
CA ALA B 135 -8.63 -16.52 -37.75
C ALA B 135 -8.82 -15.36 -38.70
N ASN B 136 -9.92 -14.66 -38.53
CA ASN B 136 -10.25 -13.50 -39.36
C ASN B 136 -9.18 -12.39 -39.27
N THR B 137 -8.75 -12.06 -38.05
CA THR B 137 -7.77 -11.01 -37.83
C THR B 137 -6.36 -11.41 -38.26
N GLU B 138 -5.99 -12.64 -37.97
CA GLU B 138 -4.68 -13.17 -38.34
C GLU B 138 -4.59 -13.22 -39.86
N SER B 139 -5.66 -13.70 -40.50
CA SER B 139 -5.69 -13.77 -41.95
C SER B 139 -5.62 -12.36 -42.55
N TYR B 140 -6.39 -11.46 -41.99
CA TYR B 140 -6.40 -10.10 -42.54
C TYR B 140 -5.02 -9.48 -42.47
N LEU B 141 -4.40 -9.66 -41.28
CA LEU B 141 -3.06 -9.15 -41.05
C LEU B 141 -1.99 -9.77 -41.97
N LYS B 142 -2.14 -11.05 -42.26
CA LYS B 142 -1.19 -11.78 -43.11
C LYS B 142 -1.22 -11.33 -44.56
N ASN B 143 -2.42 -11.31 -45.14
CA ASN B 143 -2.63 -10.94 -46.54
C ASN B 143 -2.40 -9.47 -46.87
N VAL B 144 -2.63 -8.60 -45.89
CA VAL B 144 -2.47 -7.17 -46.10
C VAL B 144 -1.07 -6.60 -45.88
N ALA B 145 -0.30 -7.20 -44.97
CA ALA B 145 1.05 -6.67 -44.74
C ALA B 145 2.16 -7.66 -44.45
N LEU B 146 1.92 -8.58 -43.51
CA LEU B 146 2.95 -9.54 -43.10
C LEU B 146 3.60 -10.34 -44.23
N LYS B 147 2.80 -10.88 -45.15
CA LYS B 147 3.35 -11.66 -46.24
C LYS B 147 4.18 -10.80 -47.18
N HIS B 148 3.97 -9.48 -47.13
CA HIS B 148 4.72 -8.53 -47.96
C HIS B 148 5.96 -7.99 -47.26
N MET B 149 6.28 -8.52 -46.08
CA MET B 149 7.45 -8.07 -45.33
C MET B 149 8.62 -9.03 -45.57
N PRO B 150 9.84 -8.62 -45.19
CA PRO B 150 11.00 -9.48 -45.36
C PRO B 150 10.77 -10.86 -44.74
N PRO B 151 11.47 -11.89 -45.26
CA PRO B 151 11.37 -13.28 -44.79
C PRO B 151 11.52 -13.52 -43.29
N ASN B 152 12.30 -12.69 -42.61
CA ASN B 152 12.51 -12.86 -41.17
C ASN B 152 11.62 -11.97 -40.30
N LEU B 153 10.65 -11.28 -40.90
CA LEU B 153 9.77 -10.39 -40.16
C LEU B 153 8.30 -10.57 -40.52
N GLN B 154 7.91 -11.78 -40.93
CA GLN B 154 6.53 -12.03 -41.32
C GLN B 154 5.64 -12.68 -40.27
N LYS B 155 6.24 -13.17 -39.20
CA LYS B 155 5.49 -13.81 -38.14
C LYS B 155 5.41 -12.92 -36.90
N VAL B 156 4.20 -12.48 -36.56
CA VAL B 156 4.01 -11.65 -35.37
C VAL B 156 3.29 -12.47 -34.29
N ASP B 157 3.92 -12.59 -33.14
CA ASP B 157 3.36 -13.33 -32.01
C ASP B 157 2.19 -12.51 -31.45
N LEU B 158 0.97 -13.00 -31.64
CA LEU B 158 -0.20 -12.25 -31.15
C LEU B 158 -0.38 -12.30 -29.64
N PHE B 159 0.13 -13.36 -29.02
CA PHE B 159 0.03 -13.53 -27.57
C PHE B 159 0.86 -12.43 -26.91
N ARG B 160 1.86 -11.94 -27.65
CA ARG B 160 2.75 -10.89 -27.16
C ARG B 160 2.31 -9.51 -27.66
N ALA B 161 1.81 -9.45 -28.88
CA ALA B 161 1.37 -8.19 -29.46
C ALA B 161 0.10 -7.63 -28.81
N VAL B 162 -0.77 -8.52 -28.33
CA VAL B 162 -2.01 -8.08 -27.70
C VAL B 162 -1.87 -8.06 -26.17
N PRO B 163 -2.28 -6.98 -25.52
CA PRO B 163 -2.21 -6.81 -24.07
C PRO B 163 -3.04 -7.81 -23.27
N LYS B 164 -2.51 -8.26 -22.15
CA LYS B 164 -3.23 -9.18 -21.29
C LYS B 164 -4.07 -8.36 -20.31
N PRO B 165 -4.98 -9.02 -19.59
CA PRO B 165 -5.79 -8.25 -18.64
C PRO B 165 -4.87 -7.73 -17.54
N ASP B 166 -5.11 -6.51 -17.07
CA ASP B 166 -4.30 -5.97 -15.98
C ASP B 166 -5.05 -6.23 -14.68
N LEU B 167 -4.59 -7.22 -13.91
CA LEU B 167 -5.24 -7.60 -12.67
C LEU B 167 -4.93 -6.68 -11.50
N ASP B 168 -4.00 -5.75 -11.71
CA ASP B 168 -3.62 -4.79 -10.68
C ASP B 168 -4.47 -3.53 -10.84
N SER B 169 -5.75 -3.72 -11.13
CA SER B 169 -6.67 -2.60 -11.29
C SER B 169 -7.49 -2.47 -10.02
N TYR B 170 -7.78 -1.25 -9.59
CA TYR B 170 -8.57 -1.07 -8.39
C TYR B 170 -10.05 -1.20 -8.69
N VAL B 171 -10.79 -1.70 -7.71
CA VAL B 171 -12.22 -1.90 -7.85
C VAL B 171 -12.97 -1.64 -6.54
N PHE B 172 -14.27 -1.48 -6.66
CA PHE B 172 -15.13 -1.28 -5.50
C PHE B 172 -15.94 -2.57 -5.37
N LEU B 173 -16.20 -2.99 -4.15
CA LEU B 173 -16.97 -4.22 -3.92
C LEU B 173 -17.92 -4.10 -2.73
N ARG B 174 -18.85 -5.04 -2.68
CA ARG B 174 -19.84 -5.11 -1.62
C ARG B 174 -19.66 -6.52 -1.08
N VAL B 175 -19.39 -6.65 0.21
CA VAL B 175 -19.20 -7.96 0.82
C VAL B 175 -20.52 -8.70 1.00
N ARG B 176 -20.62 -9.89 0.43
CA ARG B 176 -21.84 -10.69 0.53
C ARG B 176 -21.72 -11.68 1.68
N GLU B 177 -20.52 -12.21 1.86
CA GLU B 177 -20.24 -13.18 2.92
C GLU B 177 -18.96 -12.81 3.64
N ARG B 178 -19.01 -12.81 4.97
CA ARG B 178 -17.85 -12.46 5.79
C ARG B 178 -16.60 -13.23 5.40
N GLN B 179 -15.48 -12.52 5.32
CA GLN B 179 -14.19 -13.11 4.97
C GLN B 179 -13.16 -12.54 5.93
N GLU B 180 -12.20 -13.36 6.34
CA GLU B 180 -11.18 -12.90 7.26
C GLU B 180 -9.77 -13.13 6.76
N ASN B 181 -8.81 -12.52 7.45
CA ASN B 181 -7.40 -12.62 7.11
C ASN B 181 -7.12 -12.37 5.63
N ILE B 182 -7.56 -11.22 5.15
CA ILE B 182 -7.35 -10.82 3.76
C ILE B 182 -6.11 -9.94 3.76
N LEU B 183 -5.12 -10.29 2.95
CA LEU B 183 -3.90 -9.50 2.91
C LEU B 183 -3.94 -8.36 1.89
N VAL B 184 -3.71 -7.14 2.39
CA VAL B 184 -3.67 -5.96 1.53
C VAL B 184 -2.20 -5.72 1.22
N GLU B 185 -1.87 -5.64 -0.06
CA GLU B 185 -0.50 -5.40 -0.45
C GLU B 185 -0.40 -4.08 -1.18
N PRO B 186 -0.05 -3.01 -0.46
CA PRO B 186 0.08 -1.67 -1.04
C PRO B 186 0.92 -1.67 -2.31
N ASP B 187 2.09 -2.31 -2.24
CA ASP B 187 2.98 -2.40 -3.39
C ASP B 187 3.85 -3.65 -3.34
N THR B 188 5.09 -3.54 -3.81
CA THR B 188 5.99 -4.69 -3.81
C THR B 188 6.82 -4.79 -2.54
N ASP B 189 6.65 -3.81 -1.65
CA ASP B 189 7.39 -3.77 -0.38
C ASP B 189 6.60 -4.48 0.72
N GLU B 190 6.95 -5.74 0.96
CA GLU B 190 6.28 -6.57 1.97
C GLU B 190 6.07 -5.89 3.31
N GLN B 191 6.93 -4.92 3.63
CA GLN B 191 6.83 -4.20 4.89
C GLN B 191 5.54 -3.40 5.02
N ARG B 192 4.91 -3.07 3.91
CA ARG B 192 3.67 -2.29 3.94
C ARG B 192 2.43 -3.17 3.99
N ASP B 193 2.63 -4.48 3.91
CA ASP B 193 1.51 -5.41 3.93
C ASP B 193 0.86 -5.50 5.31
N TYR B 194 -0.46 -5.62 5.33
CA TYR B 194 -1.19 -5.75 6.58
C TYR B 194 -2.45 -6.58 6.32
N VAL B 195 -3.04 -7.13 7.39
CA VAL B 195 -4.23 -7.97 7.25
C VAL B 195 -5.51 -7.19 7.45
N ILE B 196 -6.58 -7.64 6.81
CA ILE B 196 -7.87 -6.99 6.91
C ILE B 196 -8.97 -8.05 6.94
N ASP B 197 -10.15 -7.65 7.45
CA ASP B 197 -11.29 -8.54 7.48
C ASP B 197 -12.43 -7.81 6.77
N LEU B 198 -13.15 -8.54 5.91
CA LEU B 198 -14.27 -7.98 5.16
C LEU B 198 -15.57 -8.40 5.82
N GLU B 199 -16.32 -7.43 6.31
CA GLU B 199 -17.58 -7.71 7.00
C GLU B 199 -18.76 -7.70 6.06
N LYS B 200 -19.75 -8.53 6.37
CA LYS B 200 -20.93 -8.65 5.53
C LYS B 200 -21.64 -7.31 5.36
N GLY B 201 -21.92 -6.95 4.11
CA GLY B 201 -22.62 -5.70 3.84
C GLY B 201 -21.72 -4.49 3.63
N SER B 202 -20.48 -4.56 4.08
CA SER B 202 -19.57 -3.42 3.92
C SER B 202 -19.11 -3.23 2.47
N GLN B 203 -18.60 -2.05 2.17
CA GLN B 203 -18.11 -1.72 0.85
C GLN B 203 -16.63 -1.33 0.91
N HIS B 204 -15.85 -1.82 -0.03
CA HIS B 204 -14.41 -1.53 -0.03
C HIS B 204 -13.85 -1.12 -1.37
N LEU B 205 -12.62 -0.59 -1.31
CA LEU B 205 -11.87 -0.17 -2.48
C LEU B 205 -10.55 -0.88 -2.29
N ILE B 206 -10.07 -1.57 -3.33
CA ILE B 206 -8.84 -2.33 -3.23
C ILE B 206 -8.45 -2.91 -4.58
N ARG B 207 -7.23 -3.44 -4.69
CA ARG B 207 -6.78 -4.05 -5.96
C ARG B 207 -7.54 -5.34 -6.27
N TYR B 208 -7.98 -5.46 -7.52
CA TYR B 208 -8.73 -6.62 -7.96
C TYR B 208 -8.01 -7.95 -7.72
N LYS B 209 -6.73 -8.00 -8.07
CA LYS B 209 -5.92 -9.20 -7.92
C LYS B 209 -6.00 -9.77 -6.51
N THR B 210 -6.12 -8.90 -5.52
CA THR B 210 -6.19 -9.35 -4.13
C THR B 210 -7.50 -10.08 -3.76
N ILE B 211 -8.61 -9.72 -4.42
CA ILE B 211 -9.90 -10.35 -4.13
C ILE B 211 -10.55 -11.10 -5.30
N ALA B 212 -9.77 -11.38 -6.33
CA ALA B 212 -10.30 -12.10 -7.50
C ALA B 212 -11.02 -13.40 -7.12
N PRO B 213 -10.37 -14.27 -6.33
CA PRO B 213 -10.99 -15.54 -5.92
C PRO B 213 -12.31 -15.33 -5.18
N LEU B 214 -12.44 -14.20 -4.49
CA LEU B 214 -13.67 -13.92 -3.76
C LEU B 214 -14.81 -13.59 -4.71
N VAL B 215 -14.46 -13.01 -5.85
CA VAL B 215 -15.46 -12.64 -6.85
C VAL B 215 -16.03 -13.93 -7.45
N ALA B 216 -15.13 -14.85 -7.77
CA ALA B 216 -15.49 -16.13 -8.35
C ALA B 216 -16.38 -16.96 -7.44
N SER B 217 -16.02 -17.03 -6.17
CA SER B 217 -16.78 -17.82 -5.20
C SER B 217 -18.08 -17.13 -4.80
N GLY B 218 -18.22 -15.86 -5.16
CA GLY B 218 -19.44 -15.13 -4.82
C GLY B 218 -19.45 -14.56 -3.43
N ALA B 219 -18.33 -14.61 -2.72
CA ALA B 219 -18.29 -14.06 -1.36
C ALA B 219 -18.35 -12.54 -1.43
N VAL B 220 -17.95 -11.99 -2.58
CA VAL B 220 -17.97 -10.53 -2.75
C VAL B 220 -18.59 -10.15 -4.09
N GLN B 221 -19.07 -8.92 -4.18
CA GLN B 221 -19.73 -8.43 -5.39
C GLN B 221 -19.12 -7.10 -5.85
N LEU B 222 -18.72 -7.03 -7.11
CA LEU B 222 -18.13 -5.82 -7.67
C LEU B 222 -19.20 -4.80 -8.06
N MET C 1 14.50 10.81 -40.60
CA MET C 1 14.97 9.89 -41.66
C MET C 1 14.17 8.59 -41.74
N PHE C 2 14.71 7.50 -41.21
CA PHE C 2 14.01 6.21 -41.23
C PHE C 2 12.79 6.18 -40.31
N CYS C 3 11.80 5.40 -40.71
CA CYS C 3 10.57 5.23 -39.96
C CYS C 3 9.71 6.49 -39.86
N GLU C 4 10.01 7.50 -40.66
CA GLU C 4 9.22 8.72 -40.64
C GLU C 4 7.91 8.50 -41.41
N LYS C 5 7.98 7.71 -42.47
CA LYS C 5 6.79 7.43 -43.26
C LYS C 5 5.80 6.66 -42.39
N ALA C 6 6.34 5.72 -41.61
CA ALA C 6 5.52 4.92 -40.72
C ALA C 6 4.81 5.82 -39.68
N MET C 7 5.49 6.86 -39.22
CA MET C 7 4.91 7.78 -38.25
C MET C 7 3.73 8.56 -38.85
N GLU C 8 3.73 8.74 -40.17
CA GLU C 8 2.64 9.48 -40.82
C GLU C 8 1.36 8.67 -40.72
N LEU C 9 1.50 7.34 -40.74
CA LEU C 9 0.33 6.47 -40.64
C LEU C 9 -0.26 6.57 -39.23
N ILE C 10 0.61 6.67 -38.23
CA ILE C 10 0.16 6.76 -36.85
C ILE C 10 -0.49 8.11 -36.54
N ARG C 11 0.13 9.20 -36.99
CA ARG C 11 -0.42 10.52 -36.74
C ARG C 11 -1.78 10.70 -37.41
N GLU C 12 -1.91 10.15 -38.62
CA GLU C 12 -3.15 10.23 -39.37
C GLU C 12 -4.33 9.64 -38.57
N LEU C 13 -4.17 8.44 -38.04
CA LEU C 13 -5.22 7.81 -37.24
C LEU C 13 -5.42 8.51 -35.91
N HIS C 14 -4.32 8.99 -35.33
CA HIS C 14 -4.36 9.66 -34.05
C HIS C 14 -5.16 10.97 -34.05
N ARG C 15 -5.15 11.67 -35.16
CA ARG C 15 -5.88 12.93 -35.26
C ARG C 15 -7.31 12.73 -35.70
N ALA C 16 -7.68 11.47 -35.94
CA ALA C 16 -9.03 11.13 -36.32
C ALA C 16 -9.75 10.81 -35.02
N PRO C 17 -10.60 11.74 -34.54
CA PRO C 17 -11.36 11.61 -33.30
C PRO C 17 -12.58 10.69 -33.35
N GLU C 18 -13.14 10.43 -32.17
CA GLU C 18 -14.33 9.60 -32.01
C GLU C 18 -14.26 8.22 -32.65
N GLY C 19 -13.14 7.90 -33.29
CA GLY C 19 -13.02 6.62 -33.94
C GLY C 19 -13.36 6.74 -35.41
N GLN C 20 -13.27 7.97 -35.93
CA GLN C 20 -13.57 8.21 -37.34
C GLN C 20 -12.61 7.45 -38.22
N LEU C 21 -13.01 7.22 -39.46
CA LEU C 21 -12.19 6.45 -40.36
C LEU C 21 -11.72 7.15 -41.61
N PRO C 22 -10.49 7.68 -41.61
CA PRO C 22 -9.96 8.37 -42.78
C PRO C 22 -9.65 7.32 -43.86
N ALA C 23 -9.41 7.78 -45.08
CA ALA C 23 -9.12 6.86 -46.18
C ALA C 23 -7.95 5.95 -45.84
N PHE C 24 -8.04 4.70 -46.29
CA PHE C 24 -6.99 3.72 -46.08
C PHE C 24 -5.74 4.28 -46.76
N ASN C 25 -4.60 4.28 -46.06
CA ASN C 25 -3.38 4.83 -46.64
C ASN C 25 -2.52 3.87 -47.45
N GLU C 26 -3.05 3.43 -48.60
CA GLU C 26 -2.34 2.49 -49.47
C GLU C 26 -0.92 2.95 -49.79
N ASP C 27 -0.78 4.17 -50.28
CA ASP C 27 0.53 4.73 -50.62
C ASP C 27 1.47 4.62 -49.43
N GLY C 28 0.99 5.07 -48.27
CA GLY C 28 1.79 5.03 -47.06
C GLY C 28 2.21 3.63 -46.67
N LEU C 29 1.32 2.68 -46.88
CA LEU C 29 1.62 1.30 -46.54
C LEU C 29 2.66 0.76 -47.51
N ARG C 30 2.49 1.09 -48.80
CA ARG C 30 3.43 0.63 -49.81
C ARG C 30 4.83 1.17 -49.52
N GLN C 31 4.94 2.48 -49.34
CA GLN C 31 6.22 3.13 -49.06
C GLN C 31 6.94 2.55 -47.84
N VAL C 32 6.17 2.11 -46.84
CA VAL C 32 6.76 1.53 -45.65
C VAL C 32 7.28 0.12 -45.94
N LEU C 33 6.47 -0.67 -46.65
CA LEU C 33 6.86 -2.03 -46.98
C LEU C 33 8.10 -2.03 -47.87
N GLU C 34 8.25 -0.98 -48.66
CA GLU C 34 9.41 -0.85 -49.52
C GLU C 34 10.64 -0.52 -48.70
N GLU C 35 10.52 0.46 -47.80
CA GLU C 35 11.62 0.85 -46.94
C GLU C 35 12.13 -0.38 -46.21
N MET C 36 11.22 -1.21 -45.74
CA MET C 36 11.58 -2.42 -45.02
C MET C 36 12.43 -3.30 -45.96
N LYS C 37 11.95 -3.47 -47.19
CA LYS C 37 12.66 -4.28 -48.18
C LYS C 37 14.07 -3.72 -48.37
N ALA C 38 14.16 -2.42 -48.57
CA ALA C 38 15.44 -1.74 -48.77
C ALA C 38 16.33 -1.92 -47.54
N LEU C 39 15.79 -1.62 -46.36
CA LEU C 39 16.53 -1.77 -45.12
C LEU C 39 17.06 -3.20 -44.97
N TYR C 40 16.21 -4.18 -45.28
CA TYR C 40 16.57 -5.58 -45.18
C TYR C 40 17.64 -5.96 -46.19
N GLU C 41 17.56 -5.40 -47.39
CA GLU C 41 18.53 -5.68 -48.43
C GLU C 41 19.88 -5.07 -48.07
N GLN C 42 19.87 -3.80 -47.66
CA GLN C 42 21.11 -3.14 -47.29
C GLN C 42 21.77 -3.93 -46.16
N ASN C 43 20.98 -4.27 -45.15
CA ASN C 43 21.49 -5.00 -44.00
C ASN C 43 22.03 -6.38 -44.38
N GLN C 44 21.33 -7.07 -45.28
CA GLN C 44 21.75 -8.39 -45.70
C GLN C 44 23.09 -8.34 -46.43
N SER C 45 23.43 -7.17 -46.95
CA SER C 45 24.68 -6.97 -47.66
C SER C 45 25.83 -6.73 -46.69
N ASP C 46 25.64 -5.76 -45.80
CA ASP C 46 26.65 -5.44 -44.81
C ASP C 46 26.98 -6.63 -43.93
N VAL C 47 25.97 -7.43 -43.62
CA VAL C 47 26.18 -8.61 -42.79
C VAL C 47 27.19 -9.54 -43.46
N ASN C 48 27.13 -9.63 -44.79
CA ASN C 48 28.07 -10.48 -45.51
C ASN C 48 29.48 -10.02 -45.23
N GLU C 49 29.73 -8.75 -45.51
CA GLU C 49 31.04 -8.15 -45.29
C GLU C 49 31.48 -8.38 -43.86
N ALA C 50 30.58 -8.17 -42.92
CA ALA C 50 30.90 -8.35 -41.51
C ALA C 50 31.37 -9.79 -41.28
N LYS C 51 30.71 -10.73 -41.97
CA LYS C 51 31.06 -12.15 -41.85
C LYS C 51 32.41 -12.45 -42.49
N SER C 52 32.63 -11.91 -43.68
CA SER C 52 33.87 -12.12 -44.40
C SER C 52 33.98 -11.15 -45.57
N GLY C 53 34.89 -10.19 -45.47
CA GLY C 53 35.05 -9.23 -46.54
C GLY C 53 35.02 -7.81 -46.03
N GLY C 54 34.69 -7.65 -44.76
CA GLY C 54 34.63 -6.33 -44.15
C GLY C 54 35.09 -6.41 -42.71
N ARG C 55 34.43 -5.68 -41.84
CA ARG C 55 34.79 -5.67 -40.42
C ARG C 55 33.57 -5.69 -39.53
N SER C 56 33.79 -6.05 -38.27
CA SER C 56 32.72 -6.09 -37.29
C SER C 56 32.40 -4.65 -36.88
N ASP C 57 32.71 -3.71 -37.77
CA ASP C 57 32.46 -2.29 -37.53
C ASP C 57 31.14 -1.90 -38.19
N LEU C 58 30.50 -2.89 -38.82
CA LEU C 58 29.23 -2.67 -39.49
C LEU C 58 28.09 -3.09 -38.57
N ILE C 59 28.42 -3.90 -37.57
CA ILE C 59 27.42 -4.38 -36.62
C ILE C 59 26.55 -3.26 -36.05
N PRO C 60 27.15 -2.14 -35.64
CA PRO C 60 26.36 -1.03 -35.09
C PRO C 60 25.33 -0.54 -36.11
N THR C 61 25.74 -0.49 -37.38
CA THR C 61 24.87 -0.05 -38.45
C THR C 61 23.80 -1.12 -38.72
N ILE C 62 24.21 -2.37 -38.58
CA ILE C 62 23.31 -3.50 -38.80
C ILE C 62 22.20 -3.50 -37.75
N LYS C 63 22.56 -3.21 -36.50
CA LYS C 63 21.57 -3.17 -35.43
C LYS C 63 20.64 -2.00 -35.72
N PHE C 64 21.20 -0.88 -36.13
CA PHE C 64 20.41 0.31 -36.44
C PHE C 64 19.35 -0.01 -37.48
N ARG C 65 19.74 -0.72 -38.53
CA ARG C 65 18.82 -1.09 -39.58
C ARG C 65 17.78 -2.07 -39.05
N HIS C 66 18.23 -3.02 -38.23
CA HIS C 66 17.31 -4.01 -37.67
C HIS C 66 16.21 -3.31 -36.85
N CYS C 67 16.62 -2.45 -35.92
CA CYS C 67 15.67 -1.72 -35.10
C CYS C 67 14.68 -0.98 -35.98
N SER C 68 15.19 -0.36 -37.04
CA SER C 68 14.34 0.38 -37.96
C SER C 68 13.32 -0.53 -38.65
N LEU C 69 13.67 -1.80 -38.83
CA LEU C 69 12.76 -2.77 -39.45
C LEU C 69 11.65 -3.11 -38.46
N LEU C 70 12.04 -3.47 -37.23
CA LEU C 70 11.09 -3.81 -36.19
C LEU C 70 10.16 -2.62 -35.92
N ARG C 71 10.70 -1.41 -36.03
CA ARG C 71 9.91 -0.20 -35.79
C ARG C 71 8.86 -0.02 -36.89
N ASN C 72 9.26 -0.14 -38.16
CA ASN C 72 8.31 -0.02 -39.26
C ASN C 72 7.21 -1.09 -39.08
N ARG C 73 7.61 -2.31 -38.77
CA ARG C 73 6.67 -3.40 -38.59
C ARG C 73 5.67 -3.12 -37.44
N ARG C 74 6.16 -2.52 -36.36
CA ARG C 74 5.29 -2.21 -35.22
C ARG C 74 4.25 -1.19 -35.61
N CYS C 75 4.68 -0.15 -36.31
CA CYS C 75 3.80 0.92 -36.76
C CYS C 75 2.71 0.45 -37.74
N THR C 76 3.07 -0.35 -38.74
CA THR C 76 2.06 -0.76 -39.70
C THR C 76 1.03 -1.66 -39.03
N VAL C 77 1.48 -2.68 -38.31
CA VAL C 77 0.56 -3.57 -37.62
C VAL C 77 -0.37 -2.79 -36.67
N ALA C 78 0.22 -1.84 -35.94
CA ALA C 78 -0.56 -1.02 -35.02
C ALA C 78 -1.61 -0.22 -35.80
N TYR C 79 -1.18 0.32 -36.93
CA TYR C 79 -2.04 1.10 -37.81
C TYR C 79 -3.22 0.25 -38.29
N LEU C 80 -2.93 -0.95 -38.76
CA LEU C 80 -3.95 -1.83 -39.29
C LEU C 80 -4.88 -2.36 -38.21
N TYR C 81 -4.33 -2.66 -37.04
CA TYR C 81 -5.14 -3.19 -35.96
C TYR C 81 -6.11 -2.14 -35.46
N ASP C 82 -5.63 -0.92 -35.30
CA ASP C 82 -6.50 0.16 -34.83
C ASP C 82 -7.68 0.37 -35.79
N ARG C 83 -7.42 0.32 -37.09
CA ARG C 83 -8.50 0.50 -38.06
C ARG C 83 -9.57 -0.58 -37.90
N LEU C 84 -9.13 -1.82 -37.64
CA LEU C 84 -10.06 -2.93 -37.43
C LEU C 84 -10.93 -2.69 -36.20
N LEU C 85 -10.33 -2.14 -35.15
CA LEU C 85 -11.07 -1.85 -33.93
C LEU C 85 -12.14 -0.80 -34.15
N ARG C 86 -11.81 0.21 -34.95
CA ARG C 86 -12.74 1.29 -35.26
C ARG C 86 -13.84 0.71 -36.17
N ILE C 87 -13.45 -0.21 -37.04
CA ILE C 87 -14.40 -0.84 -37.96
C ILE C 87 -15.31 -1.79 -37.22
N ARG C 88 -14.76 -2.48 -36.22
CA ARG C 88 -15.55 -3.40 -35.43
C ARG C 88 -16.67 -2.58 -34.77
N ALA C 89 -16.32 -1.36 -34.37
CA ALA C 89 -17.25 -0.46 -33.73
C ALA C 89 -18.43 -0.15 -34.65
N LEU C 90 -18.16 0.00 -35.95
CA LEU C 90 -19.19 0.31 -36.93
C LEU C 90 -20.41 -0.62 -36.87
N ARG C 91 -20.17 -1.92 -36.71
CA ARG C 91 -21.27 -2.89 -36.65
C ARG C 91 -22.25 -2.61 -35.49
N TRP C 92 -21.69 -2.16 -34.36
CA TRP C 92 -22.51 -1.89 -33.19
C TRP C 92 -23.13 -0.51 -33.19
N GLU C 93 -22.59 0.40 -34.00
CA GLU C 93 -23.11 1.77 -34.06
C GLU C 93 -24.00 2.04 -35.27
N TYR C 94 -23.71 1.40 -36.40
CA TYR C 94 -24.50 1.61 -37.61
C TYR C 94 -25.36 0.41 -38.00
N GLY C 95 -24.91 -0.78 -37.62
CA GLY C 95 -25.66 -1.98 -37.98
C GLY C 95 -24.88 -2.81 -38.97
N SER C 96 -25.54 -3.76 -39.62
CA SER C 96 -24.86 -4.62 -40.57
C SER C 96 -24.59 -4.03 -41.96
N ILE C 97 -25.28 -2.96 -42.32
CA ILE C 97 -25.08 -2.34 -43.63
C ILE C 97 -24.41 -0.98 -43.42
N LEU C 98 -23.21 -0.82 -43.95
CA LEU C 98 -22.50 0.43 -43.74
C LEU C 98 -22.79 1.49 -44.80
N PRO C 99 -22.69 2.77 -44.42
CA PRO C 99 -22.94 3.89 -45.32
C PRO C 99 -21.79 4.01 -46.33
N ASN C 100 -22.01 4.74 -47.41
CA ASN C 100 -20.99 4.93 -48.42
C ASN C 100 -19.72 5.54 -47.85
N ALA C 101 -19.88 6.56 -47.02
CA ALA C 101 -18.76 7.28 -46.43
C ALA C 101 -17.75 6.39 -45.71
N LEU C 102 -18.25 5.35 -45.06
CA LEU C 102 -17.37 4.43 -44.36
C LEU C 102 -16.76 3.41 -45.30
N ARG C 103 -17.60 2.76 -46.10
CA ARG C 103 -17.11 1.73 -47.02
C ARG C 103 -16.14 2.26 -48.08
N PHE C 104 -16.26 3.52 -48.46
CA PHE C 104 -15.37 4.10 -49.47
C PHE C 104 -13.99 4.44 -48.92
N HIS C 105 -13.89 4.51 -47.58
CA HIS C 105 -12.61 4.81 -46.94
C HIS C 105 -11.99 3.51 -46.43
N MET C 106 -12.72 2.41 -46.59
CA MET C 106 -12.24 1.10 -46.13
C MET C 106 -11.60 0.35 -47.27
N ALA C 107 -10.60 -0.48 -46.95
CA ALA C 107 -9.94 -1.30 -47.98
C ALA C 107 -10.84 -2.51 -48.22
N ALA C 108 -10.71 -3.10 -49.40
CA ALA C 108 -11.53 -4.27 -49.72
C ALA C 108 -11.35 -5.34 -48.63
N GLU C 109 -10.12 -5.51 -48.20
CA GLU C 109 -9.79 -6.50 -47.17
C GLU C 109 -10.45 -6.15 -45.83
N GLU C 110 -10.53 -4.87 -45.49
CA GLU C 110 -11.19 -4.47 -44.25
C GLU C 110 -12.70 -4.78 -44.34
N MET C 111 -13.28 -4.60 -45.53
CA MET C 111 -14.71 -4.87 -45.74
C MET C 111 -14.95 -6.35 -45.52
N GLU C 112 -13.99 -7.16 -45.96
CA GLU C 112 -14.10 -8.60 -45.79
C GLU C 112 -13.98 -8.99 -44.33
N TRP C 113 -13.09 -8.32 -43.60
CA TRP C 113 -12.93 -8.59 -42.17
C TRP C 113 -14.26 -8.27 -41.49
N PHE C 114 -14.85 -7.12 -41.84
CA PHE C 114 -16.13 -6.70 -41.29
C PHE C 114 -17.21 -7.75 -41.55
N ASN C 115 -17.32 -8.21 -42.79
CA ASN C 115 -18.34 -9.21 -43.13
C ASN C 115 -18.12 -10.54 -42.40
N ASN C 116 -16.86 -10.97 -42.30
CA ASN C 116 -16.56 -12.21 -41.60
C ASN C 116 -17.01 -12.04 -40.16
N TYR C 117 -16.76 -10.85 -39.64
CA TYR C 117 -17.13 -10.51 -38.27
C TYR C 117 -18.63 -10.51 -38.03
N LYS C 118 -19.37 -9.81 -38.89
CA LYS C 118 -20.82 -9.77 -38.69
C LYS C 118 -21.47 -11.14 -38.92
N ARG C 119 -20.87 -11.95 -39.77
CA ARG C 119 -21.39 -13.30 -40.03
C ARG C 119 -21.19 -14.14 -38.77
N SER C 120 -20.05 -13.94 -38.09
CA SER C 120 -19.78 -14.69 -36.86
C SER C 120 -20.69 -14.22 -35.72
N LEU C 121 -20.95 -12.92 -35.67
CA LEU C 121 -21.80 -12.38 -34.62
C LEU C 121 -23.23 -12.88 -34.83
N ALA C 122 -23.65 -12.96 -36.09
CA ALA C 122 -24.99 -13.42 -36.40
C ALA C 122 -25.15 -14.86 -35.93
N THR C 123 -24.11 -15.64 -36.12
CA THR C 123 -24.12 -17.05 -35.71
C THR C 123 -24.13 -17.15 -34.19
N TYR C 124 -23.33 -16.33 -33.53
CA TYR C 124 -23.30 -16.37 -32.08
C TYR C 124 -24.68 -16.01 -31.55
N MET C 125 -25.23 -14.84 -31.94
CA MET C 125 -26.52 -14.35 -31.46
C MET C 125 -27.67 -15.33 -31.75
N ARG C 126 -27.57 -16.06 -32.85
CA ARG C 126 -28.60 -17.02 -33.21
C ARG C 126 -28.58 -18.31 -32.39
N SER C 127 -27.40 -18.68 -31.89
CA SER C 127 -27.29 -19.90 -31.11
C SER C 127 -27.74 -19.65 -29.69
N LEU C 128 -27.77 -18.38 -29.29
CA LEU C 128 -28.21 -18.00 -27.98
C LEU C 128 -29.67 -18.44 -27.67
N GLY C 129 -30.67 -18.12 -28.51
CA GLY C 129 -32.07 -18.42 -28.13
C GLY C 129 -32.85 -19.27 -29.12
N GLY C 130 -33.18 -20.48 -28.70
CA GLY C 130 -33.90 -21.40 -29.56
C GLY C 130 -33.18 -21.52 -30.90
N ASP C 131 -33.94 -21.51 -31.99
CA ASP C 131 -33.40 -21.63 -33.37
C ASP C 131 -32.85 -20.30 -33.83
N GLU C 132 -33.47 -19.22 -33.42
CA GLU C 132 -33.05 -17.86 -33.77
C GLU C 132 -33.46 -16.93 -32.63
N GLY C 133 -32.57 -16.81 -31.63
CA GLY C 133 -33.00 -16.03 -30.51
C GLY C 133 -31.97 -15.13 -29.84
N LEU C 134 -32.46 -13.91 -29.60
CA LEU C 134 -31.77 -12.82 -28.91
C LEU C 134 -30.74 -12.05 -29.74
N ASP C 135 -31.18 -10.92 -30.27
CA ASP C 135 -30.34 -10.02 -31.01
C ASP C 135 -29.79 -9.06 -29.97
N ILE C 136 -28.59 -9.33 -29.45
CA ILE C 136 -28.04 -8.45 -28.43
C ILE C 136 -27.51 -7.14 -28.99
N THR C 137 -27.94 -6.82 -30.20
CA THR C 137 -27.56 -5.56 -30.86
C THR C 137 -28.65 -4.54 -30.52
N GLN C 138 -29.78 -5.04 -30.05
CA GLN C 138 -30.91 -4.22 -29.64
C GLN C 138 -30.81 -4.04 -28.12
N ASP C 139 -31.75 -3.32 -27.53
CA ASP C 139 -31.72 -3.10 -26.09
C ASP C 139 -30.34 -2.64 -25.64
N MET C 140 -29.76 -1.71 -26.40
CA MET C 140 -28.44 -1.18 -26.06
C MET C 140 -28.53 -0.35 -24.78
N LYS C 141 -29.69 0.21 -24.50
CA LYS C 141 -29.90 1.03 -23.31
C LYS C 141 -30.98 0.48 -22.38
N PRO C 142 -30.87 0.75 -21.07
CA PRO C 142 -31.86 0.28 -20.10
C PRO C 142 -33.30 0.67 -20.49
N PRO C 143 -34.24 -0.26 -20.36
CA PRO C 143 -35.65 0.03 -20.71
C PRO C 143 -36.26 1.11 -19.81
N LYS C 144 -36.90 2.09 -20.43
CA LYS C 144 -37.53 3.18 -19.69
C LYS C 144 -38.79 3.67 -20.40
N SER C 145 -39.95 3.20 -19.93
CA SER C 145 -41.25 3.58 -20.51
C SER C 145 -41.93 4.67 -19.69
N SER D 6 -16.94 5.10 -31.66
CA SER D 6 -17.17 5.89 -30.43
C SER D 6 -17.31 4.99 -29.19
N GLU D 7 -18.54 4.55 -28.93
CA GLU D 7 -18.82 3.68 -27.78
C GLU D 7 -18.26 2.27 -27.89
N ALA D 8 -18.31 1.70 -29.09
CA ALA D 8 -17.83 0.34 -29.33
C ALA D 8 -16.37 0.26 -29.80
N TYR D 9 -15.69 1.41 -29.86
CA TYR D 9 -14.30 1.46 -30.29
C TYR D 9 -13.38 1.33 -29.08
N PHE D 10 -12.75 0.23 -28.96
CA PHE D 10 -11.93 -0.01 -27.83
C PHE D 10 -10.48 -0.12 -28.25
N ARG D 11 -9.82 1.02 -28.40
CA ARG D 11 -8.43 1.13 -28.77
C ARG D 11 -7.49 0.52 -27.74
N VAL D 12 -6.27 0.23 -28.16
CA VAL D 12 -5.28 -0.33 -27.27
C VAL D 12 -4.75 0.82 -26.40
N GLU D 13 -4.77 0.61 -25.10
CA GLU D 13 -4.31 1.64 -24.17
C GLU D 13 -2.80 1.65 -23.96
N SER D 14 -2.28 2.78 -23.47
CA SER D 14 -0.86 2.90 -23.22
C SER D 14 -0.40 1.93 -22.15
N GLY D 15 0.87 1.56 -22.21
CA GLY D 15 1.44 0.65 -21.22
C GLY D 15 2.77 1.19 -20.73
N ALA D 16 3.07 2.41 -21.16
CA ALA D 16 4.31 3.12 -20.83
C ALA D 16 4.68 3.18 -19.35
N LEU D 17 3.68 3.22 -18.47
CA LEU D 17 3.94 3.29 -17.03
C LEU D 17 4.39 1.96 -16.45
N GLY D 18 4.20 0.87 -17.20
CA GLY D 18 4.60 -0.44 -16.72
C GLY D 18 5.97 -0.85 -17.21
N PRO D 19 6.34 -2.13 -17.05
CA PRO D 19 7.65 -2.63 -17.48
C PRO D 19 8.00 -2.09 -18.87
N GLU D 20 7.11 -2.33 -19.84
CA GLU D 20 7.32 -1.83 -21.20
C GLU D 20 6.02 -1.37 -21.82
N GLU D 21 6.11 -0.62 -22.91
CA GLU D 21 4.92 -0.11 -23.57
C GLU D 21 4.13 -1.20 -24.26
N ASN D 22 2.89 -0.88 -24.65
CA ASN D 22 2.06 -1.85 -25.36
C ASN D 22 2.35 -1.72 -26.84
N PHE D 23 2.70 -2.84 -27.44
CA PHE D 23 3.05 -2.91 -28.86
C PHE D 23 2.11 -2.18 -29.80
N LEU D 24 0.82 -2.40 -29.64
CA LEU D 24 -0.19 -1.80 -30.50
C LEU D 24 -0.74 -0.45 -30.07
N SER D 25 -0.23 0.07 -28.95
CA SER D 25 -0.69 1.35 -28.44
C SER D 25 -0.22 2.53 -29.28
N LEU D 26 -1.13 3.17 -30.03
CA LEU D 26 -0.76 4.32 -30.84
C LEU D 26 -0.09 5.39 -30.00
N ASP D 27 -0.59 5.57 -28.77
CA ASP D 27 -0.03 6.57 -27.89
C ASP D 27 1.41 6.27 -27.49
N ASP D 28 1.74 5.00 -27.28
CA ASP D 28 3.10 4.63 -26.91
C ASP D 28 4.04 4.83 -28.11
N ILE D 29 3.51 4.57 -29.31
CA ILE D 29 4.29 4.73 -30.52
C ILE D 29 4.64 6.21 -30.70
N LEU D 30 3.69 7.09 -30.37
CA LEU D 30 3.93 8.53 -30.46
C LEU D 30 4.93 8.97 -29.39
N MET D 31 4.78 8.40 -28.21
CA MET D 31 5.67 8.71 -27.10
C MET D 31 7.09 8.27 -27.41
N SER D 32 7.25 7.08 -27.97
CA SER D 32 8.59 6.57 -28.26
C SER D 32 9.26 7.22 -29.48
N HIS D 33 8.55 8.16 -30.11
CA HIS D 33 9.09 8.86 -31.26
C HIS D 33 9.86 10.08 -30.78
N GLU D 34 9.58 10.50 -29.55
CA GLU D 34 10.24 11.64 -28.94
C GLU D 34 11.72 11.36 -28.77
N LYS D 35 12.53 12.40 -28.92
CA LYS D 35 13.98 12.27 -28.83
C LYS D 35 14.58 12.50 -27.46
N LEU D 36 15.77 11.92 -27.25
CA LEU D 36 16.50 12.10 -26.01
C LEU D 36 17.98 12.20 -26.34
N PRO D 37 18.72 13.00 -25.55
CA PRO D 37 20.16 13.20 -25.77
C PRO D 37 20.96 11.91 -25.64
N VAL D 38 21.85 11.68 -26.60
CA VAL D 38 22.70 10.49 -26.59
C VAL D 38 24.10 10.87 -27.07
N ARG D 39 25.07 10.02 -26.76
CA ARG D 39 26.46 10.25 -27.14
C ARG D 39 27.03 8.94 -27.68
N THR D 40 27.51 8.99 -28.92
CA THR D 40 28.07 7.81 -29.56
C THR D 40 29.29 7.29 -28.83
N GLU D 41 29.41 5.97 -28.77
CA GLU D 41 30.52 5.34 -28.10
C GLU D 41 31.27 4.42 -29.06
N THR D 42 31.08 4.66 -30.35
CA THR D 42 31.72 3.87 -31.39
C THR D 42 31.53 4.57 -32.73
N ALA D 43 31.82 3.87 -33.82
CA ALA D 43 31.66 4.45 -35.14
C ALA D 43 30.53 3.73 -35.84
N MET D 44 29.68 4.50 -36.52
CA MET D 44 28.55 3.91 -37.23
C MET D 44 28.63 4.20 -38.73
N PRO D 45 29.22 3.27 -39.48
CA PRO D 45 29.39 3.36 -40.94
C PRO D 45 28.06 3.49 -41.69
N ARG D 46 28.12 4.06 -42.89
CA ARG D 46 26.94 4.26 -43.73
C ARG D 46 25.85 5.13 -43.11
N LEU D 47 25.85 5.24 -41.80
CA LEU D 47 24.82 6.02 -41.11
C LEU D 47 25.27 7.44 -40.79
N GLY D 48 26.32 7.90 -41.48
CA GLY D 48 26.83 9.23 -41.23
C GLY D 48 25.97 10.37 -41.76
N ALA D 49 25.17 10.11 -42.79
CA ALA D 49 24.33 11.14 -43.38
C ALA D 49 23.32 11.72 -42.40
N PHE D 50 23.69 11.72 -41.12
CA PHE D 50 22.83 12.24 -40.06
C PHE D 50 21.44 11.63 -40.15
N PHE D 51 21.35 10.42 -40.69
CA PHE D 51 20.07 9.74 -40.83
C PHE D 51 20.03 8.48 -39.97
N ALA D 58 33.50 7.73 -48.66
CA ALA D 58 34.69 8.52 -48.33
C ALA D 58 35.10 8.30 -46.87
N GLU D 59 34.56 9.11 -45.97
CA GLU D 59 34.86 9.03 -44.55
C GLU D 59 34.40 7.70 -43.95
N THR D 60 35.26 6.69 -44.02
CA THR D 60 34.96 5.37 -43.48
C THR D 60 33.61 4.86 -43.99
N ASP D 61 33.38 5.05 -45.29
CA ASP D 61 32.13 4.62 -45.91
C ASP D 61 30.96 5.41 -45.31
N ASN D 62 31.24 6.64 -44.91
CA ASN D 62 30.24 7.52 -44.33
C ASN D 62 29.79 7.04 -42.95
N ALA D 63 30.72 7.06 -42.00
CA ALA D 63 30.43 6.61 -40.63
C ALA D 63 30.25 7.77 -39.65
N VAL D 64 29.60 7.47 -38.53
CA VAL D 64 29.38 8.48 -37.50
C VAL D 64 30.51 8.46 -36.49
N PRO D 65 31.16 9.61 -36.30
CA PRO D 65 32.28 9.74 -35.36
C PRO D 65 31.95 9.25 -33.97
N GLN D 66 32.86 8.48 -33.39
CA GLN D 66 32.67 7.97 -32.04
C GLN D 66 32.60 9.21 -31.15
N GLY D 67 31.80 9.14 -30.09
CA GLY D 67 31.67 10.28 -29.19
C GLY D 67 30.87 11.41 -29.80
N SER D 68 29.87 11.06 -30.62
CA SER D 68 29.03 12.06 -31.24
C SER D 68 27.74 12.25 -30.46
N LYS D 69 27.42 13.50 -30.14
CA LYS D 69 26.20 13.79 -29.39
C LYS D 69 25.04 13.87 -30.38
N LEU D 70 23.99 13.09 -30.15
CA LEU D 70 22.85 13.08 -31.05
C LEU D 70 21.50 13.08 -30.34
N GLU D 71 20.47 13.50 -31.08
CA GLU D 71 19.10 13.51 -30.60
C GLU D 71 18.40 12.35 -31.29
N LEU D 72 18.28 11.22 -30.60
CA LEU D 72 17.64 10.05 -31.19
C LEU D 72 16.26 9.76 -30.63
N PRO D 73 15.38 9.17 -31.47
CA PRO D 73 14.02 8.83 -31.02
C PRO D 73 14.19 7.79 -29.92
N LEU D 74 13.33 7.85 -28.90
CA LEU D 74 13.42 6.91 -27.80
C LEU D 74 13.52 5.45 -28.24
N TRP D 75 12.65 5.02 -29.15
CA TRP D 75 12.68 3.63 -29.61
C TRP D 75 14.04 3.19 -30.13
N LEU D 76 14.71 4.07 -30.88
CA LEU D 76 16.01 3.74 -31.45
C LEU D 76 17.04 3.57 -30.33
N ALA D 77 17.13 4.57 -29.46
CA ALA D 77 18.07 4.50 -28.33
C ALA D 77 17.81 3.22 -27.52
N LYS D 78 16.55 2.89 -27.30
CA LYS D 78 16.22 1.68 -26.56
C LYS D 78 16.85 0.48 -27.28
N GLY D 79 16.68 0.44 -28.60
CA GLY D 79 17.21 -0.65 -29.37
C GLY D 79 18.72 -0.71 -29.45
N LEU D 80 19.37 0.45 -29.42
CA LEU D 80 20.82 0.51 -29.51
C LEU D 80 21.51 0.45 -28.15
N PHE D 81 20.78 0.74 -27.08
CA PHE D 81 21.35 0.75 -25.74
C PHE D 81 21.73 -0.61 -25.16
N ASP D 82 22.70 -0.56 -24.24
CA ASP D 82 23.24 -1.71 -23.52
C ASP D 82 23.97 -1.16 -22.29
N ASN D 83 23.76 -1.80 -21.14
CA ASN D 83 24.38 -1.36 -19.89
C ASN D 83 25.88 -1.10 -20.00
N LYS D 84 26.58 -1.96 -20.73
CA LYS D 84 28.02 -1.82 -20.93
C LYS D 84 28.31 -0.47 -21.60
N ARG D 85 27.29 0.11 -22.20
CA ARG D 85 27.40 1.41 -22.87
C ARG D 85 28.41 1.36 -24.01
N ARG D 86 28.35 0.30 -24.81
CA ARG D 86 29.29 0.17 -25.93
C ARG D 86 28.84 0.95 -27.17
N ILE D 87 27.60 0.79 -27.60
CA ILE D 87 27.14 1.52 -28.77
C ILE D 87 26.95 2.99 -28.45
N LEU D 88 26.18 3.29 -27.40
CA LEU D 88 25.95 4.67 -27.04
C LEU D 88 25.61 4.86 -25.56
N SER D 89 25.59 6.13 -25.15
CA SER D 89 25.26 6.51 -23.78
C SER D 89 24.18 7.59 -23.90
N VAL D 90 23.24 7.59 -22.97
CA VAL D 90 22.17 8.59 -23.02
C VAL D 90 22.22 9.60 -21.88
N GLU D 91 21.76 10.81 -22.18
CA GLU D 91 21.71 11.89 -21.22
C GLU D 91 20.24 12.08 -20.87
N LEU D 92 19.96 12.59 -19.68
CA LEU D 92 18.59 12.81 -19.25
C LEU D 92 18.06 14.15 -19.73
N PRO D 93 16.85 14.18 -20.31
CA PRO D 93 16.30 15.45 -20.77
C PRO D 93 16.20 16.36 -19.55
N LYS D 94 16.27 17.67 -19.75
CA LYS D 94 16.21 18.66 -18.67
C LYS D 94 15.06 18.48 -17.68
N ILE D 95 13.86 18.24 -18.21
CA ILE D 95 12.66 18.07 -17.39
C ILE D 95 12.78 16.98 -16.31
N TYR D 96 13.80 16.12 -16.41
CA TYR D 96 14.01 15.08 -15.42
C TYR D 96 15.27 15.27 -14.57
N GLN D 97 16.00 16.36 -14.81
CA GLN D 97 17.22 16.61 -14.04
C GLN D 97 16.97 17.35 -12.74
N GLU D 98 18.04 17.58 -12.00
CA GLU D 98 17.98 18.25 -10.71
C GLU D 98 17.12 19.52 -10.74
N GLY D 99 17.44 20.42 -11.67
CA GLY D 99 16.71 21.67 -11.80
C GLY D 99 15.20 21.58 -11.73
N TRP D 100 14.57 21.00 -12.75
CA TRP D 100 13.11 20.87 -12.78
C TRP D 100 12.58 20.01 -11.64
N ARG D 101 13.35 19.01 -11.23
CA ARG D 101 12.96 18.12 -10.15
C ARG D 101 12.71 18.95 -8.88
N THR D 102 13.52 19.99 -8.71
CA THR D 102 13.40 20.88 -7.57
C THR D 102 12.11 21.69 -7.66
N VAL D 103 11.80 22.20 -8.85
CA VAL D 103 10.58 22.97 -9.06
C VAL D 103 9.35 22.08 -8.86
N PHE D 104 9.41 20.85 -9.38
CA PHE D 104 8.28 19.92 -9.23
C PHE D 104 8.05 19.65 -7.75
N SER D 105 9.16 19.54 -7.01
CA SER D 105 9.12 19.25 -5.59
C SER D 105 8.52 20.39 -4.76
N ALA D 106 8.79 21.64 -5.14
CA ALA D 106 8.23 22.77 -4.39
C ALA D 106 6.71 22.83 -4.59
N ASP D 107 6.26 22.77 -5.84
CA ASP D 107 4.83 22.77 -6.17
C ASP D 107 4.69 22.31 -7.61
N PRO D 108 4.17 21.10 -7.82
CA PRO D 108 3.95 20.44 -9.11
C PRO D 108 2.92 21.11 -10.03
N ASN D 109 1.99 21.85 -9.44
CA ASN D 109 0.92 22.49 -10.22
C ASN D 109 1.33 23.63 -11.15
N VAL D 110 2.49 24.25 -10.89
CA VAL D 110 2.92 25.37 -11.71
C VAL D 110 3.45 24.97 -13.08
N VAL D 111 4.00 23.77 -13.18
CA VAL D 111 4.57 23.30 -14.43
C VAL D 111 3.57 23.01 -15.56
N ASP D 112 4.00 23.24 -16.79
CA ASP D 112 3.14 22.96 -17.93
C ASP D 112 3.65 21.65 -18.51
N LEU D 113 3.02 20.55 -18.12
CA LEU D 113 3.44 19.24 -18.58
C LEU D 113 3.11 18.95 -20.04
N HIS D 114 2.27 19.78 -20.64
CA HIS D 114 1.95 19.58 -22.05
C HIS D 114 3.15 20.06 -22.85
N LYS D 115 3.58 21.28 -22.53
CA LYS D 115 4.71 21.94 -23.18
C LYS D 115 6.04 21.24 -22.88
N MET D 116 6.24 20.87 -21.62
CA MET D 116 7.47 20.21 -21.23
C MET D 116 7.37 18.68 -21.39
N GLY D 117 6.19 18.22 -21.78
CA GLY D 117 5.99 16.79 -21.98
C GLY D 117 5.98 16.46 -23.46
N PRO D 118 4.84 16.04 -24.05
CA PRO D 118 3.52 15.86 -23.43
C PRO D 118 3.30 14.48 -22.81
N HIS D 119 4.34 13.66 -22.81
CA HIS D 119 4.24 12.33 -22.22
C HIS D 119 5.20 12.28 -21.04
N PHE D 120 5.04 13.24 -20.13
CA PHE D 120 5.88 13.34 -18.95
C PHE D 120 6.10 12.04 -18.19
N TYR D 121 5.00 11.43 -17.73
CA TYR D 121 5.10 10.20 -16.96
C TYR D 121 5.53 8.96 -17.74
N GLY D 122 5.00 8.82 -18.95
CA GLY D 122 5.32 7.68 -19.77
C GLY D 122 6.73 7.67 -20.30
N PHE D 123 7.22 8.82 -20.75
CA PHE D 123 8.59 8.89 -21.25
C PHE D 123 9.48 8.64 -20.03
N GLY D 124 9.13 9.30 -18.92
CA GLY D 124 9.88 9.16 -17.67
C GLY D 124 10.02 7.72 -17.19
N SER D 125 8.95 6.94 -17.29
CA SER D 125 9.00 5.55 -16.85
C SER D 125 9.94 4.74 -17.73
N GLN D 126 9.75 4.86 -19.04
CA GLN D 126 10.59 4.14 -20.00
C GLN D 126 12.04 4.59 -19.95
N LEU D 127 12.25 5.82 -19.50
CA LEU D 127 13.59 6.39 -19.38
C LEU D 127 14.35 5.64 -18.29
N LEU D 128 13.61 5.03 -17.39
CA LEU D 128 14.24 4.28 -16.30
C LEU D 128 15.06 3.10 -16.84
N HIS D 129 14.75 2.67 -18.06
CA HIS D 129 15.46 1.55 -18.68
C HIS D 129 16.94 1.78 -18.97
N PHE D 130 17.40 3.03 -18.84
CA PHE D 130 18.80 3.32 -19.14
C PHE D 130 19.77 3.30 -17.95
N ASP D 131 19.33 2.72 -16.85
CA ASP D 131 20.16 2.62 -15.65
C ASP D 131 20.90 3.90 -15.29
N SER D 132 20.21 5.02 -15.25
CA SER D 132 20.86 6.27 -14.85
C SER D 132 21.09 6.21 -13.35
N PRO D 133 22.20 6.77 -12.86
CA PRO D 133 22.47 6.74 -11.43
C PRO D 133 21.32 7.38 -10.66
N GLU D 134 20.70 8.39 -11.25
CA GLU D 134 19.60 9.08 -10.59
C GLU D 134 18.22 8.51 -10.85
N ASN D 135 18.15 7.24 -11.23
CA ASN D 135 16.88 6.59 -11.50
C ASN D 135 15.92 6.69 -10.33
N ALA D 136 16.45 6.60 -9.11
CA ALA D 136 15.64 6.67 -7.91
C ALA D 136 15.08 8.09 -7.74
N ASP D 137 15.86 9.07 -8.14
CA ASP D 137 15.43 10.46 -8.05
C ASP D 137 14.35 10.70 -9.12
N ILE D 138 14.57 10.17 -10.32
CA ILE D 138 13.63 10.33 -11.42
C ILE D 138 12.31 9.68 -11.04
N SER D 139 12.37 8.44 -10.56
CA SER D 139 11.18 7.70 -10.18
C SER D 139 10.33 8.40 -9.11
N GLN D 140 10.96 8.80 -8.01
CA GLN D 140 10.24 9.45 -6.93
C GLN D 140 9.63 10.75 -7.40
N SER D 141 10.32 11.43 -8.30
CA SER D 141 9.84 12.70 -8.83
C SER D 141 8.55 12.51 -9.64
N LEU D 142 8.49 11.42 -10.41
CA LEU D 142 7.32 11.11 -11.21
C LEU D 142 6.07 10.93 -10.34
N LEU D 143 6.19 10.09 -9.31
CA LEU D 143 5.09 9.81 -8.40
C LEU D 143 4.63 11.02 -7.59
N GLN D 144 5.59 11.75 -7.01
CA GLN D 144 5.26 12.92 -6.20
C GLN D 144 4.58 14.00 -7.04
N THR D 145 5.01 14.13 -8.29
CA THR D 145 4.43 15.12 -9.18
C THR D 145 2.96 14.81 -9.46
N PHE D 146 2.64 13.53 -9.66
CA PHE D 146 1.27 13.14 -9.91
C PHE D 146 0.47 13.32 -8.61
N ILE D 147 1.07 12.93 -7.49
CA ILE D 147 0.35 13.09 -6.22
C ILE D 147 0.03 14.56 -5.96
N GLY D 148 0.99 15.44 -6.24
CA GLY D 148 0.76 16.85 -6.01
C GLY D 148 -0.20 17.51 -6.99
N ARG D 149 -0.43 16.87 -8.13
CA ARG D 149 -1.33 17.42 -9.15
C ARG D 149 -2.72 16.77 -9.17
N PHE D 150 -2.83 15.64 -8.49
CA PHE D 150 -4.09 14.89 -8.42
C PHE D 150 -5.34 15.72 -8.15
N ARG D 151 -5.33 16.48 -7.06
CA ARG D 151 -6.49 17.27 -6.67
C ARG D 151 -6.96 18.31 -7.68
N ARG D 152 -6.02 19.02 -8.29
CA ARG D 152 -6.39 20.05 -9.25
C ARG D 152 -7.03 19.44 -10.49
N ILE D 153 -6.60 18.24 -10.86
CA ILE D 153 -7.17 17.57 -12.01
C ILE D 153 -8.60 17.08 -11.70
N MET D 154 -8.76 16.44 -10.55
CA MET D 154 -10.07 15.94 -10.16
C MET D 154 -11.06 17.11 -10.01
N ASP D 155 -10.61 18.17 -9.35
CA ASP D 155 -11.43 19.36 -9.15
C ASP D 155 -11.97 19.95 -10.45
N SER D 156 -11.10 20.18 -11.41
CA SER D 156 -11.53 20.78 -12.67
C SER D 156 -12.29 19.80 -13.56
N SER D 157 -11.92 18.53 -13.53
CA SER D 157 -12.64 17.55 -14.34
C SER D 157 -14.10 17.46 -13.86
N GLN D 158 -14.35 17.79 -12.60
CA GLN D 158 -15.71 17.73 -12.11
C GLN D 158 -16.30 19.13 -11.99
N ASN D 159 -15.56 20.11 -12.52
CA ASN D 159 -15.97 21.51 -12.50
C ASN D 159 -16.45 21.96 -11.13
N ALA D 160 -15.64 21.71 -10.12
CA ALA D 160 -15.99 22.07 -8.74
C ALA D 160 -16.15 23.57 -8.53
N TYR D 161 -15.44 24.38 -9.30
CA TYR D 161 -15.50 25.83 -9.12
C TYR D 161 -16.12 26.62 -10.28
N ASN D 162 -16.79 25.94 -11.19
CA ASN D 162 -17.43 26.58 -12.34
C ASN D 162 -16.47 27.52 -13.07
N GLU D 163 -15.29 27.01 -13.43
CA GLU D 163 -14.30 27.82 -14.13
C GLU D 163 -13.87 27.20 -15.46
N ASP D 164 -13.23 27.99 -16.31
CA ASP D 164 -12.77 27.52 -17.62
C ASP D 164 -11.68 26.46 -17.49
N THR D 165 -12.02 25.24 -17.84
CA THR D 165 -11.10 24.12 -17.75
C THR D 165 -10.12 24.05 -18.92
N SER D 166 -10.53 24.61 -20.06
CA SER D 166 -9.69 24.61 -21.25
C SER D 166 -8.26 25.04 -20.95
N ALA D 167 -8.12 26.05 -20.10
CA ALA D 167 -6.81 26.57 -19.71
C ALA D 167 -6.02 25.59 -18.85
N LEU D 168 -6.71 24.84 -18.00
CA LEU D 168 -6.03 23.87 -17.15
C LEU D 168 -5.64 22.65 -17.97
N VAL D 169 -6.57 22.18 -18.79
CA VAL D 169 -6.34 21.02 -19.65
C VAL D 169 -5.16 21.23 -20.60
N ALA D 170 -4.91 22.47 -20.98
CA ALA D 170 -3.81 22.77 -21.90
C ALA D 170 -2.42 22.58 -21.29
N ARG D 171 -2.36 22.56 -19.96
CA ARG D 171 -1.09 22.41 -19.26
C ARG D 171 -0.92 21.01 -18.66
N LEU D 172 -1.80 20.10 -19.06
CA LEU D 172 -1.75 18.74 -18.58
C LEU D 172 -1.04 17.84 -19.58
N ASP D 173 -0.30 16.87 -19.09
CA ASP D 173 0.39 15.91 -19.94
C ASP D 173 -0.69 14.96 -20.48
N GLU D 174 -0.34 14.10 -21.43
CA GLU D 174 -1.32 13.18 -22.01
C GLU D 174 -2.04 12.24 -21.03
N MET D 175 -1.32 11.73 -20.03
CA MET D 175 -1.94 10.82 -19.05
C MET D 175 -3.00 11.59 -18.25
N GLU D 176 -2.63 12.79 -17.81
CA GLU D 176 -3.50 13.64 -17.02
C GLU D 176 -4.75 14.03 -17.82
N ARG D 177 -4.57 14.31 -19.11
CA ARG D 177 -5.70 14.67 -19.93
C ARG D 177 -6.73 13.53 -20.00
N GLY D 178 -6.24 12.29 -20.08
CA GLY D 178 -7.14 11.15 -20.12
C GLY D 178 -7.90 11.10 -18.80
N LEU D 179 -7.18 11.24 -17.69
CA LEU D 179 -7.80 11.24 -16.37
C LEU D 179 -8.87 12.31 -16.36
N PHE D 180 -8.53 13.47 -16.91
CA PHE D 180 -9.47 14.57 -16.97
C PHE D 180 -10.73 14.16 -17.71
N GLN D 181 -10.54 13.43 -18.83
CA GLN D 181 -11.64 12.95 -19.65
C GLN D 181 -12.58 12.05 -18.85
N THR D 182 -12.01 11.05 -18.21
CA THR D 182 -12.80 10.13 -17.39
C THR D 182 -13.64 10.89 -16.38
N GLY D 183 -13.00 11.77 -15.61
CA GLY D 183 -13.73 12.55 -14.63
C GLY D 183 -14.86 13.35 -15.25
N GLN D 184 -14.58 14.00 -16.37
CA GLN D 184 -15.59 14.79 -17.06
C GLN D 184 -16.74 13.94 -17.60
N LYS D 185 -16.40 12.83 -18.23
CA LYS D 185 -17.39 11.92 -18.79
C LYS D 185 -18.34 11.43 -17.70
N GLY D 186 -17.75 11.04 -16.56
CA GLY D 186 -18.54 10.54 -15.46
C GLY D 186 -19.54 11.57 -14.97
N LEU D 187 -19.10 12.80 -14.79
CA LEU D 187 -19.97 13.85 -14.31
C LEU D 187 -21.04 14.25 -15.33
N ASN D 188 -20.65 14.42 -16.59
CA ASN D 188 -21.60 14.82 -17.62
C ASN D 188 -22.66 13.75 -17.83
N ASP D 189 -22.26 12.48 -17.72
CA ASP D 189 -23.21 11.38 -17.86
C ASP D 189 -24.25 11.49 -16.75
N PHE D 190 -23.79 11.83 -15.54
CA PHE D 190 -24.68 11.97 -14.39
C PHE D 190 -25.65 13.14 -14.55
N GLN D 191 -25.15 14.24 -15.10
CA GLN D 191 -25.96 15.44 -15.29
C GLN D 191 -26.98 15.32 -16.40
N CYS D 192 -26.72 14.46 -17.38
CA CYS D 192 -27.67 14.24 -18.47
C CYS D 192 -28.78 13.35 -17.95
N TRP D 193 -28.39 12.35 -17.17
CA TRP D 193 -29.37 11.44 -16.59
C TRP D 193 -30.30 12.24 -15.69
N GLU D 194 -29.71 12.98 -14.76
CA GLU D 194 -30.45 13.80 -13.80
C GLU D 194 -31.44 14.76 -14.49
N LYS D 195 -31.24 14.95 -15.79
CA LYS D 195 -32.10 15.83 -16.59
C LYS D 195 -32.70 15.01 -17.73
N GLY D 196 -33.49 13.99 -17.38
CA GLY D 196 -34.09 13.16 -18.41
C GLY D 196 -35.58 13.35 -18.57
N GLN D 197 -36.00 14.62 -18.64
CA GLN D 197 -37.41 14.99 -18.79
C GLN D 197 -38.18 14.78 -17.48
N MET E 7 19.11 0.13 13.69
CA MET E 7 20.19 0.13 12.64
C MET E 7 19.74 -0.70 11.44
N ASP E 8 20.00 -0.22 10.23
CA ASP E 8 19.60 -0.98 9.05
C ASP E 8 20.83 -1.41 8.28
N ALA E 9 20.62 -2.24 7.27
CA ALA E 9 21.71 -2.75 6.46
C ALA E 9 22.56 -1.62 5.89
N ALA E 10 21.90 -0.54 5.44
CA ALA E 10 22.60 0.60 4.86
C ALA E 10 23.62 1.17 5.85
N GLU E 11 23.24 1.29 7.12
CA GLU E 11 24.13 1.83 8.14
C GLU E 11 25.28 0.87 8.48
N VAL E 12 25.04 -0.43 8.35
CA VAL E 12 26.10 -1.41 8.63
C VAL E 12 27.15 -1.28 7.51
N GLU E 13 26.67 -1.09 6.29
CA GLU E 13 27.55 -0.91 5.13
C GLU E 13 28.38 0.37 5.30
N PHE E 14 27.73 1.41 5.80
CA PHE E 14 28.38 2.70 6.05
C PHE E 14 29.63 2.46 6.88
N LEU E 15 29.51 1.61 7.90
CA LEU E 15 30.64 1.30 8.74
C LEU E 15 31.65 0.45 8.01
N ALA E 16 31.15 -0.45 7.17
CA ALA E 16 32.03 -1.31 6.40
C ALA E 16 32.89 -0.45 5.46
N GLU E 17 32.34 0.68 5.03
CA GLU E 17 33.04 1.58 4.12
C GLU E 17 34.29 2.22 4.70
N LYS E 18 34.49 2.08 6.00
CA LYS E 18 35.67 2.64 6.64
C LYS E 18 36.83 1.66 6.53
N GLU E 19 36.53 0.45 6.08
CA GLU E 19 37.54 -0.58 5.92
C GLU E 19 38.50 -0.17 4.80
N LEU E 20 39.79 -0.34 5.03
CA LEU E 20 40.82 0.02 4.06
C LEU E 20 40.98 -0.98 2.92
N VAL E 21 41.26 -0.47 1.73
CA VAL E 21 41.47 -1.31 0.56
C VAL E 21 42.61 -0.70 -0.25
N THR E 22 43.38 -1.54 -0.93
CA THR E 22 44.50 -1.05 -1.72
C THR E 22 44.06 -0.78 -3.15
N ILE E 23 44.43 0.39 -3.67
CA ILE E 23 44.09 0.74 -5.05
C ILE E 23 45.32 1.17 -5.83
N ILE E 24 45.14 1.28 -7.14
CA ILE E 24 46.20 1.70 -8.04
C ILE E 24 45.69 2.88 -8.85
N PRO E 25 46.06 4.10 -8.43
CA PRO E 25 45.66 5.35 -9.08
C PRO E 25 46.32 5.56 -10.44
N ASN E 26 45.67 6.33 -11.29
CA ASN E 26 46.20 6.66 -12.61
C ASN E 26 46.35 8.17 -12.68
N PHE E 27 46.39 8.81 -11.51
CA PHE E 27 46.53 10.25 -11.41
C PHE E 27 47.50 10.61 -10.27
N SER E 28 47.83 11.89 -10.17
CA SER E 28 48.74 12.35 -9.11
C SER E 28 48.00 13.27 -8.17
N LEU E 29 48.31 13.18 -6.88
CA LEU E 29 47.64 14.02 -5.89
C LEU E 29 48.44 14.07 -4.59
N ASP E 30 48.54 15.26 -4.02
CA ASP E 30 49.27 15.49 -2.77
C ASP E 30 48.53 14.89 -1.58
N LYS E 31 49.29 14.50 -0.55
CA LYS E 31 48.68 13.93 0.64
C LYS E 31 47.49 14.76 1.10
N ILE E 32 46.36 14.10 1.30
CA ILE E 32 45.14 14.77 1.75
C ILE E 32 45.03 14.59 3.25
N TYR E 33 44.70 15.67 3.96
CA TYR E 33 44.56 15.60 5.41
C TYR E 33 43.09 15.57 5.80
N LEU E 34 42.56 14.36 5.94
CA LEU E 34 41.16 14.18 6.31
C LEU E 34 40.98 14.20 7.83
N ILE E 35 39.86 14.77 8.26
CA ILE E 35 39.51 14.88 9.67
C ILE E 35 39.82 13.60 10.45
N GLY E 36 39.67 12.45 9.80
CA GLY E 36 39.93 11.19 10.46
C GLY E 36 41.20 10.49 9.98
N GLY E 37 42.21 11.27 9.59
CA GLY E 37 43.46 10.67 9.13
C GLY E 37 43.91 11.13 7.76
N ASP E 38 45.20 10.99 7.50
CA ASP E 38 45.78 11.39 6.22
C ASP E 38 45.81 10.23 5.23
N LEU E 39 45.82 10.56 3.94
CA LEU E 39 45.84 9.54 2.90
C LEU E 39 46.73 10.01 1.75
N GLY E 40 47.49 9.07 1.18
CA GLY E 40 48.35 9.41 0.05
C GLY E 40 49.79 9.66 0.46
N PRO E 41 50.58 10.31 -0.41
CA PRO E 41 50.21 10.83 -1.73
C PRO E 41 49.80 9.75 -2.73
N PHE E 42 49.19 10.16 -3.84
CA PHE E 42 48.76 9.24 -4.87
C PHE E 42 49.61 9.41 -6.13
N ASN E 43 50.20 8.32 -6.58
CA ASN E 43 51.04 8.32 -7.77
C ASN E 43 50.62 7.24 -8.75
N PRO E 44 50.43 7.61 -10.02
CA PRO E 44 50.03 6.68 -11.07
C PRO E 44 50.79 5.36 -11.02
N GLY E 45 50.05 4.25 -10.97
CA GLY E 45 50.68 2.94 -10.94
C GLY E 45 51.17 2.42 -9.61
N LEU E 46 51.03 3.22 -8.56
CA LEU E 46 51.49 2.78 -7.24
C LEU E 46 50.35 2.42 -6.28
N PRO E 47 50.52 1.33 -5.52
CA PRO E 47 49.53 0.84 -4.55
C PRO E 47 49.33 1.84 -3.41
N VAL E 48 48.07 2.15 -3.10
CA VAL E 48 47.75 3.08 -2.04
C VAL E 48 46.55 2.57 -1.24
N GLU E 49 46.65 2.65 0.08
CA GLU E 49 45.56 2.20 0.94
C GLU E 49 44.62 3.36 1.24
N VAL E 50 43.34 3.17 0.91
CA VAL E 50 42.32 4.18 1.15
C VAL E 50 41.06 3.51 1.68
N PRO E 51 40.17 4.28 2.30
CA PRO E 51 38.92 3.73 2.83
C PRO E 51 38.07 3.26 1.66
N LEU E 52 37.32 2.19 1.86
CA LEU E 52 36.49 1.65 0.79
C LEU E 52 35.58 2.69 0.13
N TRP E 53 35.04 3.64 0.90
CA TRP E 53 34.15 4.62 0.30
C TRP E 53 34.85 5.53 -0.72
N LEU E 54 36.14 5.76 -0.52
CA LEU E 54 36.90 6.59 -1.45
C LEU E 54 37.19 5.77 -2.71
N ALA E 55 37.69 4.56 -2.49
CA ALA E 55 38.05 3.63 -3.55
C ALA E 55 36.91 3.42 -4.56
N ILE E 56 35.70 3.22 -4.05
CA ILE E 56 34.55 3.00 -4.92
C ILE E 56 34.28 4.25 -5.75
N ASN E 57 34.41 5.41 -5.14
CA ASN E 57 34.17 6.67 -5.83
C ASN E 57 35.22 6.90 -6.91
N LEU E 58 36.48 6.68 -6.55
CA LEU E 58 37.58 6.84 -7.49
C LEU E 58 37.37 5.86 -8.64
N LYS E 59 37.02 4.62 -8.30
CA LYS E 59 36.79 3.59 -9.30
C LYS E 59 35.71 4.07 -10.25
N GLN E 60 34.60 4.54 -9.70
CA GLN E 60 33.49 5.05 -10.50
C GLN E 60 33.98 6.19 -11.40
N ARG E 61 34.86 7.03 -10.86
CA ARG E 61 35.43 8.14 -11.60
C ARG E 61 36.49 7.61 -12.57
N GLN E 62 36.64 6.30 -12.60
CA GLN E 62 37.62 5.65 -13.48
C GLN E 62 39.00 6.22 -13.24
N LYS E 63 39.28 6.60 -11.99
CA LYS E 63 40.58 7.17 -11.65
C LYS E 63 41.46 6.19 -10.90
N CYS E 64 41.14 4.91 -10.98
CA CYS E 64 41.94 3.89 -10.30
C CYS E 64 41.38 2.50 -10.50
N ARG E 65 42.21 1.51 -10.20
CA ARG E 65 41.84 0.11 -10.28
C ARG E 65 41.89 -0.41 -8.85
N LEU E 66 40.99 -1.33 -8.51
CA LEU E 66 40.98 -1.90 -7.16
C LEU E 66 41.64 -3.27 -7.13
N LEU E 67 42.32 -3.55 -6.02
CA LEU E 67 42.98 -4.83 -5.81
C LEU E 67 42.13 -5.64 -4.84
N PRO E 68 41.78 -6.88 -5.20
CA PRO E 68 40.97 -7.74 -4.34
C PRO E 68 41.64 -8.10 -3.02
N PRO E 69 40.87 -8.16 -1.92
CA PRO E 69 41.49 -8.52 -0.63
C PRO E 69 42.13 -9.88 -0.82
N GLU E 70 43.19 -10.17 -0.06
CA GLU E 70 43.86 -11.45 -0.20
C GLU E 70 42.95 -12.64 0.05
N TRP E 71 41.94 -12.45 0.91
CA TRP E 71 41.02 -13.53 1.23
C TRP E 71 39.96 -13.76 0.16
N MET E 72 39.82 -12.81 -0.76
CA MET E 72 38.81 -12.92 -1.79
C MET E 72 39.18 -13.82 -2.99
N ASP E 73 39.41 -15.11 -2.72
CA ASP E 73 39.69 -16.07 -3.78
C ASP E 73 39.04 -17.41 -3.44
N VAL E 74 38.52 -18.07 -4.47
CA VAL E 74 37.82 -19.35 -4.34
C VAL E 74 38.52 -20.40 -3.49
N GLU E 75 39.81 -20.59 -3.75
CA GLU E 75 40.60 -21.58 -3.02
C GLU E 75 40.45 -21.40 -1.50
N LYS E 76 40.73 -20.19 -1.02
CA LYS E 76 40.63 -19.90 0.41
C LYS E 76 39.19 -19.91 0.91
N LEU E 77 38.28 -19.34 0.13
CA LEU E 77 36.89 -19.29 0.54
C LEU E 77 36.30 -20.68 0.73
N GLU E 78 36.52 -21.56 -0.23
CA GLU E 78 36.01 -22.92 -0.10
C GLU E 78 36.55 -23.57 1.17
N LYS E 79 37.80 -23.26 1.54
CA LYS E 79 38.37 -23.82 2.76
C LYS E 79 37.70 -23.23 3.99
N MET E 80 37.35 -21.95 3.90
CA MET E 80 36.70 -21.27 5.00
C MET E 80 35.29 -21.80 5.23
N ARG E 81 34.58 -22.05 4.14
CA ARG E 81 33.22 -22.57 4.20
C ARG E 81 33.18 -23.97 4.82
N ASP E 82 34.08 -24.84 4.38
CA ASP E 82 34.11 -26.20 4.90
C ASP E 82 34.44 -26.19 6.39
N HIS E 83 35.32 -25.27 6.76
CA HIS E 83 35.73 -25.13 8.15
C HIS E 83 34.57 -24.68 9.05
N GLU E 84 33.68 -23.87 8.49
CA GLU E 84 32.53 -23.37 9.23
C GLU E 84 31.59 -24.52 9.58
N ARG E 85 31.44 -25.44 8.64
CA ARG E 85 30.56 -26.59 8.83
C ARG E 85 31.02 -27.56 9.90
N LYS E 86 32.33 -27.74 10.03
CA LYS E 86 32.88 -28.66 11.01
C LYS E 86 32.81 -28.11 12.42
N GLU E 87 32.56 -26.81 12.54
CA GLU E 87 32.50 -26.19 13.85
C GLU E 87 31.07 -25.96 14.32
N GLU E 88 30.86 -26.11 15.62
CA GLU E 88 29.55 -25.92 16.21
C GLU E 88 29.30 -24.43 16.47
N THR E 89 30.37 -23.70 16.78
CA THR E 89 30.28 -22.25 17.02
C THR E 89 30.67 -21.55 15.73
N PHE E 90 30.58 -20.22 15.72
CA PHE E 90 30.94 -19.46 14.54
C PHE E 90 32.45 -19.30 14.43
N THR E 91 32.99 -19.44 13.23
CA THR E 91 34.42 -19.28 13.01
C THR E 91 34.74 -17.85 12.61
N PRO E 92 35.99 -17.42 12.85
CA PRO E 92 36.40 -16.06 12.49
C PRO E 92 36.35 -15.85 10.97
N MET E 93 35.76 -14.75 10.53
CA MET E 93 35.66 -14.47 9.11
C MET E 93 36.89 -13.67 8.65
N PRO E 94 37.18 -13.66 7.34
CA PRO E 94 38.33 -12.94 6.78
C PRO E 94 38.27 -11.44 7.08
N SER E 95 37.06 -10.92 7.17
CA SER E 95 36.85 -9.51 7.45
C SER E 95 35.62 -9.34 8.32
N PRO E 96 35.62 -8.33 9.20
CA PRO E 96 34.44 -8.14 10.05
C PRO E 96 33.26 -7.65 9.22
N TYR E 97 33.53 -7.37 7.95
CA TYR E 97 32.48 -6.92 7.02
C TYR E 97 32.66 -7.66 5.69
N TYR E 98 32.82 -8.98 5.79
CA TYR E 98 33.03 -9.82 4.61
C TYR E 98 31.88 -9.79 3.63
N MET E 99 30.66 -9.69 4.14
CA MET E 99 29.48 -9.65 3.27
C MET E 99 29.40 -8.29 2.57
N GLU E 100 29.78 -7.23 3.27
CA GLU E 100 29.74 -5.89 2.70
C GLU E 100 30.84 -5.62 1.68
N LEU E 101 32.05 -6.07 1.96
CA LEU E 101 33.14 -5.86 1.02
C LEU E 101 32.85 -6.58 -0.30
N THR E 102 32.50 -7.86 -0.18
CA THR E 102 32.17 -8.68 -1.35
C THR E 102 31.10 -8.01 -2.19
N LYS E 103 29.99 -7.63 -1.55
CA LYS E 103 28.92 -6.97 -2.27
C LYS E 103 29.40 -5.72 -3.00
N LEU E 104 30.12 -4.84 -2.31
CA LEU E 104 30.60 -3.61 -2.91
C LEU E 104 31.64 -3.80 -4.01
N LEU E 105 32.61 -4.67 -3.80
CA LEU E 105 33.65 -4.88 -4.81
C LEU E 105 33.16 -5.59 -6.06
N LEU E 106 32.19 -6.48 -5.93
CA LEU E 106 31.68 -7.18 -7.11
C LEU E 106 30.72 -6.27 -7.87
N ASN E 107 30.04 -5.40 -7.14
CA ASN E 107 29.08 -4.46 -7.71
C ASN E 107 29.75 -3.31 -8.45
N HIS E 108 31.00 -3.00 -8.08
CA HIS E 108 31.71 -1.89 -8.70
C HIS E 108 33.06 -2.24 -9.32
N ALA E 109 33.56 -3.44 -9.04
CA ALA E 109 34.85 -3.81 -9.59
C ALA E 109 35.00 -5.29 -9.86
N SER E 110 33.92 -5.92 -10.29
CA SER E 110 33.96 -7.34 -10.60
C SER E 110 34.95 -7.54 -11.74
N ASP E 111 35.17 -6.47 -12.50
CA ASP E 111 36.10 -6.51 -13.62
C ASP E 111 37.53 -6.41 -13.11
N ASN E 112 37.69 -6.37 -11.80
CA ASN E 112 39.01 -6.32 -11.17
C ASN E 112 39.19 -7.54 -10.28
N ILE E 113 38.13 -8.34 -10.13
CA ILE E 113 38.16 -9.54 -9.31
C ILE E 113 37.91 -10.79 -10.16
N PRO E 114 38.90 -11.69 -10.23
CA PRO E 114 38.81 -12.93 -11.00
C PRO E 114 37.84 -13.94 -10.41
N LYS E 115 37.12 -14.65 -11.27
CA LYS E 115 36.16 -15.66 -10.85
C LYS E 115 35.08 -15.02 -9.99
N ALA E 116 34.78 -13.76 -10.28
CA ALA E 116 33.78 -13.01 -9.54
C ALA E 116 32.50 -13.79 -9.30
N ASP E 117 32.09 -14.58 -10.30
CA ASP E 117 30.87 -15.35 -10.19
C ASP E 117 31.02 -16.46 -9.15
N GLU E 118 32.22 -17.00 -9.05
CA GLU E 118 32.47 -18.07 -8.10
C GLU E 118 32.66 -17.53 -6.69
N ILE E 119 33.16 -16.30 -6.57
CA ILE E 119 33.35 -15.68 -5.27
C ILE E 119 31.98 -15.34 -4.69
N ARG E 120 31.11 -14.80 -5.52
CA ARG E 120 29.76 -14.42 -5.12
C ARG E 120 29.03 -15.65 -4.57
N THR E 121 29.07 -16.75 -5.32
CA THR E 121 28.41 -17.97 -4.91
C THR E 121 28.99 -18.49 -3.60
N LEU E 122 30.31 -18.47 -3.48
CA LEU E 122 30.96 -18.95 -2.28
C LEU E 122 30.61 -18.12 -1.03
N VAL E 123 30.55 -16.80 -1.18
CA VAL E 123 30.23 -15.93 -0.05
C VAL E 123 28.78 -16.12 0.37
N LYS E 124 27.91 -16.37 -0.60
CA LYS E 124 26.49 -16.57 -0.33
C LYS E 124 26.33 -17.84 0.50
N ASP E 125 27.00 -18.92 0.09
CA ASP E 125 26.90 -20.17 0.83
C ASP E 125 27.36 -19.93 2.27
N MET E 126 28.50 -19.25 2.42
CA MET E 126 29.04 -18.96 3.73
C MET E 126 27.98 -18.29 4.58
N TRP E 127 27.34 -17.27 4.02
CA TRP E 127 26.29 -16.57 4.73
C TRP E 127 25.12 -17.50 5.04
N ASP E 128 24.72 -18.30 4.07
CA ASP E 128 23.59 -19.21 4.28
C ASP E 128 23.94 -20.24 5.34
N THR E 129 25.19 -20.70 5.33
CA THR E 129 25.62 -21.68 6.31
C THR E 129 25.52 -21.11 7.71
N ARG E 130 25.98 -19.87 7.88
CA ARG E 130 25.96 -19.23 9.19
C ARG E 130 24.58 -18.82 9.71
N ILE E 131 23.72 -18.30 8.84
CA ILE E 131 22.39 -17.89 9.28
C ILE E 131 21.62 -19.14 9.71
N ALA E 132 21.86 -20.25 9.02
CA ALA E 132 21.20 -21.50 9.38
C ALA E 132 21.69 -21.87 10.78
N LYS E 133 23.00 -21.77 10.97
CA LYS E 133 23.60 -22.10 12.26
C LYS E 133 23.06 -21.17 13.36
N LEU E 134 22.78 -19.92 13.00
CA LEU E 134 22.27 -18.94 13.95
C LEU E 134 20.85 -19.32 14.38
N ARG E 135 20.07 -19.79 13.43
CA ARG E 135 18.69 -20.20 13.69
C ARG E 135 18.69 -21.38 14.65
N VAL E 136 19.53 -22.36 14.35
CA VAL E 136 19.66 -23.56 15.17
C VAL E 136 20.17 -23.21 16.58
N SER E 137 21.10 -22.26 16.65
CA SER E 137 21.68 -21.81 17.91
C SER E 137 20.68 -21.03 18.75
N ALA E 138 19.87 -20.22 18.06
CA ALA E 138 18.85 -19.41 18.72
C ALA E 138 17.74 -20.31 19.26
N ASP E 139 17.46 -21.38 18.54
CA ASP E 139 16.41 -22.32 18.93
C ASP E 139 16.86 -23.06 20.20
N SER E 140 18.14 -23.42 20.27
CA SER E 140 18.66 -24.12 21.44
C SER E 140 18.72 -23.17 22.63
N PHE E 141 18.92 -21.90 22.34
CA PHE E 141 18.99 -20.86 23.36
C PHE E 141 17.62 -20.72 24.03
N VAL E 142 16.58 -20.63 23.21
CA VAL E 142 15.22 -20.47 23.68
C VAL E 142 14.69 -21.70 24.42
N ARG E 143 15.00 -22.89 23.91
CA ARG E 143 14.52 -24.13 24.53
C ARG E 143 15.14 -24.37 25.90
N GLN E 144 16.40 -23.95 26.06
CA GLN E 144 17.08 -24.12 27.35
C GLN E 144 16.81 -22.95 28.26
N GLN E 145 16.01 -22.00 27.77
CA GLN E 145 15.68 -20.80 28.54
C GLN E 145 16.93 -20.14 29.14
N GLU E 146 17.91 -19.88 28.27
CA GLU E 146 19.16 -19.24 28.66
C GLU E 146 18.91 -17.75 28.85
N ALA E 147 19.77 -17.09 29.60
CA ALA E 147 19.63 -15.66 29.85
C ALA E 147 20.86 -14.91 29.37
N HIS E 148 21.77 -15.64 28.74
CA HIS E 148 23.02 -15.06 28.23
C HIS E 148 23.65 -16.01 27.20
N ALA E 149 24.43 -15.45 26.30
CA ALA E 149 25.10 -16.23 25.26
C ALA E 149 26.30 -15.46 24.74
N LYS E 150 27.32 -16.20 24.33
CA LYS E 150 28.50 -15.58 23.78
C LYS E 150 28.54 -15.97 22.30
N LEU E 151 28.78 -15.00 21.44
CA LEU E 151 28.86 -15.24 20.00
C LEU E 151 30.00 -14.43 19.44
N ASP E 152 31.22 -14.81 19.86
CA ASP E 152 32.47 -14.16 19.49
C ASP E 152 32.77 -13.85 18.01
N ASN E 153 32.37 -14.68 17.07
CA ASN E 153 32.74 -14.38 15.67
C ASN E 153 31.61 -13.95 14.76
N LEU E 154 30.44 -13.69 15.31
CA LEU E 154 29.35 -13.25 14.48
C LEU E 154 29.63 -11.83 14.00
N THR E 155 29.40 -11.62 12.72
CA THR E 155 29.61 -10.33 12.10
C THR E 155 28.46 -9.38 12.41
N LEU E 156 28.70 -8.08 12.31
CA LEU E 156 27.67 -7.07 12.58
C LEU E 156 26.44 -7.18 11.66
N MET E 157 26.64 -7.46 10.38
CA MET E 157 25.52 -7.56 9.45
C MET E 157 24.67 -8.78 9.79
N GLU E 158 25.32 -9.84 10.27
CA GLU E 158 24.62 -11.07 10.63
C GLU E 158 23.87 -10.88 11.95
N ILE E 159 24.49 -10.16 12.87
CA ILE E 159 23.88 -9.88 14.15
C ILE E 159 22.71 -8.93 13.98
N ASN E 160 22.84 -7.97 13.07
CA ASN E 160 21.78 -6.99 12.88
C ASN E 160 20.59 -7.42 12.04
N THR E 161 20.77 -8.46 11.23
CA THR E 161 19.69 -8.93 10.37
C THR E 161 18.69 -9.81 11.13
N SER E 162 19.20 -10.63 12.05
CA SER E 162 18.37 -11.53 12.85
C SER E 162 18.24 -11.01 14.29
N GLY E 163 19.19 -10.15 14.66
CA GLY E 163 19.22 -9.61 16.00
C GLY E 163 17.95 -9.12 16.66
N THR E 164 17.22 -8.23 15.98
CA THR E 164 16.01 -7.71 16.60
C THR E 164 15.03 -8.83 16.90
N PHE E 165 14.85 -9.75 15.96
CA PHE E 165 13.92 -10.85 16.15
C PHE E 165 14.29 -11.55 17.46
N LEU E 166 15.57 -11.88 17.58
CA LEU E 166 16.08 -12.56 18.76
C LEU E 166 15.89 -11.83 20.09
N THR E 167 16.30 -10.57 20.16
CA THR E 167 16.14 -9.80 21.39
C THR E 167 14.67 -9.60 21.74
N GLN E 168 13.84 -9.44 20.71
CA GLN E 168 12.42 -9.23 20.88
C GLN E 168 11.74 -10.49 21.47
N ALA E 169 12.09 -11.67 20.95
CA ALA E 169 11.52 -12.91 21.45
C ALA E 169 11.96 -13.15 22.89
N LEU E 170 13.22 -12.88 23.17
CA LEU E 170 13.75 -13.05 24.51
C LEU E 170 13.08 -12.07 25.49
N ASN E 171 12.81 -10.84 25.05
CA ASN E 171 12.16 -9.88 25.93
C ASN E 171 10.77 -10.37 26.31
N HIS E 172 10.03 -10.92 25.33
CA HIS E 172 8.67 -11.41 25.59
C HIS E 172 8.75 -12.60 26.53
N MET E 173 9.74 -13.44 26.29
CA MET E 173 9.96 -14.61 27.12
C MET E 173 10.25 -14.22 28.56
N TYR E 174 11.11 -13.21 28.74
CA TYR E 174 11.48 -12.76 30.07
C TYR E 174 10.23 -12.27 30.81
N LYS E 175 9.33 -11.60 30.08
CA LYS E 175 8.10 -11.10 30.69
C LYS E 175 7.25 -12.28 31.16
N LEU E 176 6.99 -13.22 30.26
CA LEU E 176 6.19 -14.41 30.60
C LEU E 176 6.85 -15.23 31.71
N ARG E 177 8.19 -15.21 31.74
CA ARG E 177 8.96 -15.96 32.71
C ARG E 177 8.98 -15.29 34.09
N THR E 178 8.40 -14.11 34.19
CA THR E 178 8.38 -13.40 35.48
C THR E 178 7.05 -12.71 35.76
N ASN E 179 6.02 -13.03 34.97
CA ASN E 179 4.71 -12.41 35.14
C ASN E 179 4.03 -12.83 36.43
N LEU E 180 4.53 -13.92 37.02
CA LEU E 180 3.96 -14.43 38.26
C LEU E 180 4.56 -13.68 39.44
N GLN E 181 5.04 -12.47 39.18
CA GLN E 181 5.66 -11.64 40.22
C GLN E 181 5.14 -10.21 40.14
N LEU F 21 43.04 13.86 22.40
CA LEU F 21 41.79 14.41 21.82
C LEU F 21 41.94 14.65 20.32
N THR F 22 42.63 13.73 19.64
CA THR F 22 42.86 13.85 18.20
C THR F 22 41.56 13.77 17.42
N PRO F 23 41.46 14.52 16.31
CA PRO F 23 40.24 14.51 15.50
C PRO F 23 39.78 13.10 15.18
N ALA F 24 40.74 12.20 14.96
CA ALA F 24 40.40 10.82 14.65
C ALA F 24 39.63 10.22 15.82
N GLU F 25 40.21 10.37 17.02
CA GLU F 25 39.60 9.85 18.23
C GLU F 25 38.19 10.39 18.39
N LEU F 26 38.03 11.69 18.12
CA LEU F 26 36.75 12.36 18.23
C LEU F 26 35.66 11.68 17.41
N ILE F 27 35.97 11.43 16.13
CA ILE F 27 35.01 10.78 15.24
C ILE F 27 34.71 9.36 15.71
N GLU F 28 35.71 8.74 16.33
CA GLU F 28 35.55 7.38 16.85
C GLU F 28 34.56 7.42 18.02
N ARG F 29 34.74 8.40 18.90
CA ARG F 29 33.86 8.57 20.06
C ARG F 29 32.44 8.88 19.65
N LEU F 30 32.28 9.60 18.55
CA LEU F 30 30.97 9.95 18.03
C LEU F 30 30.22 8.68 17.59
N GLU F 31 30.89 7.85 16.78
CA GLU F 31 30.27 6.63 16.29
C GLU F 31 29.93 5.69 17.43
N GLN F 32 30.75 5.71 18.48
CA GLN F 32 30.54 4.88 19.66
C GLN F 32 29.23 5.27 20.38
N ALA F 33 28.99 6.57 20.51
CA ALA F 33 27.76 7.07 21.14
C ALA F 33 26.57 6.78 20.22
N TRP F 34 26.78 7.02 18.94
CA TRP F 34 25.76 6.76 17.93
C TRP F 34 25.22 5.33 18.08
N MET F 35 26.14 4.36 18.13
CA MET F 35 25.80 2.95 18.27
C MET F 35 25.14 2.62 19.61
N ASN F 36 25.73 3.12 20.70
CA ASN F 36 25.20 2.86 22.03
C ASN F 36 23.79 3.39 22.22
N GLU F 37 23.53 4.59 21.67
CA GLU F 37 22.23 5.22 21.81
C GLU F 37 21.21 4.43 21.00
N LYS F 38 21.63 3.92 19.85
CA LYS F 38 20.75 3.13 18.99
C LYS F 38 20.17 1.92 19.71
N PHE F 39 21.03 1.18 20.40
CA PHE F 39 20.59 -0.04 21.07
C PHE F 39 20.25 0.01 22.55
N ALA F 40 20.59 1.10 23.25
CA ALA F 40 20.25 1.19 24.66
C ALA F 40 18.76 1.46 24.82
N PRO F 41 18.09 0.70 25.69
CA PRO F 41 16.65 0.91 25.88
C PRO F 41 16.30 2.21 26.59
N GLU F 42 17.31 2.91 27.10
CA GLU F 42 17.07 4.18 27.82
C GLU F 42 17.99 5.24 27.22
N LEU F 43 17.68 6.50 27.51
CA LEU F 43 18.49 7.61 27.03
C LEU F 43 19.84 7.56 27.74
N LEU F 44 20.93 7.59 26.99
CA LEU F 44 22.27 7.54 27.57
C LEU F 44 22.77 8.94 27.94
N GLU F 45 23.90 8.98 28.64
CA GLU F 45 24.48 10.25 29.03
C GLU F 45 24.70 11.24 27.87
N SER F 46 24.47 12.52 28.17
CA SER F 46 24.64 13.59 27.19
C SER F 46 26.14 13.76 26.93
N LYS F 47 26.52 13.88 25.67
CA LYS F 47 27.93 14.03 25.30
C LYS F 47 28.22 15.38 24.62
N PRO F 48 28.08 16.50 25.35
CA PRO F 48 28.32 17.84 24.81
C PRO F 48 29.73 18.08 24.25
N GLU F 49 30.75 17.68 25.01
CA GLU F 49 32.13 17.86 24.55
C GLU F 49 32.33 17.29 23.14
N ILE F 50 31.70 16.15 22.86
CA ILE F 50 31.80 15.50 21.55
C ILE F 50 31.07 16.24 20.45
N VAL F 51 29.80 16.55 20.69
CA VAL F 51 28.99 17.25 19.70
C VAL F 51 29.59 18.60 19.34
N GLU F 52 30.06 19.34 20.35
CA GLU F 52 30.64 20.66 20.13
C GLU F 52 31.91 20.59 19.28
N CYS F 53 32.82 19.70 19.64
CA CYS F 53 34.07 19.55 18.89
C CYS F 53 33.87 19.05 17.47
N VAL F 54 32.98 18.08 17.31
CA VAL F 54 32.68 17.54 15.99
C VAL F 54 32.15 18.64 15.08
N MET F 55 31.25 19.48 15.61
CA MET F 55 30.69 20.55 14.80
C MET F 55 31.77 21.60 14.49
N GLU F 56 32.73 21.74 15.39
CA GLU F 56 33.82 22.70 15.19
C GLU F 56 34.61 22.29 13.96
N GLN F 57 34.91 21.01 13.85
CA GLN F 57 35.66 20.47 12.71
C GLN F 57 34.89 20.73 11.42
N LEU F 58 33.61 20.38 11.42
CA LEU F 58 32.77 20.57 10.24
C LEU F 58 32.79 22.03 9.83
N GLU F 59 32.94 22.92 10.80
CA GLU F 59 32.98 24.36 10.53
C GLU F 59 34.32 24.75 9.94
N HIS F 60 35.40 24.46 10.66
CA HIS F 60 36.75 24.79 10.20
C HIS F 60 36.99 24.25 8.79
N MET F 61 36.63 22.99 8.55
CA MET F 61 36.84 22.39 7.25
C MET F 61 35.98 23.07 6.19
N GLU F 62 34.71 23.30 6.50
CA GLU F 62 33.82 23.96 5.54
C GLU F 62 34.38 25.33 5.19
N GLU F 63 35.13 25.90 6.13
CA GLU F 63 35.75 27.20 5.93
C GLU F 63 36.77 27.04 4.81
N ASN F 64 37.74 26.16 5.04
CA ASN F 64 38.80 25.89 4.06
C ASN F 64 38.21 25.66 2.67
N LEU F 65 37.00 25.10 2.63
CA LEU F 65 36.33 24.82 1.36
C LEU F 65 35.41 25.96 0.95
N ASP F 72 38.00 20.33 -8.27
CA ASP F 72 39.17 19.92 -7.51
C ASP F 72 38.87 18.64 -6.74
N LEU F 73 39.49 17.55 -7.17
CA LEU F 73 39.31 16.24 -6.55
C LEU F 73 39.50 16.25 -5.03
N LYS F 74 40.50 16.99 -4.58
CA LYS F 74 40.80 17.08 -3.15
C LYS F 74 39.64 17.67 -2.33
N VAL F 75 39.00 18.70 -2.88
CA VAL F 75 37.88 19.33 -2.19
C VAL F 75 36.67 18.40 -2.13
N SER F 76 36.40 17.72 -3.23
CA SER F 76 35.28 16.79 -3.31
C SER F 76 35.38 15.71 -2.23
N ILE F 77 36.58 15.17 -2.07
CA ILE F 77 36.83 14.14 -1.09
C ILE F 77 36.55 14.65 0.33
N HIS F 78 37.02 15.86 0.64
CA HIS F 78 36.81 16.44 1.96
C HIS F 78 35.31 16.55 2.21
N GLN F 79 34.56 16.88 1.16
CA GLN F 79 33.11 17.00 1.28
C GLN F 79 32.49 15.63 1.53
N MET F 80 32.99 14.61 0.85
CA MET F 80 32.47 13.27 1.03
C MET F 80 32.60 12.84 2.50
N GLU F 81 33.76 13.12 3.11
CA GLU F 81 33.94 12.77 4.50
C GLU F 81 33.01 13.60 5.40
N MET F 82 33.00 14.92 5.20
CA MET F 82 32.13 15.78 6.00
C MET F 82 30.69 15.27 5.99
N GLU F 83 30.26 14.76 4.83
CA GLU F 83 28.91 14.23 4.68
C GLU F 83 28.72 13.02 5.60
N ARG F 84 29.70 12.12 5.59
CA ARG F 84 29.64 10.92 6.42
C ARG F 84 29.55 11.31 7.90
N ILE F 85 30.46 12.18 8.33
CA ILE F 85 30.47 12.64 9.71
C ILE F 85 29.17 13.34 10.10
N ARG F 86 28.67 14.18 9.21
CA ARG F 86 27.43 14.91 9.48
C ARG F 86 26.26 13.95 9.68
N TYR F 87 26.23 12.86 8.84
CA TYR F 87 25.12 11.86 8.92
C TYR F 87 25.13 11.24 10.31
N VAL F 88 26.29 10.81 10.82
CA VAL F 88 26.38 10.14 12.12
C VAL F 88 25.89 11.07 13.22
N LEU F 89 26.39 12.30 13.22
CA LEU F 89 25.99 13.26 14.24
C LEU F 89 24.48 13.48 14.20
N SER F 90 23.93 13.67 13.00
CA SER F 90 22.51 13.91 12.88
C SER F 90 21.68 12.70 13.31
N SER F 91 22.13 11.51 12.94
CA SER F 91 21.44 10.28 13.29
C SER F 91 21.42 10.07 14.82
N TYR F 92 22.56 10.33 15.45
CA TYR F 92 22.70 10.21 16.89
C TYR F 92 21.75 11.18 17.60
N LEU F 93 21.78 12.45 17.19
CA LEU F 93 20.90 13.46 17.78
C LEU F 93 19.43 13.14 17.54
N ARG F 94 19.09 12.62 16.37
CA ARG F 94 17.71 12.24 16.08
C ARG F 94 17.29 11.07 16.98
N CYS F 95 18.23 10.18 17.26
CA CYS F 95 17.96 9.02 18.09
C CYS F 95 17.61 9.50 19.50
N ARG F 96 18.38 10.47 19.98
CA ARG F 96 18.15 11.00 21.32
C ARG F 96 16.80 11.70 21.45
N LEU F 97 16.36 12.40 20.40
CA LEU F 97 15.05 13.09 20.45
C LEU F 97 13.91 12.09 20.51
N MET F 98 14.03 11.01 19.74
CA MET F 98 13.02 9.96 19.75
C MET F 98 12.80 9.46 21.17
N LYS F 99 13.89 9.17 21.87
CA LYS F 99 13.82 8.66 23.24
C LYS F 99 13.21 9.67 24.21
N ILE F 100 13.65 10.91 24.09
CA ILE F 100 13.14 11.98 24.95
C ILE F 100 11.62 12.09 24.79
N GLU F 101 11.14 12.05 23.54
CA GLU F 101 9.72 12.14 23.28
C GLU F 101 8.94 10.94 23.82
N LYS F 102 9.48 9.74 23.60
CA LYS F 102 8.82 8.52 24.06
C LYS F 102 8.68 8.45 25.57
N PHE F 103 9.73 8.88 26.25
CA PHE F 103 9.74 8.81 27.71
C PHE F 103 9.84 10.16 28.40
N PHE F 104 9.32 11.21 27.78
CA PHE F 104 9.43 12.55 28.36
C PHE F 104 9.23 12.68 29.87
N PRO F 105 8.18 12.08 30.44
CA PRO F 105 7.98 12.22 31.90
C PRO F 105 9.11 11.59 32.74
N HIS F 106 9.63 10.46 32.28
CA HIS F 106 10.68 9.76 32.99
C HIS F 106 12.02 10.45 32.80
N VAL F 107 12.27 10.95 31.59
CA VAL F 107 13.51 11.65 31.33
C VAL F 107 13.58 12.89 32.21
N LEU F 108 12.48 13.62 32.30
CA LEU F 108 12.41 14.82 33.13
C LEU F 108 12.51 14.49 34.62
N GLU F 109 11.83 13.43 35.06
CA GLU F 109 11.86 13.06 36.47
C GLU F 109 13.27 12.65 36.90
N LYS F 110 13.97 11.95 36.02
CA LYS F 110 15.32 11.53 36.35
C LYS F 110 16.24 12.72 36.54
N GLU F 111 16.15 13.69 35.63
CA GLU F 111 16.97 14.89 35.72
C GLU F 111 16.62 15.70 36.98
N LYS F 112 15.34 15.75 37.33
CA LYS F 112 14.90 16.50 38.50
C LYS F 112 15.51 15.96 39.78
N THR F 113 15.71 14.65 39.85
CA THR F 113 16.29 14.01 41.03
C THR F 113 17.77 13.71 40.87
N ARG F 114 18.39 14.26 39.84
CA ARG F 114 19.81 14.03 39.60
C ARG F 114 20.63 14.75 40.68
N PRO F 115 21.51 14.01 41.37
CA PRO F 115 22.32 14.67 42.40
C PRO F 115 23.39 15.57 41.76
N GLU F 116 23.51 16.80 42.24
CA GLU F 116 24.50 17.73 41.71
C GLU F 116 25.87 17.06 41.68
N GLY F 117 26.53 17.09 40.54
CA GLY F 117 27.82 16.45 40.42
C GLY F 117 27.75 15.22 39.52
N GLU F 118 26.61 14.54 39.54
CA GLU F 118 26.44 13.35 38.73
C GLU F 118 26.15 13.75 37.28
N PRO F 119 26.71 12.99 36.31
CA PRO F 119 26.56 13.21 34.86
C PRO F 119 25.10 13.28 34.42
N SER F 120 24.77 14.28 33.61
CA SER F 120 23.40 14.43 33.13
C SER F 120 23.11 13.67 31.84
N SER F 121 21.86 13.28 31.67
CA SER F 121 21.45 12.59 30.46
C SER F 121 20.74 13.57 29.52
N LEU F 122 20.77 14.85 29.89
CA LEU F 122 20.13 15.89 29.09
C LEU F 122 20.97 17.15 29.00
N SER F 123 21.18 17.64 27.79
CA SER F 123 21.91 18.88 27.60
C SER F 123 20.90 19.98 27.89
N PRO F 124 21.37 21.21 28.10
CA PRO F 124 20.47 22.34 28.38
C PRO F 124 19.34 22.40 27.35
N GLU F 125 19.71 22.30 26.08
CA GLU F 125 18.75 22.36 24.98
C GLU F 125 17.75 21.18 24.99
N GLU F 126 18.23 19.97 25.21
CA GLU F 126 17.36 18.79 25.24
C GLU F 126 16.39 18.86 26.42
N LEU F 127 16.85 19.44 27.52
CA LEU F 127 16.02 19.58 28.70
C LEU F 127 14.86 20.53 28.39
N ALA F 128 15.16 21.62 27.70
CA ALA F 128 14.11 22.60 27.34
C ALA F 128 13.12 21.96 26.36
N PHE F 129 13.64 21.20 25.41
CA PHE F 129 12.79 20.53 24.43
C PHE F 129 11.79 19.60 25.15
N ALA F 130 12.31 18.78 26.07
CA ALA F 130 11.50 17.83 26.82
C ALA F 130 10.40 18.51 27.65
N ARG F 131 10.75 19.60 28.32
CA ARG F 131 9.81 20.36 29.12
C ARG F 131 8.67 20.90 28.27
N GLU F 132 9.01 21.41 27.09
CA GLU F 132 8.01 21.96 26.19
C GLU F 132 7.09 20.85 25.67
N PHE F 133 7.65 19.67 25.45
CA PHE F 133 6.88 18.53 24.99
C PHE F 133 5.82 18.15 26.04
N MET F 134 6.21 18.10 27.31
CA MET F 134 5.26 17.76 28.38
C MET F 134 4.17 18.83 28.52
N ALA F 135 4.57 20.11 28.51
CA ALA F 135 3.62 21.22 28.64
C ALA F 135 2.63 21.25 27.47
N ASN F 136 3.12 20.98 26.27
CA ASN F 136 2.26 20.98 25.11
C ASN F 136 1.22 19.84 25.19
N THR F 137 1.67 18.66 25.58
CA THR F 137 0.81 17.49 25.68
C THR F 137 -0.20 17.59 26.81
N GLU F 138 0.24 18.06 27.97
CA GLU F 138 -0.64 18.20 29.13
C GLU F 138 -1.77 19.17 28.79
N SER F 139 -1.39 20.30 28.23
CA SER F 139 -2.33 21.34 27.85
C SER F 139 -3.34 20.81 26.85
N TYR F 140 -2.82 20.14 25.82
CA TYR F 140 -3.70 19.59 24.79
C TYR F 140 -4.78 18.71 25.34
N LEU F 141 -4.30 17.76 26.10
CA LEU F 141 -5.16 16.78 26.76
C LEU F 141 -6.18 17.44 27.70
N LYS F 142 -5.73 18.42 28.48
CA LYS F 142 -6.61 19.11 29.40
C LYS F 142 -7.73 19.84 28.64
N ASN F 143 -7.36 20.55 27.58
CA ASN F 143 -8.31 21.32 26.79
C ASN F 143 -9.24 20.52 25.90
N VAL F 144 -8.72 19.48 25.27
CA VAL F 144 -9.55 18.67 24.38
C VAL F 144 -10.45 17.67 25.11
N ALA F 145 -10.08 17.25 26.32
CA ALA F 145 -10.94 16.27 26.99
C ALA F 145 -11.01 16.30 28.52
N LEU F 146 -9.87 16.27 29.19
CA LEU F 146 -9.88 16.25 30.65
C LEU F 146 -10.74 17.31 31.30
N LYS F 147 -10.66 18.55 30.79
CA LYS F 147 -11.44 19.65 31.34
C LYS F 147 -12.95 19.37 31.21
N HIS F 148 -13.32 18.39 30.40
CA HIS F 148 -14.72 18.08 30.21
C HIS F 148 -15.19 16.81 30.89
N MET F 149 -14.31 16.17 31.67
CA MET F 149 -14.67 14.95 32.37
C MET F 149 -15.25 15.27 33.74
N PRO F 150 -15.88 14.28 34.39
CA PRO F 150 -16.44 14.55 35.70
C PRO F 150 -15.41 15.20 36.63
N PRO F 151 -15.89 15.97 37.62
CA PRO F 151 -15.05 16.68 38.59
C PRO F 151 -13.88 15.90 39.18
N ASN F 152 -14.02 14.58 39.27
CA ASN F 152 -12.98 13.73 39.86
C ASN F 152 -12.02 13.02 38.90
N LEU F 153 -12.33 13.01 37.60
CA LEU F 153 -11.48 12.34 36.63
C LEU F 153 -10.81 13.30 35.64
N GLN F 154 -10.51 14.52 36.08
CA GLN F 154 -9.90 15.50 35.21
C GLN F 154 -8.38 15.55 35.16
N LYS F 155 -7.73 14.80 36.05
CA LYS F 155 -6.28 14.79 36.06
C LYS F 155 -5.69 13.45 35.67
N VAL F 156 -4.67 13.49 34.81
CA VAL F 156 -4.00 12.27 34.37
C VAL F 156 -2.51 12.42 34.65
N ASP F 157 -1.97 11.52 35.47
CA ASP F 157 -0.56 11.57 35.80
C ASP F 157 0.23 10.97 34.64
N LEU F 158 0.90 11.82 33.87
CA LEU F 158 1.66 11.34 32.72
C LEU F 158 2.83 10.45 33.10
N PHE F 159 3.29 10.57 34.34
CA PHE F 159 4.42 9.75 34.78
C PHE F 159 3.98 8.30 34.91
N ARG F 160 2.72 8.10 35.30
CA ARG F 160 2.17 6.76 35.49
C ARG F 160 1.46 6.24 34.24
N ALA F 161 1.13 7.15 33.34
CA ALA F 161 0.43 6.81 32.11
C ALA F 161 1.36 6.44 30.96
N VAL F 162 2.52 7.08 30.88
CA VAL F 162 3.48 6.83 29.81
C VAL F 162 4.47 5.73 30.23
N PRO F 163 4.67 4.72 29.37
CA PRO F 163 5.59 3.65 29.72
C PRO F 163 7.00 4.19 29.92
N LYS F 164 7.75 3.57 30.81
CA LYS F 164 9.13 4.01 31.03
C LYS F 164 10.06 3.06 30.28
N PRO F 165 11.34 3.42 30.14
CA PRO F 165 12.26 2.53 29.44
C PRO F 165 12.27 1.13 30.07
N ASP F 166 12.33 0.10 29.23
CA ASP F 166 12.37 -1.27 29.73
C ASP F 166 13.84 -1.68 29.82
N LEU F 167 14.40 -1.63 31.02
CA LEU F 167 15.80 -1.97 31.23
C LEU F 167 16.09 -3.46 31.12
N ASP F 168 15.05 -4.28 31.06
CA ASP F 168 15.25 -5.71 30.96
C ASP F 168 15.40 -6.13 29.51
N SER F 169 15.42 -5.17 28.60
CA SER F 169 15.55 -5.46 27.18
C SER F 169 16.90 -6.13 26.90
N TYR F 170 16.90 -7.09 25.98
CA TYR F 170 18.12 -7.81 25.63
C TYR F 170 18.92 -7.06 24.55
N VAL F 171 20.24 -7.11 24.64
CA VAL F 171 21.08 -6.43 23.67
C VAL F 171 22.32 -7.24 23.36
N PHE F 172 23.01 -6.84 22.29
CA PHE F 172 24.26 -7.48 21.90
C PHE F 172 25.36 -6.48 22.24
N LEU F 173 26.53 -6.96 22.61
CA LEU F 173 27.62 -6.06 22.92
C LEU F 173 28.97 -6.66 22.56
N ARG F 174 29.95 -5.78 22.36
CA ARG F 174 31.31 -6.23 22.09
C ARG F 174 32.12 -5.62 23.23
N VAL F 175 33.01 -6.42 23.83
CA VAL F 175 33.81 -5.92 24.96
C VAL F 175 35.06 -5.14 24.55
N ARG F 176 35.18 -3.92 25.07
CA ARG F 176 36.34 -3.06 24.77
C ARG F 176 37.38 -3.17 25.89
N GLU F 177 36.90 -3.36 27.12
CA GLU F 177 37.76 -3.49 28.29
C GLU F 177 37.28 -4.64 29.15
N ARG F 178 38.20 -5.53 29.53
CA ARG F 178 37.87 -6.68 30.37
C ARG F 178 37.15 -6.31 31.68
N GLN F 179 36.12 -7.07 32.02
CA GLN F 179 35.40 -6.82 33.27
C GLN F 179 34.90 -8.16 33.76
N GLU F 180 35.19 -8.46 35.01
CA GLU F 180 34.79 -9.72 35.60
C GLU F 180 33.57 -9.56 36.51
N ASN F 181 32.90 -10.68 36.74
CA ASN F 181 31.76 -10.75 37.65
C ASN F 181 30.47 -10.02 37.28
N ILE F 182 30.09 -10.17 36.01
CA ILE F 182 28.87 -9.60 35.50
C ILE F 182 27.78 -10.54 35.97
N LEU F 183 26.73 -9.99 36.58
CA LEU F 183 25.62 -10.81 37.08
C LEU F 183 24.58 -11.17 36.03
N VAL F 184 24.13 -12.42 36.05
CA VAL F 184 23.11 -12.89 35.12
C VAL F 184 21.94 -13.36 35.97
N GLU F 185 20.76 -12.82 35.72
CA GLU F 185 19.57 -13.21 36.47
C GLU F 185 18.49 -13.75 35.55
N PRO F 186 18.48 -15.08 35.33
CA PRO F 186 17.51 -15.73 34.47
C PRO F 186 16.07 -15.27 34.72
N ASP F 187 15.68 -15.24 35.99
CA ASP F 187 14.32 -14.85 36.38
C ASP F 187 14.22 -14.13 37.74
N THR F 188 13.18 -14.46 38.50
CA THR F 188 12.94 -13.87 39.81
C THR F 188 13.57 -14.66 40.96
N ASP F 189 14.07 -15.85 40.66
CA ASP F 189 14.68 -16.70 41.69
C ASP F 189 16.19 -16.55 41.72
N GLU F 190 16.69 -15.85 42.74
CA GLU F 190 18.13 -15.60 42.89
C GLU F 190 18.99 -16.86 42.85
N GLN F 191 18.39 -18.01 43.19
CA GLN F 191 19.09 -19.29 43.17
C GLN F 191 19.68 -19.58 41.79
N ARG F 192 19.01 -19.11 40.75
CA ARG F 192 19.46 -19.34 39.38
C ARG F 192 20.50 -18.33 38.91
N ASP F 193 20.75 -17.31 39.71
CA ASP F 193 21.74 -16.29 39.36
C ASP F 193 23.15 -16.88 39.26
N TYR F 194 24.01 -16.21 38.51
CA TYR F 194 25.39 -16.63 38.36
C TYR F 194 26.16 -15.46 37.80
N VAL F 195 27.49 -15.56 37.78
CA VAL F 195 28.33 -14.48 37.28
C VAL F 195 29.06 -14.87 36.03
N ILE F 196 29.50 -13.85 35.28
CA ILE F 196 30.17 -14.08 34.01
C ILE F 196 31.32 -13.09 33.83
N ASP F 197 32.35 -13.49 33.08
CA ASP F 197 33.47 -12.58 32.83
C ASP F 197 33.41 -12.06 31.40
N LEU F 198 33.66 -10.76 31.21
CA LEU F 198 33.66 -10.16 29.87
C LEU F 198 35.09 -9.98 29.40
N GLU F 199 35.54 -10.90 28.55
CA GLU F 199 36.89 -10.87 28.01
C GLU F 199 37.02 -9.85 26.89
N LYS F 200 38.15 -9.17 26.84
CA LYS F 200 38.39 -8.16 25.79
C LYS F 200 38.20 -8.70 24.39
N GLY F 201 37.33 -8.04 23.63
CA GLY F 201 37.08 -8.46 22.26
C GLY F 201 35.93 -9.42 22.04
N SER F 202 35.41 -10.01 23.11
CA SER F 202 34.31 -10.97 22.97
C SER F 202 32.96 -10.29 22.70
N GLN F 203 31.98 -11.09 22.26
CA GLN F 203 30.65 -10.60 21.96
C GLN F 203 29.57 -11.34 22.75
N HIS F 204 28.64 -10.58 23.32
CA HIS F 204 27.61 -11.17 24.17
C HIS F 204 26.17 -10.72 23.92
N LEU F 205 25.23 -11.62 24.24
CA LEU F 205 23.81 -11.36 24.13
C LEU F 205 23.34 -11.45 25.58
N ILE F 206 22.71 -10.40 26.10
CA ILE F 206 22.30 -10.42 27.50
C ILE F 206 21.36 -9.26 27.81
N ARG F 207 20.70 -9.33 28.97
CA ARG F 207 19.79 -8.26 29.40
C ARG F 207 20.64 -7.00 29.61
N TYR F 208 20.10 -5.86 29.20
CA TYR F 208 20.83 -4.61 29.31
C TYR F 208 21.05 -4.16 30.76
N LYS F 209 20.00 -4.24 31.58
CA LYS F 209 20.05 -3.81 32.96
C LYS F 209 21.30 -4.15 33.74
N THR F 210 21.77 -5.37 33.59
CA THR F 210 22.95 -5.80 34.33
C THR F 210 24.27 -5.25 33.79
N ILE F 211 24.29 -4.76 32.55
CA ILE F 211 25.54 -4.22 32.01
C ILE F 211 25.53 -2.73 31.70
N ALA F 212 24.46 -2.04 32.10
CA ALA F 212 24.35 -0.60 31.84
C ALA F 212 25.57 0.25 32.26
N PRO F 213 26.07 0.07 33.48
CA PRO F 213 27.24 0.85 33.96
C PRO F 213 28.45 0.70 33.02
N LEU F 214 28.62 -0.49 32.48
CA LEU F 214 29.72 -0.79 31.57
C LEU F 214 29.57 -0.03 30.24
N VAL F 215 28.33 0.29 29.90
CA VAL F 215 28.06 1.03 28.68
C VAL F 215 28.46 2.51 28.90
N ALA F 216 28.05 3.06 30.04
CA ALA F 216 28.35 4.44 30.36
C ALA F 216 29.85 4.71 30.52
N SER F 217 30.62 3.70 30.92
CA SER F 217 32.05 3.87 31.10
C SER F 217 32.90 3.53 29.89
N GLY F 218 32.28 2.92 28.88
CA GLY F 218 33.03 2.55 27.68
C GLY F 218 33.66 1.17 27.73
N ALA F 219 33.48 0.45 28.83
CA ALA F 219 34.04 -0.89 28.95
C ALA F 219 33.40 -1.80 27.94
N VAL F 220 32.18 -1.44 27.54
CA VAL F 220 31.41 -2.23 26.58
C VAL F 220 30.82 -1.36 25.48
N GLN F 221 30.59 -1.97 24.32
CA GLN F 221 30.02 -1.30 23.15
C GLN F 221 28.81 -2.07 22.63
N LEU F 222 27.63 -1.45 22.61
CA LEU F 222 26.43 -2.13 22.12
C LEU F 222 26.39 -2.19 20.59
N MET G 1 -24.53 -1.59 26.25
CA MET G 1 -23.62 -1.59 27.43
C MET G 1 -22.70 -0.35 27.44
N PHE G 2 -22.16 -0.05 28.61
CA PHE G 2 -21.25 1.09 28.76
C PHE G 2 -19.90 0.78 28.11
N CYS G 3 -19.12 1.84 27.90
CA CYS G 3 -17.79 1.74 27.31
C CYS G 3 -17.72 1.04 25.97
N GLU G 4 -18.81 1.09 25.22
CA GLU G 4 -18.84 0.46 23.91
C GLU G 4 -18.50 1.51 22.85
N LYS G 5 -18.91 2.74 23.10
CA LYS G 5 -18.66 3.82 22.17
C LYS G 5 -17.17 4.15 22.24
N ALA G 6 -16.62 4.10 23.45
CA ALA G 6 -15.21 4.36 23.65
C ALA G 6 -14.39 3.34 22.87
N MET G 7 -14.90 2.11 22.76
CA MET G 7 -14.21 1.07 22.03
C MET G 7 -14.22 1.33 20.53
N GLU G 8 -15.21 2.10 20.08
CA GLU G 8 -15.30 2.43 18.66
C GLU G 8 -14.15 3.36 18.29
N LEU G 9 -13.72 4.19 19.23
CA LEU G 9 -12.61 5.11 18.99
C LEU G 9 -11.32 4.33 18.85
N ILE G 10 -11.09 3.38 19.76
CA ILE G 10 -9.88 2.57 19.75
C ILE G 10 -9.84 1.69 18.50
N ARG G 11 -11.00 1.14 18.13
CA ARG G 11 -11.09 0.26 16.97
C ARG G 11 -10.72 1.02 15.70
N GLU G 12 -11.25 2.23 15.56
CA GLU G 12 -11.00 3.09 14.40
C GLU G 12 -9.50 3.32 14.18
N LEU G 13 -8.79 3.74 15.21
CA LEU G 13 -7.36 3.98 15.07
C LEU G 13 -6.56 2.72 14.81
N HIS G 14 -7.03 1.60 15.36
CA HIS G 14 -6.31 0.35 15.18
C HIS G 14 -6.36 -0.15 13.74
N ARG G 15 -7.38 0.25 13.01
CA ARG G 15 -7.54 -0.17 11.64
C ARG G 15 -6.83 0.77 10.66
N ALA G 16 -6.33 1.88 11.15
CA ALA G 16 -5.62 2.84 10.31
C ALA G 16 -4.16 2.42 10.20
N PRO G 17 -3.80 1.77 9.07
CA PRO G 17 -2.43 1.30 8.85
C PRO G 17 -1.38 2.39 8.78
N GLU G 18 -0.13 1.98 8.95
CA GLU G 18 0.99 2.90 8.93
C GLU G 18 0.67 4.03 9.91
N GLY G 19 1.10 5.25 9.63
CA GLY G 19 0.78 6.30 10.58
C GLY G 19 -0.43 7.11 10.16
N GLN G 20 -1.23 6.54 9.26
CA GLN G 20 -2.41 7.23 8.74
C GLN G 20 -3.33 7.87 9.76
N LEU G 21 -3.66 9.13 9.49
CA LEU G 21 -4.51 9.88 10.37
C LEU G 21 -5.93 9.98 9.83
N PRO G 22 -6.87 9.28 10.49
CA PRO G 22 -8.26 9.34 10.03
C PRO G 22 -8.87 10.61 10.60
N ALA G 23 -10.08 10.94 10.19
CA ALA G 23 -10.75 12.14 10.67
C ALA G 23 -10.97 12.10 12.19
N PHE G 24 -10.66 13.20 12.86
CA PHE G 24 -10.85 13.30 14.30
C PHE G 24 -12.31 12.91 14.56
N ASN G 25 -12.53 11.98 15.49
CA ASN G 25 -13.88 11.53 15.78
C ASN G 25 -14.57 12.36 16.86
N GLU G 26 -15.00 13.56 16.49
CA GLU G 26 -15.66 14.46 17.43
C GLU G 26 -16.97 13.88 18.00
N ASP G 27 -17.75 13.19 17.16
CA ASP G 27 -19.00 12.58 17.61
C ASP G 27 -18.75 11.57 18.73
N GLY G 28 -17.84 10.64 18.47
CA GLY G 28 -17.51 9.62 19.45
C GLY G 28 -16.98 10.19 20.73
N LEU G 29 -16.11 11.19 20.63
CA LEU G 29 -15.53 11.83 21.81
C LEU G 29 -16.61 12.52 22.63
N ARG G 30 -17.57 13.14 21.95
CA ARG G 30 -18.65 13.84 22.61
C ARG G 30 -19.58 12.85 23.31
N GLN G 31 -19.90 11.76 22.62
CA GLN G 31 -20.78 10.74 23.20
C GLN G 31 -20.17 10.09 24.42
N VAL G 32 -18.87 9.80 24.36
CA VAL G 32 -18.19 9.17 25.48
C VAL G 32 -18.23 10.10 26.68
N LEU G 33 -17.98 11.39 26.43
CA LEU G 33 -17.98 12.37 27.51
C LEU G 33 -19.39 12.52 28.10
N GLU G 34 -20.41 12.37 27.24
CA GLU G 34 -21.78 12.48 27.70
C GLU G 34 -22.15 11.26 28.54
N GLU G 35 -21.54 10.12 28.22
CA GLU G 35 -21.78 8.90 28.98
C GLU G 35 -21.04 8.96 30.32
N MET G 36 -19.87 9.62 30.34
CA MET G 36 -19.12 9.75 31.58
C MET G 36 -19.89 10.63 32.54
N LYS G 37 -20.59 11.62 31.98
CA LYS G 37 -21.37 12.56 32.77
C LYS G 37 -22.56 11.82 33.36
N ALA G 38 -23.29 11.12 32.50
CA ALA G 38 -24.45 10.36 32.96
C ALA G 38 -24.03 9.36 34.04
N LEU G 39 -22.91 8.68 33.84
CA LEU G 39 -22.42 7.71 34.82
C LEU G 39 -22.06 8.39 36.15
N TYR G 40 -21.42 9.55 36.05
CA TYR G 40 -21.00 10.29 37.24
C TYR G 40 -22.17 10.83 38.08
N GLU G 41 -23.19 11.38 37.42
CA GLU G 41 -24.33 11.92 38.15
C GLU G 41 -25.22 10.80 38.68
N GLN G 42 -25.32 9.72 37.91
CA GLN G 42 -26.11 8.57 38.31
C GLN G 42 -25.45 7.89 39.52
N ASN G 43 -24.14 8.06 39.65
CA ASN G 43 -23.42 7.44 40.77
C ASN G 43 -23.56 8.34 42.00
N GLN G 44 -23.49 9.65 41.78
CA GLN G 44 -23.63 10.63 42.86
C GLN G 44 -24.97 10.41 43.56
N SER G 45 -26.00 10.21 42.74
CA SER G 45 -27.35 9.98 43.21
C SER G 45 -27.47 8.71 44.06
N ASP G 46 -26.66 7.71 43.75
CA ASP G 46 -26.70 6.46 44.51
C ASP G 46 -25.75 6.46 45.70
N VAL G 47 -24.70 7.26 45.63
CA VAL G 47 -23.74 7.32 46.71
C VAL G 47 -24.36 7.97 47.94
N ASN G 48 -25.28 8.91 47.72
CA ASN G 48 -25.95 9.59 48.81
C ASN G 48 -27.04 8.71 49.42
N GLU G 49 -27.76 8.00 48.55
CA GLU G 49 -28.82 7.09 48.97
C GLU G 49 -28.24 5.87 49.67
N ALA G 50 -26.95 5.64 49.48
CA ALA G 50 -26.29 4.49 50.09
C ALA G 50 -25.52 4.88 51.35
N LYS G 51 -24.43 5.61 51.16
CA LYS G 51 -23.60 6.05 52.28
C LYS G 51 -24.32 7.10 53.13
N SER G 52 -25.62 7.29 52.90
CA SER G 52 -26.40 8.26 53.66
C SER G 52 -27.90 7.98 53.61
N GLY G 53 -28.30 6.77 53.97
CA GLY G 53 -29.71 6.42 53.95
C GLY G 53 -30.02 5.09 53.30
N GLY G 54 -29.22 4.08 53.60
CA GLY G 54 -29.43 2.76 53.01
C GLY G 54 -28.61 1.68 53.68
N ARG G 55 -28.72 0.46 53.17
CA ARG G 55 -27.96 -0.67 53.73
C ARG G 55 -26.74 -1.04 52.91
N SER G 56 -26.29 -0.13 52.04
CA SER G 56 -25.11 -0.36 51.21
C SER G 56 -25.33 -1.38 50.10
N ASP G 57 -26.58 -1.61 49.73
CA ASP G 57 -26.86 -2.58 48.66
C ASP G 57 -26.51 -2.00 47.29
N LEU G 58 -26.17 -0.72 47.26
CA LEU G 58 -25.83 -0.04 46.02
C LEU G 58 -24.33 0.08 45.75
N ILE G 59 -23.51 -0.54 46.58
CA ILE G 59 -22.07 -0.46 46.39
C ILE G 59 -21.57 -1.16 45.12
N PRO G 60 -22.03 -2.39 44.87
CA PRO G 60 -21.58 -3.10 43.66
C PRO G 60 -21.91 -2.30 42.40
N THR G 61 -23.06 -1.65 42.39
CA THR G 61 -23.50 -0.84 41.26
C THR G 61 -22.65 0.42 41.16
N ILE G 62 -22.31 1.00 42.30
CA ILE G 62 -21.48 2.20 42.35
C ILE G 62 -20.08 1.84 41.83
N LYS G 63 -19.60 0.68 42.24
CA LYS G 63 -18.28 0.19 41.86
C LYS G 63 -18.27 -0.06 40.35
N PHE G 64 -19.34 -0.68 39.86
CA PHE G 64 -19.49 -0.98 38.45
C PHE G 64 -19.38 0.28 37.59
N ARG G 65 -20.16 1.31 37.93
CA ARG G 65 -20.14 2.56 37.18
C ARG G 65 -18.81 3.28 37.29
N HIS G 66 -18.17 3.15 38.44
CA HIS G 66 -16.88 3.79 38.66
C HIS G 66 -15.82 3.17 37.73
N CYS G 67 -15.90 1.85 37.56
CA CYS G 67 -14.96 1.16 36.70
C CYS G 67 -15.22 1.59 35.26
N SER G 68 -16.50 1.74 34.92
CA SER G 68 -16.88 2.15 33.58
C SER G 68 -16.38 3.56 33.30
N LEU G 69 -16.26 4.37 34.35
CA LEU G 69 -15.77 5.73 34.20
C LEU G 69 -14.26 5.74 33.94
N LEU G 70 -13.54 4.93 34.70
CA LEU G 70 -12.09 4.84 34.52
C LEU G 70 -11.79 4.28 33.14
N ARG G 71 -12.66 3.38 32.68
CA ARG G 71 -12.48 2.78 31.37
C ARG G 71 -12.70 3.80 30.26
N ASN G 72 -13.74 4.63 30.39
CA ASN G 72 -13.99 5.63 29.36
C ASN G 72 -12.82 6.61 29.30
N ARG G 73 -12.30 6.98 30.47
CA ARG G 73 -11.18 7.91 30.55
C ARG G 73 -9.92 7.31 29.90
N ARG G 74 -9.63 6.05 30.21
CA ARG G 74 -8.47 5.38 29.64
C ARG G 74 -8.55 5.34 28.11
N CYS G 75 -9.69 4.93 27.59
CA CYS G 75 -9.87 4.84 26.14
C CYS G 75 -9.73 6.22 25.49
N THR G 76 -10.27 7.24 26.14
CA THR G 76 -10.22 8.59 25.59
C THR G 76 -8.80 9.12 25.48
N VAL G 77 -8.06 9.05 26.59
CA VAL G 77 -6.69 9.51 26.62
C VAL G 77 -5.83 8.72 25.65
N ALA G 78 -6.04 7.39 25.60
CA ALA G 78 -5.26 6.53 24.70
C ALA G 78 -5.51 6.90 23.23
N TYR G 79 -6.78 7.14 22.90
CA TYR G 79 -7.14 7.53 21.54
C TYR G 79 -6.49 8.88 21.20
N LEU G 80 -6.61 9.85 22.09
CA LEU G 80 -6.04 11.17 21.88
C LEU G 80 -4.52 11.17 21.80
N TYR G 81 -3.86 10.34 22.62
CA TYR G 81 -2.40 10.28 22.63
C TYR G 81 -1.84 9.58 21.39
N ASP G 82 -2.52 8.52 20.94
CA ASP G 82 -2.05 7.84 19.77
C ASP G 82 -2.08 8.79 18.57
N ARG G 83 -3.14 9.59 18.47
CA ARG G 83 -3.26 10.53 17.37
C ARG G 83 -2.13 11.58 17.39
N LEU G 84 -1.77 12.06 18.57
CA LEU G 84 -0.69 13.03 18.64
C LEU G 84 0.60 12.38 18.11
N LEU G 85 0.78 11.09 18.38
CA LEU G 85 1.98 10.41 17.92
C LEU G 85 2.05 10.37 16.40
N ARG G 86 0.91 10.09 15.77
CA ARG G 86 0.84 10.06 14.31
C ARG G 86 1.08 11.46 13.77
N ILE G 87 0.52 12.46 14.46
CA ILE G 87 0.69 13.84 14.01
C ILE G 87 2.16 14.27 14.12
N ARG G 88 2.84 13.81 15.17
CA ARG G 88 4.24 14.13 15.36
C ARG G 88 5.03 13.58 14.18
N ALA G 89 4.67 12.39 13.74
CA ALA G 89 5.36 11.75 12.63
C ALA G 89 5.20 12.56 11.35
N LEU G 90 4.06 13.22 11.19
CA LEU G 90 3.78 14.01 10.00
C LEU G 90 4.85 15.08 9.73
N ARG G 91 5.40 15.65 10.80
CA ARG G 91 6.44 16.67 10.67
C ARG G 91 7.69 16.12 10.02
N TRP G 92 8.00 14.86 10.32
CA TRP G 92 9.20 14.25 9.76
C TRP G 92 8.96 13.59 8.40
N GLU G 93 7.70 13.39 8.03
CA GLU G 93 7.37 12.78 6.75
C GLU G 93 6.96 13.81 5.71
N TYR G 94 6.06 14.71 6.07
CA TYR G 94 5.60 15.73 5.13
C TYR G 94 6.23 17.09 5.34
N GLY G 95 6.86 17.30 6.49
CA GLY G 95 7.51 18.57 6.77
C GLY G 95 6.72 19.54 7.65
N SER G 96 7.15 20.80 7.66
CA SER G 96 6.50 21.83 8.45
C SER G 96 5.18 22.29 7.85
N ILE G 97 5.00 22.07 6.56
CA ILE G 97 3.74 22.44 5.90
C ILE G 97 2.99 21.14 5.67
N LEU G 98 1.73 21.10 6.10
CA LEU G 98 0.93 19.90 5.94
C LEU G 98 -0.12 20.02 4.84
N PRO G 99 -0.24 18.97 4.01
CA PRO G 99 -1.23 19.00 2.93
C PRO G 99 -2.61 19.26 3.51
N ASN G 100 -3.38 20.12 2.85
CA ASN G 100 -4.72 20.46 3.32
C ASN G 100 -5.54 19.21 3.62
N ALA G 101 -5.35 18.17 2.80
CA ALA G 101 -6.10 16.93 2.99
C ALA G 101 -5.81 16.31 4.36
N LEU G 102 -4.56 16.41 4.81
CA LEU G 102 -4.17 15.87 6.10
C LEU G 102 -4.63 16.74 7.27
N ARG G 103 -4.48 18.05 7.12
CA ARG G 103 -4.86 18.99 8.17
C ARG G 103 -6.34 18.98 8.50
N PHE G 104 -7.17 18.71 7.50
CA PHE G 104 -8.62 18.71 7.70
C PHE G 104 -9.12 17.47 8.47
N HIS G 105 -8.21 16.55 8.76
CA HIS G 105 -8.54 15.36 9.52
C HIS G 105 -8.18 15.63 10.98
N MET G 106 -7.46 16.74 11.20
CA MET G 106 -7.00 17.14 12.52
C MET G 106 -7.95 18.09 13.22
N ALA G 107 -8.00 17.99 14.54
CA ALA G 107 -8.85 18.86 15.32
C ALA G 107 -8.09 20.18 15.46
N ALA G 108 -8.79 21.24 15.80
CA ALA G 108 -8.16 22.55 15.96
C ALA G 108 -6.97 22.43 16.92
N GLU G 109 -7.23 21.88 18.11
CA GLU G 109 -6.20 21.72 19.13
C GLU G 109 -5.00 20.87 18.69
N GLU G 110 -5.21 19.92 17.78
CA GLU G 110 -4.11 19.08 17.30
C GLU G 110 -3.18 19.91 16.44
N MET G 111 -3.73 20.85 15.67
CA MET G 111 -2.90 21.71 14.83
C MET G 111 -2.08 22.57 15.76
N GLU G 112 -2.69 23.00 16.85
CA GLU G 112 -1.99 23.81 17.83
C GLU G 112 -0.82 23.03 18.44
N TRP G 113 -1.06 21.76 18.77
CA TRP G 113 -0.04 20.90 19.34
C TRP G 113 1.09 20.78 18.31
N PHE G 114 0.70 20.48 17.08
CA PHE G 114 1.65 20.33 15.98
C PHE G 114 2.53 21.56 15.81
N ASN G 115 1.91 22.75 15.85
CA ASN G 115 2.68 23.99 15.69
C ASN G 115 3.59 24.23 16.89
N ASN G 116 3.13 23.92 18.09
CA ASN G 116 3.98 24.09 19.28
C ASN G 116 5.15 23.10 19.17
N TYR G 117 4.85 21.92 18.62
CA TYR G 117 5.89 20.90 18.46
C TYR G 117 6.94 21.32 17.44
N LYS G 118 6.51 21.80 16.29
CA LYS G 118 7.45 22.21 15.26
C LYS G 118 8.29 23.42 15.70
N ARG G 119 7.72 24.24 16.58
CA ARG G 119 8.44 25.42 17.08
C ARG G 119 9.53 24.98 18.07
N SER G 120 9.22 23.97 18.87
CA SER G 120 10.21 23.45 19.82
C SER G 120 11.37 22.82 19.06
N LEU G 121 11.02 22.02 18.06
CA LEU G 121 12.03 21.35 17.26
C LEU G 121 13.00 22.36 16.63
N ALA G 122 12.44 23.31 15.90
CA ALA G 122 13.25 24.35 15.25
C ALA G 122 14.15 25.01 16.28
N THR G 123 13.58 25.38 17.41
CA THR G 123 14.36 26.00 18.48
C THR G 123 15.51 25.06 18.85
N TYR G 124 15.21 23.78 19.04
CA TYR G 124 16.24 22.81 19.41
C TYR G 124 17.33 22.70 18.35
N MET G 125 16.95 22.51 17.11
CA MET G 125 17.91 22.32 16.04
C MET G 125 18.79 23.56 15.84
N ARG G 126 18.17 24.74 15.94
CA ARG G 126 18.87 26.00 15.75
C ARG G 126 19.86 26.35 16.85
N SER G 127 20.05 25.46 17.81
CA SER G 127 20.94 25.78 18.91
C SER G 127 22.06 24.77 19.06
N LEU G 128 22.29 23.93 18.11
CA LEU G 128 23.36 22.94 18.36
C LEU G 128 24.69 23.57 17.98
N GLY G 129 24.51 24.15 16.80
CA GLY G 129 25.46 24.91 16.06
C GLY G 129 25.59 26.35 16.56
N GLY G 130 26.21 27.13 15.67
CA GLY G 130 26.55 28.51 15.90
C GLY G 130 25.39 29.47 15.67
N ASP G 131 25.12 29.86 14.44
CA ASP G 131 24.00 30.76 14.14
C ASP G 131 22.74 29.96 13.83
N GLU G 132 22.82 29.10 12.81
CA GLU G 132 21.66 28.33 12.32
C GLU G 132 21.60 26.88 12.78
N GLY G 133 22.59 26.44 13.53
CA GLY G 133 22.62 25.07 14.01
C GLY G 133 22.89 24.03 12.92
N LEU G 134 22.12 22.94 12.94
CA LEU G 134 22.18 21.78 12.03
C LEU G 134 20.74 21.37 11.86
N ASP G 135 20.30 21.05 10.65
CA ASP G 135 18.91 20.62 10.43
C ASP G 135 18.92 19.10 10.44
N ILE G 136 18.63 18.48 11.59
CA ILE G 136 18.64 17.02 11.68
C ILE G 136 17.45 16.35 11.01
N THR G 137 16.70 17.12 10.23
CA THR G 137 15.55 16.61 9.47
C THR G 137 16.13 16.21 8.11
N GLN G 138 17.35 16.69 7.85
CA GLN G 138 18.09 16.38 6.63
C GLN G 138 19.08 15.29 7.01
N ASP G 139 19.77 14.73 6.02
CA ASP G 139 20.74 13.67 6.28
C ASP G 139 20.04 12.48 6.93
N MET G 140 18.85 12.13 6.43
CA MET G 140 18.07 11.02 6.97
C MET G 140 18.65 9.67 6.59
N LYS G 141 19.36 9.60 5.47
CA LYS G 141 19.96 8.36 5.01
C LYS G 141 21.48 8.48 4.97
N PRO G 142 22.19 7.36 5.08
CA PRO G 142 23.64 7.37 5.04
C PRO G 142 24.14 7.88 3.68
N PRO G 143 25.18 8.70 3.67
CA PRO G 143 25.71 9.23 2.41
C PRO G 143 26.23 8.10 1.51
N LYS G 144 25.59 7.91 0.37
CA LYS G 144 25.99 6.85 -0.55
C LYS G 144 26.24 7.42 -1.94
N SER G 145 27.44 7.17 -2.48
CA SER G 145 27.79 7.65 -3.81
C SER G 145 28.94 6.82 -4.39
N SER H 6 4.56 4.26 10.35
CA SER H 6 5.75 5.03 9.88
C SER H 6 6.85 4.99 10.94
N GLU H 7 8.09 5.20 10.51
CA GLU H 7 9.24 5.17 11.41
C GLU H 7 9.17 6.21 12.52
N ALA H 8 8.65 7.39 12.20
CA ALA H 8 8.55 8.46 13.18
C ALA H 8 7.30 8.37 14.05
N TYR H 9 6.51 7.32 13.86
CA TYR H 9 5.28 7.12 14.64
C TYR H 9 5.52 6.13 15.79
N PHE H 10 5.83 6.68 16.96
CA PHE H 10 6.16 5.90 18.16
C PHE H 10 4.96 5.36 18.95
N ARG H 11 4.17 4.47 18.33
CA ARG H 11 3.00 3.92 19.02
C ARG H 11 3.32 3.14 20.30
N VAL H 12 2.55 3.40 21.35
CA VAL H 12 2.74 2.71 22.60
C VAL H 12 2.59 1.20 22.39
N GLU H 13 3.59 0.45 22.84
CA GLU H 13 3.57 -0.98 22.67
C GLU H 13 2.81 -1.68 23.79
N SER H 14 2.55 -2.96 23.60
CA SER H 14 1.84 -3.73 24.61
C SER H 14 2.68 -3.96 25.87
N GLY H 15 2.00 -4.11 26.99
CA GLY H 15 2.69 -4.37 28.25
C GLY H 15 2.03 -5.55 28.97
N ALA H 16 1.00 -6.12 28.36
CA ALA H 16 0.22 -7.21 28.92
C ALA H 16 0.97 -8.52 29.25
N LEU H 17 2.18 -8.70 28.75
CA LEU H 17 2.93 -9.94 29.03
C LEU H 17 3.51 -9.89 30.43
N GLY H 18 3.55 -8.69 30.99
CA GLY H 18 4.08 -8.51 32.33
C GLY H 18 2.99 -8.37 33.39
N PRO H 19 3.29 -7.70 34.52
CA PRO H 19 2.38 -7.46 35.65
C PRO H 19 1.08 -6.76 35.29
N GLU H 20 1.20 -5.61 34.65
CA GLU H 20 0.03 -4.86 34.23
C GLU H 20 0.16 -4.41 32.78
N GLU H 21 -0.97 -4.14 32.15
CA GLU H 21 -0.94 -3.69 30.76
C GLU H 21 -0.50 -2.23 30.70
N ASN H 22 -0.21 -1.75 29.49
CA ASN H 22 0.17 -0.35 29.37
C ASN H 22 -1.10 0.46 29.22
N PHE H 23 -1.21 1.50 30.03
CA PHE H 23 -2.37 2.36 30.05
C PHE H 23 -2.74 2.88 28.66
N LEU H 24 -1.75 3.35 27.92
CA LEU H 24 -1.96 3.93 26.60
C LEU H 24 -1.83 2.95 25.44
N SER H 25 -1.72 1.67 25.73
CA SER H 25 -1.59 0.67 24.68
C SER H 25 -2.93 0.37 24.01
N LEU H 26 -3.03 0.62 22.71
CA LEU H 26 -4.27 0.34 21.99
C LEU H 26 -4.51 -1.15 22.01
N ASP H 27 -3.43 -1.90 21.80
CA ASP H 27 -3.51 -3.35 21.81
C ASP H 27 -4.07 -3.88 23.12
N ASP H 28 -3.54 -3.42 24.25
CA ASP H 28 -4.02 -3.90 25.54
C ASP H 28 -5.47 -3.52 25.78
N ILE H 29 -5.85 -2.32 25.35
CA ILE H 29 -7.23 -1.90 25.51
C ILE H 29 -8.12 -2.82 24.66
N LEU H 30 -7.62 -3.24 23.52
CA LEU H 30 -8.38 -4.17 22.69
C LEU H 30 -8.53 -5.53 23.35
N MET H 31 -7.46 -6.05 23.98
CA MET H 31 -7.62 -7.35 24.59
C MET H 31 -8.40 -7.31 25.89
N SER H 32 -8.37 -6.17 26.60
CA SER H 32 -9.11 -6.02 27.85
C SER H 32 -10.63 -6.02 27.61
N HIS H 33 -11.01 -5.91 26.34
CA HIS H 33 -12.41 -5.87 25.96
C HIS H 33 -13.00 -7.28 25.85
N GLU H 34 -12.13 -8.24 25.56
CA GLU H 34 -12.51 -9.64 25.44
C GLU H 34 -13.18 -10.11 26.73
N LYS H 35 -14.19 -10.96 26.59
CA LYS H 35 -14.96 -11.45 27.74
C LYS H 35 -14.52 -12.76 28.37
N LEU H 36 -15.00 -12.98 29.59
CA LEU H 36 -14.72 -14.20 30.34
C LEU H 36 -15.93 -14.49 31.24
N PRO H 37 -16.13 -15.77 31.61
CA PRO H 37 -17.24 -16.19 32.46
C PRO H 37 -17.09 -15.74 33.90
N VAL H 38 -18.18 -15.27 34.47
CA VAL H 38 -18.20 -14.82 35.85
C VAL H 38 -19.53 -15.20 36.48
N ARG H 39 -19.56 -15.22 37.81
CA ARG H 39 -20.77 -15.52 38.55
C ARG H 39 -20.85 -14.46 39.65
N THR H 40 -21.88 -13.63 39.59
CA THR H 40 -22.04 -12.58 40.59
C THR H 40 -22.17 -13.24 41.94
N GLU H 41 -21.48 -12.70 42.94
CA GLU H 41 -21.51 -13.26 44.28
C GLU H 41 -22.43 -12.42 45.14
N THR H 42 -23.00 -11.38 44.54
CA THR H 42 -23.91 -10.46 45.22
C THR H 42 -24.90 -9.95 44.17
N ALA H 43 -25.82 -9.10 44.59
CA ALA H 43 -26.81 -8.55 43.67
C ALA H 43 -26.35 -7.18 43.17
N MET H 44 -26.74 -6.85 41.95
CA MET H 44 -26.36 -5.57 41.36
C MET H 44 -27.62 -4.84 40.87
N PRO H 45 -28.18 -3.95 41.71
CA PRO H 45 -29.37 -3.12 41.51
C PRO H 45 -29.70 -2.58 40.11
N ARG H 46 -29.74 -1.26 39.99
CA ARG H 46 -30.09 -0.58 38.73
C ARG H 46 -29.30 -0.96 37.49
N LEU H 47 -28.75 -2.18 37.45
CA LEU H 47 -27.97 -2.62 36.30
C LEU H 47 -28.55 -3.86 35.62
N GLY H 48 -29.65 -4.36 36.14
CA GLY H 48 -30.28 -5.55 35.60
C GLY H 48 -30.45 -5.58 34.08
N ALA H 49 -30.82 -4.45 33.49
CA ALA H 49 -31.02 -4.37 32.05
C ALA H 49 -29.70 -4.53 31.28
N PHE H 50 -28.64 -4.88 31.99
CA PHE H 50 -27.32 -5.04 31.39
C PHE H 50 -26.87 -3.67 30.84
N PHE H 51 -27.76 -2.69 30.98
CA PHE H 51 -27.54 -1.32 30.52
C PHE H 51 -26.10 -0.88 30.76
N ALA H 58 -37.54 -5.13 35.52
CA ALA H 58 -37.93 -4.09 36.52
C ALA H 58 -37.89 -4.68 37.92
N GLU H 59 -37.34 -5.89 37.91
CA GLU H 59 -37.19 -6.76 39.05
C GLU H 59 -36.28 -6.07 40.07
N THR H 60 -36.87 -5.54 41.13
CA THR H 60 -36.13 -4.83 42.13
C THR H 60 -35.24 -3.75 41.47
N ASP H 61 -35.78 -2.98 40.53
CA ASP H 61 -35.08 -1.83 39.86
C ASP H 61 -34.17 -2.17 38.68
N ASN H 62 -33.93 -3.44 38.52
CA ASN H 62 -33.15 -4.12 37.47
C ASN H 62 -32.57 -5.41 38.04
N ALA H 63 -32.06 -5.12 39.24
CA ALA H 63 -31.27 -5.94 40.12
C ALA H 63 -30.78 -7.24 39.52
N VAL H 64 -29.47 -7.36 39.20
CA VAL H 64 -28.97 -8.60 38.65
C VAL H 64 -28.92 -9.57 39.81
N PRO H 65 -29.81 -10.59 39.80
CA PRO H 65 -29.86 -11.59 40.86
C PRO H 65 -28.47 -12.07 41.22
N GLN H 66 -28.24 -12.32 42.50
CA GLN H 66 -26.96 -12.82 42.93
C GLN H 66 -26.82 -14.22 42.35
N GLY H 67 -25.60 -14.67 42.12
CA GLY H 67 -25.38 -15.99 41.56
C GLY H 67 -25.62 -16.07 40.07
N SER H 68 -25.77 -14.92 39.41
CA SER H 68 -26.02 -14.88 37.98
C SER H 68 -24.76 -15.19 37.18
N LYS H 69 -24.92 -16.01 36.14
CA LYS H 69 -23.80 -16.39 35.27
C LYS H 69 -23.72 -15.38 34.14
N LEU H 70 -22.57 -14.75 33.97
CA LEU H 70 -22.39 -13.75 32.93
C LEU H 70 -21.01 -13.76 32.30
N GLU H 71 -20.90 -13.08 31.17
CA GLU H 71 -19.64 -12.93 30.45
C GLU H 71 -19.31 -11.45 30.45
N LEU H 72 -18.26 -11.07 31.17
CA LEU H 72 -17.88 -9.66 31.25
C LEU H 72 -16.50 -9.36 30.69
N PRO H 73 -16.30 -8.13 30.20
CA PRO H 73 -15.00 -7.76 29.65
C PRO H 73 -13.94 -7.86 30.76
N LEU H 74 -12.75 -8.31 30.38
CA LEU H 74 -11.65 -8.47 31.31
C LEU H 74 -11.44 -7.23 32.19
N TRP H 75 -11.57 -6.02 31.61
CA TRP H 75 -11.37 -4.80 32.40
C TRP H 75 -12.37 -4.61 33.52
N LEU H 76 -13.62 -4.98 33.27
CA LEU H 76 -14.68 -4.84 34.27
C LEU H 76 -14.58 -5.92 35.34
N ALA H 77 -14.29 -7.15 34.93
CA ALA H 77 -14.14 -8.24 35.88
C ALA H 77 -12.95 -7.94 36.81
N LYS H 78 -11.92 -7.31 36.26
CA LYS H 78 -10.73 -6.99 37.04
C LYS H 78 -11.05 -5.90 38.07
N GLY H 79 -11.89 -4.95 37.68
CA GLY H 79 -12.25 -3.86 38.57
C GLY H 79 -13.22 -4.27 39.68
N LEU H 80 -13.96 -5.33 39.47
CA LEU H 80 -14.93 -5.79 40.47
C LEU H 80 -14.44 -6.98 41.28
N PHE H 81 -13.29 -7.53 40.92
CA PHE H 81 -12.75 -8.70 41.62
C PHE H 81 -11.97 -8.38 42.90
N ASP H 82 -11.95 -9.36 43.81
CA ASP H 82 -11.22 -9.26 45.07
C ASP H 82 -10.99 -10.71 45.52
N ASN H 83 -9.81 -10.97 46.10
CA ASN H 83 -9.45 -12.30 46.57
C ASN H 83 -10.58 -13.03 47.29
N LYS H 84 -11.36 -12.27 48.06
CA LYS H 84 -12.47 -12.82 48.84
C LYS H 84 -13.71 -13.14 48.00
N ARG H 85 -13.73 -12.66 46.76
CA ARG H 85 -14.87 -12.90 45.87
C ARG H 85 -16.17 -12.30 46.41
N ARG H 86 -16.08 -11.07 46.91
CA ARG H 86 -17.27 -10.39 47.44
C ARG H 86 -18.31 -10.06 46.38
N ILE H 87 -17.88 -9.52 45.24
CA ILE H 87 -18.80 -9.14 44.18
C ILE H 87 -18.99 -10.24 43.13
N LEU H 88 -17.92 -10.94 42.81
CA LEU H 88 -18.02 -12.00 41.81
C LEU H 88 -16.87 -12.98 41.82
N SER H 89 -17.10 -14.14 41.23
CA SER H 89 -16.08 -15.17 41.12
C SER H 89 -15.88 -15.35 39.62
N VAL H 90 -14.69 -15.75 39.21
CA VAL H 90 -14.45 -15.91 37.79
C VAL H 90 -14.01 -17.31 37.38
N GLU H 91 -14.32 -17.63 36.12
CA GLU H 91 -13.95 -18.92 35.56
C GLU H 91 -12.88 -18.72 34.49
N LEU H 92 -11.95 -19.66 34.42
CA LEU H 92 -10.90 -19.59 33.42
C LEU H 92 -11.52 -19.98 32.07
N PRO H 93 -11.19 -19.23 31.01
CA PRO H 93 -11.76 -19.60 29.72
C PRO H 93 -11.18 -20.99 29.43
N LYS H 94 -11.91 -21.81 28.68
CA LYS H 94 -11.44 -23.16 28.38
C LYS H 94 -10.02 -23.26 27.84
N ILE H 95 -9.63 -22.34 26.96
CA ILE H 95 -8.29 -22.37 26.37
C ILE H 95 -7.16 -22.34 27.40
N TYR H 96 -7.44 -21.87 28.61
CA TYR H 96 -6.42 -21.83 29.64
C TYR H 96 -6.59 -22.94 30.68
N GLN H 97 -7.55 -23.82 30.42
CA GLN H 97 -7.80 -24.91 31.34
C GLN H 97 -6.92 -26.12 31.03
N GLU H 98 -6.85 -27.04 31.98
CA GLU H 98 -6.04 -28.25 31.89
C GLU H 98 -6.05 -28.97 30.54
N GLY H 99 -7.22 -29.16 29.96
CA GLY H 99 -7.31 -29.85 28.68
C GLY H 99 -6.45 -29.24 27.58
N TRP H 100 -6.62 -27.95 27.36
CA TRP H 100 -5.84 -27.26 26.34
C TRP H 100 -4.37 -27.11 26.70
N ARG H 101 -4.07 -26.99 27.99
CA ARG H 101 -2.68 -26.87 28.40
C ARG H 101 -1.90 -28.10 27.97
N THR H 102 -2.44 -29.28 28.29
CA THR H 102 -1.81 -30.55 27.93
C THR H 102 -1.53 -30.54 26.44
N VAL H 103 -2.49 -30.05 25.67
CA VAL H 103 -2.34 -29.99 24.22
C VAL H 103 -1.22 -29.05 23.84
N PHE H 104 -1.17 -27.88 24.47
CA PHE H 104 -0.10 -26.92 24.19
C PHE H 104 1.22 -27.53 24.62
N SER H 105 1.15 -28.39 25.63
CA SER H 105 2.35 -29.03 26.14
C SER H 105 2.94 -30.03 25.16
N ALA H 106 2.08 -30.73 24.43
CA ALA H 106 2.55 -31.73 23.47
C ALA H 106 2.82 -31.20 22.06
N ASP H 107 1.89 -30.43 21.51
CA ASP H 107 2.04 -29.91 20.16
C ASP H 107 1.52 -28.48 20.12
N PRO H 108 2.36 -27.51 20.50
CA PRO H 108 2.01 -26.08 20.53
C PRO H 108 1.69 -25.50 19.14
N ASN H 109 2.28 -26.12 18.12
CA ASN H 109 2.11 -25.66 16.75
C ASN H 109 0.79 -26.03 16.09
N VAL H 110 0.08 -27.03 16.62
CA VAL H 110 -1.18 -27.45 16.01
C VAL H 110 -2.36 -26.52 16.29
N VAL H 111 -2.20 -25.63 17.27
CA VAL H 111 -3.27 -24.72 17.64
C VAL H 111 -3.31 -23.42 16.82
N ASP H 112 -4.50 -22.97 16.47
CA ASP H 112 -4.65 -21.71 15.74
C ASP H 112 -4.84 -20.66 16.83
N LEU H 113 -3.75 -20.02 17.26
CA LEU H 113 -3.82 -19.03 18.31
C LEU H 113 -4.55 -17.77 17.89
N HIS H 114 -4.88 -17.67 16.60
CA HIS H 114 -5.62 -16.53 16.14
C HIS H 114 -7.09 -16.81 16.48
N LYS H 115 -7.57 -18.00 16.13
CA LYS H 115 -8.95 -18.39 16.41
C LYS H 115 -9.18 -18.53 17.92
N MET H 116 -8.26 -19.18 18.61
CA MET H 116 -8.39 -19.38 20.05
C MET H 116 -7.88 -18.17 20.84
N GLY H 117 -7.38 -17.16 20.13
CA GLY H 117 -6.86 -15.96 20.78
C GLY H 117 -7.81 -14.80 20.55
N PRO H 118 -7.39 -13.75 19.84
CA PRO H 118 -6.09 -13.52 19.20
C PRO H 118 -5.01 -12.93 20.11
N HIS H 119 -5.38 -12.65 21.36
CA HIS H 119 -4.45 -12.10 22.35
C HIS H 119 -4.22 -13.17 23.39
N PHE H 120 -3.82 -14.35 22.93
CA PHE H 120 -3.59 -15.50 23.80
C PHE H 120 -2.63 -15.30 24.97
N TYR H 121 -1.43 -14.78 24.69
CA TYR H 121 -0.45 -14.56 25.75
C TYR H 121 -0.79 -13.37 26.62
N GLY H 122 -1.28 -12.30 26.00
CA GLY H 122 -1.63 -11.11 26.75
C GLY H 122 -2.83 -11.32 27.66
N PHE H 123 -3.86 -11.96 27.14
CA PHE H 123 -5.06 -12.20 27.95
C PHE H 123 -4.69 -13.18 29.06
N GLY H 124 -4.00 -14.25 28.69
CA GLY H 124 -3.58 -15.25 29.66
C GLY H 124 -2.74 -14.71 30.80
N SER H 125 -1.86 -13.77 30.48
CA SER H 125 -1.01 -13.18 31.52
C SER H 125 -1.80 -12.29 32.47
N GLN H 126 -2.80 -11.60 31.96
CA GLN H 126 -3.63 -10.74 32.79
C GLN H 126 -4.62 -11.59 33.58
N LEU H 127 -4.91 -12.77 33.06
CA LEU H 127 -5.83 -13.70 33.71
C LEU H 127 -5.31 -14.03 35.12
N LEU H 128 -3.99 -14.04 35.25
CA LEU H 128 -3.33 -14.35 36.51
C LEU H 128 -3.74 -13.42 37.66
N HIS H 129 -4.44 -12.33 37.34
CA HIS H 129 -4.88 -11.36 38.37
C HIS H 129 -6.09 -11.82 39.17
N PHE H 130 -6.63 -12.99 38.84
CA PHE H 130 -7.80 -13.46 39.56
C PHE H 130 -7.49 -14.50 40.63
N ASP H 131 -6.25 -14.48 41.11
CA ASP H 131 -5.80 -15.38 42.16
C ASP H 131 -6.30 -16.82 42.00
N SER H 132 -5.92 -17.46 40.89
CA SER H 132 -6.37 -18.82 40.65
C SER H 132 -5.36 -19.84 41.15
N PRO H 133 -5.86 -20.96 41.70
CA PRO H 133 -4.97 -22.00 42.20
C PRO H 133 -4.14 -22.55 41.06
N GLU H 134 -4.64 -22.38 39.84
CA GLU H 134 -3.95 -22.87 38.63
C GLU H 134 -2.99 -21.85 38.02
N ASN H 135 -2.82 -20.70 38.68
CA ASN H 135 -1.94 -19.64 38.19
C ASN H 135 -0.56 -20.09 37.71
N ALA H 136 0.13 -20.87 38.54
CA ALA H 136 1.45 -21.36 38.18
C ALA H 136 1.38 -22.19 36.90
N ASP H 137 0.37 -23.04 36.77
CA ASP H 137 0.20 -23.87 35.57
C ASP H 137 -0.17 -23.00 34.36
N ILE H 138 -1.03 -22.01 34.57
CA ILE H 138 -1.43 -21.13 33.47
C ILE H 138 -0.19 -20.40 32.94
N SER H 139 0.60 -19.85 33.86
CA SER H 139 1.82 -19.13 33.53
C SER H 139 2.86 -19.99 32.81
N GLN H 140 3.18 -21.14 33.40
CA GLN H 140 4.15 -22.02 32.79
C GLN H 140 3.71 -22.44 31.39
N SER H 141 2.40 -22.59 31.20
CA SER H 141 1.86 -23.01 29.93
C SER H 141 2.04 -21.96 28.82
N LEU H 142 1.92 -20.68 29.18
CA LEU H 142 2.09 -19.60 28.21
C LEU H 142 3.53 -19.58 27.69
N LEU H 143 4.48 -19.64 28.63
CA LEU H 143 5.89 -19.65 28.30
C LEU H 143 6.26 -20.84 27.41
N GLN H 144 5.77 -22.01 27.77
CA GLN H 144 6.06 -23.22 27.01
C GLN H 144 5.47 -23.20 25.60
N THR H 145 4.27 -22.66 25.48
CA THR H 145 3.62 -22.57 24.19
C THR H 145 4.45 -21.69 23.25
N PHE H 146 5.00 -20.62 23.80
CA PHE H 146 5.80 -19.71 23.01
C PHE H 146 7.15 -20.33 22.65
N ILE H 147 7.75 -21.03 23.61
CA ILE H 147 9.02 -21.69 23.35
C ILE H 147 8.89 -22.73 22.25
N GLY H 148 7.79 -23.48 22.26
CA GLY H 148 7.57 -24.51 21.27
C GLY H 148 7.20 -24.00 19.88
N ARG H 149 6.69 -22.77 19.81
CA ARG H 149 6.30 -22.18 18.52
C ARG H 149 7.37 -21.27 17.93
N PHE H 150 8.35 -20.92 18.75
CA PHE H 150 9.43 -20.04 18.36
C PHE H 150 10.12 -20.37 17.04
N ARG H 151 10.68 -21.57 16.94
CA ARG H 151 11.40 -21.97 15.74
C ARG H 151 10.59 -21.83 14.45
N ARG H 152 9.37 -22.35 14.47
CA ARG H 152 8.53 -22.29 13.27
C ARG H 152 8.32 -20.84 12.82
N ILE H 153 8.26 -19.92 13.79
CA ILE H 153 8.07 -18.51 13.49
C ILE H 153 9.34 -17.83 12.94
N MET H 154 10.50 -18.19 13.49
CA MET H 154 11.75 -17.61 13.03
C MET H 154 12.05 -18.10 11.61
N ASP H 155 11.90 -19.40 11.39
CA ASP H 155 12.14 -19.99 10.08
C ASP H 155 11.32 -19.34 8.96
N SER H 156 10.00 -19.26 9.14
CA SER H 156 9.13 -18.67 8.13
C SER H 156 9.31 -17.16 7.96
N SER H 157 9.49 -16.43 9.06
CA SER H 157 9.68 -14.98 8.97
C SER H 157 10.94 -14.65 8.18
N GLN H 158 11.91 -15.57 8.20
CA GLN H 158 13.17 -15.37 7.50
C GLN H 158 13.22 -16.16 6.19
N ASN H 159 12.10 -16.76 5.82
CA ASN H 159 12.00 -17.53 4.60
C ASN H 159 13.16 -18.52 4.43
N ALA H 160 13.44 -19.28 5.48
CA ALA H 160 14.52 -20.27 5.45
C ALA H 160 14.28 -21.39 4.44
N TYR H 161 13.01 -21.72 4.19
CA TYR H 161 12.69 -22.80 3.26
C TYR H 161 11.81 -22.40 2.08
N ASN H 162 11.83 -21.12 1.71
CA ASN H 162 11.03 -20.60 0.60
C ASN H 162 9.64 -21.23 0.54
N GLU H 163 8.85 -21.00 1.58
CA GLU H 163 7.49 -21.54 1.66
C GLU H 163 6.50 -20.41 1.89
N ASP H 164 5.36 -20.47 1.22
CA ASP H 164 4.34 -19.45 1.40
C ASP H 164 3.94 -19.53 2.87
N THR H 165 3.99 -18.38 3.55
CA THR H 165 3.67 -18.32 4.98
C THR H 165 2.31 -17.75 5.35
N SER H 166 1.48 -17.45 4.37
CA SER H 166 0.16 -16.90 4.64
C SER H 166 -0.67 -17.85 5.49
N ALA H 167 -0.42 -19.14 5.36
CA ALA H 167 -1.15 -20.15 6.12
C ALA H 167 -0.68 -20.15 7.56
N LEU H 168 0.61 -19.91 7.76
CA LEU H 168 1.19 -19.90 9.10
C LEU H 168 0.85 -18.60 9.84
N VAL H 169 0.92 -17.48 9.12
CA VAL H 169 0.61 -16.18 9.71
C VAL H 169 -0.84 -16.08 10.19
N ALA H 170 -1.71 -16.87 9.57
CA ALA H 170 -3.12 -16.86 9.92
C ALA H 170 -3.42 -17.50 11.27
N ARG H 171 -2.53 -18.38 11.73
CA ARG H 171 -2.73 -19.09 12.99
C ARG H 171 -1.98 -18.46 14.18
N LEU H 172 -1.32 -17.34 13.94
CA LEU H 172 -0.56 -16.66 14.99
C LEU H 172 -1.39 -15.67 15.78
N ASP H 173 -1.08 -15.54 17.07
CA ASP H 173 -1.79 -14.58 17.89
C ASP H 173 -1.14 -13.22 17.63
N GLU H 174 -1.79 -12.14 18.04
CA GLU H 174 -1.28 -10.78 17.81
C GLU H 174 0.19 -10.56 18.13
N MET H 175 0.67 -11.10 19.24
CA MET H 175 2.07 -10.93 19.59
C MET H 175 2.97 -11.69 18.60
N GLU H 176 2.58 -12.91 18.27
CA GLU H 176 3.39 -13.70 17.35
C GLU H 176 3.49 -13.06 15.97
N ARG H 177 2.43 -12.35 15.57
CA ARG H 177 2.42 -11.69 14.27
C ARG H 177 3.39 -10.51 14.29
N GLY H 178 3.47 -9.85 15.44
CA GLY H 178 4.38 -8.72 15.58
C GLY H 178 5.80 -9.23 15.45
N LEU H 179 6.07 -10.38 16.07
CA LEU H 179 7.40 -10.99 16.03
C LEU H 179 7.74 -11.41 14.60
N PHE H 180 6.78 -12.07 13.96
CA PHE H 180 6.95 -12.53 12.59
C PHE H 180 7.33 -11.34 11.69
N GLN H 181 6.59 -10.25 11.86
CA GLN H 181 6.82 -9.03 11.10
C GLN H 181 8.24 -8.50 11.29
N THR H 182 8.73 -8.59 12.52
CA THR H 182 10.08 -8.14 12.86
C THR H 182 11.13 -8.94 12.10
N GLY H 183 11.07 -10.26 12.23
CA GLY H 183 12.02 -11.12 11.55
C GLY H 183 11.95 -10.89 10.04
N GLN H 184 10.75 -10.65 9.55
CA GLN H 184 10.54 -10.42 8.13
C GLN H 184 11.18 -9.08 7.73
N LYS H 185 10.97 -8.07 8.55
CA LYS H 185 11.53 -6.73 8.31
C LYS H 185 13.06 -6.83 8.20
N GLY H 186 13.67 -7.53 9.14
CA GLY H 186 15.10 -7.68 9.14
C GLY H 186 15.61 -8.38 7.90
N LEU H 187 14.90 -9.40 7.45
CA LEU H 187 15.31 -10.13 6.25
C LEU H 187 15.09 -9.31 4.98
N ASN H 188 13.95 -8.61 4.87
CA ASN H 188 13.67 -7.78 3.70
C ASN H 188 14.74 -6.70 3.57
N ASP H 189 15.01 -6.02 4.67
CA ASP H 189 16.02 -4.96 4.69
C ASP H 189 17.35 -5.44 4.17
N PHE H 190 17.76 -6.64 4.58
CA PHE H 190 19.02 -7.21 4.15
C PHE H 190 19.02 -7.51 2.66
N GLN H 191 17.97 -8.17 2.21
CA GLN H 191 17.84 -8.52 0.81
C GLN H 191 17.78 -7.29 -0.09
N CYS H 192 17.11 -6.24 0.39
CA CYS H 192 17.00 -5.02 -0.39
C CYS H 192 18.37 -4.38 -0.51
N TRP H 193 19.18 -4.57 0.53
CA TRP H 193 20.52 -4.03 0.53
C TRP H 193 21.43 -4.80 -0.41
N GLU H 194 21.27 -6.12 -0.45
CA GLU H 194 22.11 -6.95 -1.30
C GLU H 194 21.91 -6.67 -2.79
N LYS H 195 20.72 -6.19 -3.18
CA LYS H 195 20.45 -5.87 -4.58
C LYS H 195 21.24 -4.62 -4.95
N GLY H 196 20.58 -3.70 -5.64
CA GLY H 196 21.21 -2.46 -6.05
C GLY H 196 21.01 -1.42 -4.97
N GLN H 197 20.55 -1.87 -3.81
CA GLN H 197 20.29 -0.99 -2.67
C GLN H 197 19.36 0.16 -3.04
#